data_6UMF
#
_entry.id   6UMF
#
_cell.length_a   49.729
_cell.length_b   138.977
_cell.length_c   177.025
_cell.angle_alpha   90.000
_cell.angle_beta   93.914
_cell.angle_gamma   90.000
#
_symmetry.space_group_name_H-M   'P 1 21 1'
#
loop_
_entity.id
_entity.type
_entity.pdbx_description
1 polymer 'Glutaminase kidney isoform, mitochondrial'
2 non-polymer N-(5-{[1-(5-amino-1,3,4-thiadiazol-2-yl)piperidin-4-yl]oxy}-1,3,4-thiadiazol-2-yl)-2-phenylacetamide
3 water water
#
_entity_poly.entity_id   1
_entity_poly.type   'polypeptide(L)'
_entity_poly.pdbx_seq_one_letter_code
;LSSSPSEILQELGKGSTHPQPGVSPPAAPAAPGPKDGPGETDAFGNSEGKELVASGENKIKQGLLPSLEDLLFYTIAEGQ
EKIPVHKFITALKSTGLRTSDPRLKECMDMLRLTLQTTSDGVMLDKDLFKKCVQSNIVLLTQAFRRKFVIPDFMSFTSHI
DELYESAKKQSGGKVADYIPQLAKFSPDLWGVSVCTADGQRHSTGDTKVPFCLQSCVKPLKYAIAVNDLGTEYVHRYVGK
EPSGLRFNKLFLNEDDKPHNPMVNAGAIVVTSLIKQGVNNAEKFDYVMQFLNKMAGNEYVGFSNATFQSERESGDRNFAI
GYYLKEKKCFPEGTDMVGILDFYFQLCSIEVTCESASVMAATLANGGFCPITGERVLSPEAVRNTLSLMHSCGMYDFSGQ
FAFHVGLPAKSGVAGGILLVVPNVMGMMCWSPPLDKMGNSVKGIHFCHDLVSLCNFHNYDNLRHFAKKLDPRREGGDQRH
SFGPLDYESLQQELALKETVWKKVSPESNEDISTTVVYRMESLGEKS
;
_entity_poly.pdbx_strand_id   A,B,C,D
#
# COMPACT_ATOMS: atom_id res chain seq x y z
N PRO A 66 23.56 -47.52 -50.60
CA PRO A 66 22.50 -47.09 -49.69
C PRO A 66 21.45 -46.23 -50.41
N SER A 67 20.30 -45.98 -49.77
CA SER A 67 19.20 -45.17 -50.28
C SER A 67 18.26 -44.86 -49.11
N LEU A 68 17.84 -43.60 -48.95
CA LEU A 68 17.18 -43.27 -47.69
C LEU A 68 15.85 -43.99 -47.62
N GLU A 69 15.10 -43.94 -48.73
CA GLU A 69 13.79 -44.57 -48.84
C GLU A 69 13.86 -46.08 -48.75
N ASP A 70 14.96 -46.71 -49.21
CA ASP A 70 15.07 -48.16 -49.13
C ASP A 70 15.31 -48.61 -47.69
N LEU A 71 16.22 -47.93 -46.99
CA LEU A 71 16.51 -48.30 -45.60
C LEU A 71 15.27 -48.33 -44.73
N LEU A 72 14.35 -47.38 -44.92
CA LEU A 72 13.09 -47.47 -44.21
C LEU A 72 12.23 -48.64 -44.66
N PHE A 73 12.28 -48.98 -45.97
CA PHE A 73 11.46 -50.06 -46.49
C PHE A 73 11.73 -51.34 -45.72
N TYR A 74 13.01 -51.68 -45.53
CA TYR A 74 13.33 -52.93 -44.86
C TYR A 74 12.97 -52.89 -43.37
N THR A 75 13.01 -51.70 -42.74
CA THR A 75 12.65 -51.62 -41.31
C THR A 75 11.18 -51.98 -41.06
N ILE A 76 10.26 -51.52 -41.92
CA ILE A 76 8.86 -51.91 -41.76
C ILE A 76 8.56 -53.17 -42.57
N ALA A 77 9.32 -53.46 -43.63
CA ALA A 77 9.01 -54.65 -44.40
C ALA A 77 9.19 -55.89 -43.54
N GLU A 78 10.09 -55.82 -42.56
CA GLU A 78 10.19 -56.83 -41.51
C GLU A 78 10.77 -58.13 -42.06
N GLY A 79 11.60 -58.03 -43.09
CA GLY A 79 11.99 -59.17 -43.89
C GLY A 79 11.04 -59.58 -45.00
N GLN A 80 9.85 -58.98 -45.08
CA GLN A 80 8.90 -59.39 -46.11
C GLN A 80 9.19 -58.63 -47.42
N GLU A 81 8.46 -59.00 -48.49
CA GLU A 81 8.73 -58.40 -49.80
C GLU A 81 7.89 -57.17 -50.06
N LYS A 82 6.63 -57.15 -49.61
CA LYS A 82 5.76 -56.00 -49.79
C LYS A 82 5.27 -55.55 -48.42
N ILE A 83 5.00 -54.26 -48.28
CA ILE A 83 4.41 -53.69 -47.06
C ILE A 83 2.95 -53.39 -47.30
N PRO A 84 2.02 -54.01 -46.58
CA PRO A 84 0.63 -53.58 -46.65
C PRO A 84 0.53 -52.11 -46.26
N VAL A 85 -0.29 -51.37 -47.02
CA VAL A 85 -0.27 -49.93 -46.87
C VAL A 85 -0.81 -49.53 -45.51
N HIS A 86 -1.79 -50.28 -44.99
CA HIS A 86 -2.30 -50.01 -43.64
C HIS A 86 -1.23 -50.28 -42.59
N LYS A 87 -0.41 -51.31 -42.83
CA LYS A 87 0.70 -51.58 -41.93
C LYS A 87 1.65 -50.39 -41.89
N PHE A 88 1.81 -49.73 -43.03
CA PHE A 88 2.55 -48.47 -43.05
C PHE A 88 1.79 -47.40 -42.30
N ILE A 89 0.45 -47.39 -42.43
CA ILE A 89 -0.35 -46.31 -41.86
C ILE A 89 -0.34 -46.35 -40.33
N THR A 90 -0.47 -47.54 -39.73
CA THR A 90 -0.51 -47.56 -38.27
C THR A 90 0.88 -47.42 -37.67
N ALA A 91 1.90 -47.96 -38.34
CA ALA A 91 3.28 -47.62 -38.00
C ALA A 91 3.51 -46.12 -38.08
N LEU A 92 2.87 -45.46 -39.04
CA LEU A 92 3.00 -44.00 -39.12
C LEU A 92 2.31 -43.34 -37.94
N LYS A 93 1.04 -43.67 -37.70
CA LYS A 93 0.29 -43.05 -36.62
C LYS A 93 0.86 -43.38 -35.24
N SER A 94 1.50 -44.55 -35.09
CA SER A 94 2.07 -44.90 -33.80
C SER A 94 3.17 -43.93 -33.37
N THR A 95 3.97 -43.40 -34.31
CA THR A 95 4.85 -42.29 -33.95
C THR A 95 4.07 -41.16 -33.30
N GLY A 96 2.76 -41.11 -33.48
CA GLY A 96 1.95 -39.99 -33.05
C GLY A 96 1.62 -38.99 -34.12
N LEU A 97 2.29 -39.05 -35.26
CA LEU A 97 1.92 -38.18 -36.36
C LEU A 97 0.50 -38.48 -36.76
N ARG A 98 -0.22 -37.46 -37.19
CA ARG A 98 -1.50 -37.69 -37.84
C ARG A 98 -1.27 -37.73 -39.34
N THR A 99 -1.97 -38.63 -40.03
CA THR A 99 -1.85 -38.63 -41.50
C THR A 99 -2.18 -37.25 -42.06
N SER A 100 -2.95 -36.45 -41.33
CA SER A 100 -3.34 -35.12 -41.75
C SER A 100 -2.18 -34.12 -41.68
N ASP A 101 -0.98 -34.53 -41.30
CA ASP A 101 0.11 -33.57 -41.15
C ASP A 101 0.37 -32.84 -42.47
N PRO A 102 0.43 -31.50 -42.44
CA PRO A 102 0.81 -30.75 -43.65
C PRO A 102 2.18 -31.09 -44.20
N ARG A 103 3.17 -31.34 -43.33
CA ARG A 103 4.50 -31.71 -43.82
C ARG A 103 4.51 -33.09 -44.46
N LEU A 104 3.39 -33.80 -44.46
CA LEU A 104 3.30 -35.14 -45.05
C LEU A 104 2.43 -35.18 -46.30
N LYS A 105 1.89 -34.03 -46.74
CA LYS A 105 0.84 -34.01 -47.75
C LYS A 105 1.24 -34.71 -49.04
N GLU A 106 2.44 -34.41 -49.56
CA GLU A 106 2.89 -35.06 -50.81
C GLU A 106 2.92 -36.58 -50.67
N CYS A 107 3.19 -37.08 -49.47
CA CYS A 107 3.27 -38.52 -49.28
C CYS A 107 1.88 -39.17 -49.20
N MET A 108 0.90 -38.49 -48.61
CA MET A 108 -0.42 -39.09 -48.60
C MET A 108 -1.15 -38.89 -49.91
N ASP A 109 -0.82 -37.81 -50.63
CA ASP A 109 -1.37 -37.62 -51.95
C ASP A 109 -0.97 -38.77 -52.87
N MET A 110 0.30 -39.17 -52.81
CA MET A 110 0.79 -40.25 -53.66
C MET A 110 0.26 -41.62 -53.25
N LEU A 111 -0.12 -41.80 -51.98
CA LEU A 111 -0.62 -43.09 -51.51
C LEU A 111 -2.07 -43.33 -51.93
N ARG A 112 -2.95 -42.35 -51.75
CA ARG A 112 -4.30 -42.61 -52.21
C ARG A 112 -4.39 -42.57 -53.74
N LEU A 113 -3.42 -41.94 -54.40
CA LEU A 113 -3.39 -42.01 -55.86
C LEU A 113 -3.13 -43.43 -56.31
N THR A 114 -2.07 -44.07 -55.78
CA THR A 114 -1.82 -45.42 -56.22
C THR A 114 -2.85 -46.37 -55.64
N LEU A 115 -3.51 -45.99 -54.55
CA LEU A 115 -4.66 -46.73 -54.07
C LEU A 115 -5.85 -46.61 -54.98
N GLN A 116 -5.74 -45.78 -56.02
CA GLN A 116 -6.66 -45.74 -57.15
C GLN A 116 -6.08 -46.37 -58.41
N THR A 117 -4.83 -46.00 -58.75
CA THR A 117 -4.21 -46.48 -59.98
C THR A 117 -4.33 -47.99 -60.12
N THR A 118 -4.13 -48.74 -59.05
CA THR A 118 -4.31 -50.19 -59.10
C THR A 118 -5.02 -50.62 -57.80
N SER A 119 -6.39 -50.79 -57.90
CA SER A 119 -7.39 -51.22 -56.88
C SER A 119 -7.30 -52.73 -56.58
N ASP A 120 -6.14 -53.04 -57.08
CA ASP A 120 -5.52 -54.35 -57.10
C ASP A 120 -4.52 -54.53 -55.96
N GLY A 121 -4.99 -55.19 -54.86
CA GLY A 121 -4.12 -55.66 -53.82
C GLY A 121 -3.18 -54.66 -53.18
N VAL A 122 -3.61 -53.96 -52.15
CA VAL A 122 -3.01 -52.69 -51.80
C VAL A 122 -1.73 -52.86 -50.97
N MET A 123 -0.76 -53.59 -51.54
CA MET A 123 0.54 -53.80 -50.92
C MET A 123 1.63 -53.11 -51.74
N LEU A 124 2.64 -52.54 -51.06
CA LEU A 124 3.66 -51.73 -51.72
C LEU A 124 5.01 -52.44 -51.74
N ASP A 125 5.61 -52.54 -52.92
CA ASP A 125 6.99 -53.03 -53.04
C ASP A 125 7.97 -51.87 -52.86
N LYS A 126 9.26 -52.17 -53.03
CA LYS A 126 10.31 -51.22 -52.69
C LYS A 126 10.31 -49.99 -53.60
N ASP A 127 10.06 -50.18 -54.89
CA ASP A 127 10.17 -49.03 -55.80
C ASP A 127 8.96 -48.12 -55.73
N LEU A 128 7.78 -48.67 -55.43
CA LEU A 128 6.58 -47.85 -55.30
C LEU A 128 6.55 -47.12 -53.97
N PHE A 129 6.94 -47.81 -52.90
CA PHE A 129 7.14 -47.14 -51.64
C PHE A 129 8.10 -45.96 -51.78
N LYS A 130 9.16 -46.13 -52.58
CA LYS A 130 10.10 -45.04 -52.76
C LYS A 130 9.42 -43.81 -53.36
N LYS A 131 8.51 -44.02 -54.30
CA LYS A 131 7.90 -42.88 -54.99
C LYS A 131 6.80 -42.21 -54.18
N CYS A 132 6.42 -42.78 -53.03
CA CYS A 132 5.39 -42.16 -52.19
C CYS A 132 5.97 -41.24 -51.13
N VAL A 133 7.07 -41.65 -50.53
CA VAL A 133 7.65 -40.94 -49.41
C VAL A 133 8.96 -40.30 -49.75
N GLN A 134 9.41 -40.41 -51.01
CA GLN A 134 10.62 -39.71 -51.44
C GLN A 134 10.59 -38.24 -51.04
N SER A 135 9.45 -37.58 -51.26
CA SER A 135 9.39 -36.14 -51.06
C SER A 135 9.41 -35.77 -49.59
N ASN A 136 8.87 -36.64 -48.72
CA ASN A 136 8.80 -36.39 -47.28
C ASN A 136 9.70 -37.34 -46.48
N ILE A 137 10.79 -37.84 -47.08
CA ILE A 137 11.51 -38.95 -46.47
C ILE A 137 12.27 -38.49 -45.24
N VAL A 138 12.71 -37.23 -45.21
CA VAL A 138 13.45 -36.73 -44.05
C VAL A 138 12.57 -36.80 -42.80
N LEU A 139 11.32 -36.36 -42.91
CA LEU A 139 10.47 -36.39 -41.73
C LEU A 139 10.04 -37.80 -41.37
N LEU A 140 9.87 -38.65 -42.37
CA LEU A 140 9.45 -40.02 -42.08
C LEU A 140 10.52 -40.81 -41.35
N THR A 141 11.78 -40.44 -41.54
CA THR A 141 12.80 -41.28 -40.96
C THR A 141 13.02 -40.92 -39.49
N GLN A 142 12.99 -39.63 -39.16
CA GLN A 142 13.06 -39.26 -37.76
C GLN A 142 11.88 -39.81 -36.99
N ALA A 143 10.72 -39.92 -37.64
CA ALA A 143 9.55 -40.53 -37.02
C ALA A 143 9.78 -42.01 -36.78
N PHE A 144 10.39 -42.71 -37.75
CA PHE A 144 10.54 -44.15 -37.65
C PHE A 144 11.84 -44.58 -36.99
N ARG A 145 12.88 -43.74 -37.01
CA ARG A 145 14.11 -43.95 -36.25
C ARG A 145 14.06 -43.34 -34.85
N ARG A 146 12.85 -43.17 -34.32
CA ARG A 146 12.60 -42.76 -32.93
C ARG A 146 13.47 -41.59 -32.51
N LYS A 147 13.52 -40.59 -33.40
CA LYS A 147 14.27 -39.37 -33.20
C LYS A 147 13.40 -38.16 -32.86
N PHE A 148 12.11 -38.37 -32.63
CA PHE A 148 11.33 -37.21 -32.20
C PHE A 148 11.60 -36.92 -30.72
N VAL A 149 11.22 -35.71 -30.29
CA VAL A 149 11.56 -35.26 -28.95
C VAL A 149 11.06 -36.23 -27.90
N ILE A 150 9.94 -36.89 -28.16
CA ILE A 150 9.44 -37.97 -27.29
C ILE A 150 9.49 -39.27 -28.08
N PRO A 151 10.46 -40.17 -27.81
CA PRO A 151 10.58 -41.37 -28.64
C PRO A 151 9.40 -42.32 -28.54
N ASP A 152 9.01 -42.70 -27.32
CA ASP A 152 7.84 -43.58 -27.13
C ASP A 152 6.61 -42.73 -26.84
N PHE A 153 6.06 -42.15 -27.91
CA PHE A 153 4.81 -41.39 -27.79
C PHE A 153 3.64 -42.27 -27.38
N MET A 154 3.68 -43.56 -27.72
CA MET A 154 2.54 -44.43 -27.45
C MET A 154 2.33 -44.60 -25.95
N SER A 155 3.41 -44.85 -25.21
CA SER A 155 3.29 -45.00 -23.77
C SER A 155 2.95 -43.68 -23.11
N PHE A 156 3.58 -42.59 -23.57
CA PHE A 156 3.36 -41.26 -23.00
C PHE A 156 1.89 -40.85 -23.08
N THR A 157 1.23 -41.08 -24.22
CA THR A 157 -0.17 -40.67 -24.31
C THR A 157 -1.02 -41.45 -23.31
N SER A 158 -0.63 -42.69 -23.01
CA SER A 158 -1.38 -43.39 -21.98
C SER A 158 -1.08 -42.84 -20.60
N HIS A 159 -0.03 -42.03 -20.46
CA HIS A 159 0.14 -41.27 -19.23
C HIS A 159 -0.73 -40.04 -19.23
N ILE A 160 -0.82 -39.36 -20.39
CA ILE A 160 -1.70 -38.19 -20.51
C ILE A 160 -3.14 -38.58 -20.23
N ASP A 161 -3.55 -39.77 -20.70
CA ASP A 161 -4.91 -40.24 -20.44
C ASP A 161 -5.15 -40.43 -18.95
N GLU A 162 -4.19 -41.03 -18.23
CA GLU A 162 -4.38 -41.21 -16.80
C GLU A 162 -4.45 -39.86 -16.10
N LEU A 163 -3.55 -38.94 -16.44
CA LEU A 163 -3.60 -37.59 -15.86
C LEU A 163 -4.92 -36.91 -16.16
N TYR A 164 -5.43 -37.08 -17.38
CA TYR A 164 -6.74 -36.56 -17.71
C TYR A 164 -7.82 -37.14 -16.81
N GLU A 165 -7.86 -38.47 -16.72
CA GLU A 165 -8.93 -39.09 -15.93
C GLU A 165 -8.79 -38.82 -14.45
N SER A 166 -7.61 -38.41 -14.00
CA SER A 166 -7.41 -38.03 -12.61
C SER A 166 -7.90 -36.61 -12.36
N ALA A 167 -7.71 -35.72 -13.33
CA ALA A 167 -8.29 -34.38 -13.17
C ALA A 167 -9.79 -34.39 -13.39
N LYS A 168 -10.33 -35.36 -14.13
CA LYS A 168 -11.74 -35.42 -14.54
C LYS A 168 -12.68 -35.63 -13.37
N LYS A 169 -12.13 -35.95 -12.21
CA LYS A 169 -12.90 -36.24 -11.01
C LYS A 169 -12.76 -35.14 -9.97
N GLN A 170 -12.19 -33.98 -10.35
CA GLN A 170 -12.12 -32.77 -9.51
C GLN A 170 -13.29 -31.87 -9.89
N SER A 171 -14.45 -32.17 -9.31
CA SER A 171 -15.70 -31.57 -9.72
C SER A 171 -15.96 -30.17 -9.14
N GLY A 172 -15.04 -29.61 -8.37
CA GLY A 172 -15.28 -28.30 -7.79
C GLY A 172 -15.20 -27.16 -8.80
N GLY A 173 -15.51 -25.96 -8.32
CA GLY A 173 -15.41 -24.74 -9.09
C GLY A 173 -16.76 -24.26 -9.58
N LYS A 174 -16.75 -23.05 -10.18
CA LYS A 174 -17.95 -22.38 -10.68
C LYS A 174 -17.71 -21.91 -12.11
N VAL A 175 -18.65 -22.24 -13.01
CA VAL A 175 -18.53 -21.75 -14.37
C VAL A 175 -18.78 -20.25 -14.34
N ALA A 176 -17.91 -19.49 -14.99
CA ALA A 176 -18.07 -18.03 -15.01
C ALA A 176 -19.43 -17.67 -15.59
N ASP A 177 -20.20 -16.85 -14.86
CA ASP A 177 -21.60 -16.61 -15.18
C ASP A 177 -21.86 -15.16 -15.59
N TYR A 178 -20.80 -14.34 -15.66
CA TYR A 178 -21.01 -12.91 -15.83
C TYR A 178 -21.55 -12.55 -17.20
N ILE A 179 -21.33 -13.39 -18.21
CA ILE A 179 -22.00 -13.19 -19.49
C ILE A 179 -22.79 -14.46 -19.73
N PRO A 180 -23.96 -14.38 -20.37
CA PRO A 180 -24.72 -15.61 -20.67
C PRO A 180 -24.03 -16.56 -21.64
N GLN A 181 -22.91 -16.14 -22.25
CA GLN A 181 -22.21 -16.94 -23.25
C GLN A 181 -21.23 -17.93 -22.64
N LEU A 182 -20.49 -17.54 -21.60
CA LEU A 182 -19.67 -18.52 -20.90
C LEU A 182 -20.50 -19.32 -19.90
N ALA A 183 -21.63 -18.77 -19.45
CA ALA A 183 -22.56 -19.48 -18.59
C ALA A 183 -23.26 -20.60 -19.35
N LYS A 184 -23.30 -20.51 -20.68
CA LYS A 184 -23.91 -21.50 -21.54
C LYS A 184 -23.07 -22.77 -21.67
N PHE A 185 -21.86 -22.81 -21.07
CA PHE A 185 -20.96 -23.97 -21.12
C PHE A 185 -21.20 -24.89 -19.92
N SER A 186 -21.28 -26.21 -20.21
CA SER A 186 -21.51 -27.27 -19.23
C SER A 186 -20.23 -27.51 -18.42
N PRO A 187 -20.35 -27.72 -17.11
CA PRO A 187 -19.13 -27.94 -16.29
C PRO A 187 -18.43 -29.26 -16.53
N ASP A 188 -19.07 -30.26 -17.14
CA ASP A 188 -18.44 -31.57 -17.30
C ASP A 188 -17.65 -31.68 -18.58
N LEU A 189 -17.46 -30.59 -19.30
CA LEU A 189 -16.57 -30.60 -20.44
C LEU A 189 -15.14 -30.44 -19.96
N TRP A 190 -14.25 -31.28 -20.50
CA TRP A 190 -12.86 -31.32 -20.05
C TRP A 190 -12.06 -32.00 -21.15
N GLY A 191 -11.06 -31.30 -21.68
CA GLY A 191 -10.27 -31.83 -22.78
C GLY A 191 -8.83 -31.42 -22.64
N VAL A 192 -7.95 -32.31 -23.06
CA VAL A 192 -6.50 -32.10 -23.02
C VAL A 192 -5.96 -32.43 -24.39
N SER A 193 -5.24 -31.49 -24.99
CA SER A 193 -4.70 -31.74 -26.30
C SER A 193 -3.22 -31.43 -26.25
N VAL A 194 -2.42 -32.26 -26.88
CA VAL A 194 -0.97 -32.15 -26.81
C VAL A 194 -0.45 -31.92 -28.21
N CYS A 195 0.61 -31.13 -28.33
CA CYS A 195 1.39 -31.06 -29.57
C CYS A 195 2.87 -30.98 -29.22
N THR A 196 3.68 -31.92 -29.74
CA THR A 196 5.10 -31.80 -29.44
C THR A 196 5.77 -30.79 -30.36
N ALA A 197 7.04 -30.52 -30.09
CA ALA A 197 7.79 -29.64 -30.97
C ALA A 197 8.02 -30.28 -32.32
N ASP A 198 7.76 -31.58 -32.46
CA ASP A 198 7.95 -32.29 -33.73
C ASP A 198 6.63 -32.58 -34.45
N GLY A 199 5.50 -32.26 -33.84
CA GLY A 199 4.19 -32.46 -34.43
C GLY A 199 3.44 -33.71 -34.01
N GLN A 200 3.99 -34.54 -33.12
CA GLN A 200 3.23 -35.68 -32.62
C GLN A 200 2.03 -35.17 -31.82
N ARG A 201 0.86 -35.76 -32.05
CA ARG A 201 -0.36 -35.24 -31.46
C ARG A 201 -1.05 -36.28 -30.60
N HIS A 202 -1.73 -35.79 -29.56
CA HIS A 202 -2.66 -36.62 -28.80
C HIS A 202 -3.77 -35.76 -28.24
N SER A 203 -4.98 -36.29 -28.21
CA SER A 203 -6.10 -35.58 -27.60
C SER A 203 -6.94 -36.56 -26.78
N THR A 204 -7.62 -36.03 -25.78
CA THR A 204 -8.47 -36.83 -24.92
C THR A 204 -9.52 -35.91 -24.29
N GLY A 205 -10.77 -36.36 -24.28
CA GLY A 205 -11.84 -35.54 -23.75
C GLY A 205 -12.50 -34.67 -24.80
N ASP A 206 -13.10 -33.58 -24.34
CA ASP A 206 -13.89 -32.69 -25.21
C ASP A 206 -12.97 -31.66 -25.88
N THR A 207 -12.23 -32.17 -26.86
CA THR A 207 -11.12 -31.45 -27.47
C THR A 207 -11.46 -30.79 -28.80
N LYS A 208 -12.69 -30.94 -29.29
CA LYS A 208 -13.11 -30.24 -30.51
C LYS A 208 -14.22 -29.21 -30.25
N VAL A 209 -14.50 -28.89 -29.00
CA VAL A 209 -15.49 -27.90 -28.63
C VAL A 209 -14.86 -26.52 -28.69
N PRO A 210 -15.39 -25.59 -29.47
CA PRO A 210 -14.85 -24.23 -29.48
C PRO A 210 -15.14 -23.49 -28.18
N PHE A 211 -14.23 -22.59 -27.84
CA PHE A 211 -14.37 -21.68 -26.70
C PHE A 211 -13.42 -20.53 -26.91
N CYS A 212 -13.64 -19.44 -26.17
CA CYS A 212 -12.87 -18.25 -26.48
C CYS A 212 -11.56 -18.26 -25.70
N LEU A 213 -10.56 -17.57 -26.25
CA LEU A 213 -9.28 -17.56 -25.56
C LEU A 213 -9.39 -16.73 -24.29
N GLN A 214 -10.28 -15.74 -24.31
CA GLN A 214 -10.40 -14.73 -23.26
C GLN A 214 -9.01 -14.23 -22.96
N SER A 215 -8.51 -14.42 -21.74
CA SER A 215 -7.21 -13.90 -21.38
C SER A 215 -6.07 -14.78 -21.85
N CYS A 216 -6.36 -15.96 -22.43
CA CYS A 216 -5.32 -16.75 -23.05
C CYS A 216 -4.75 -16.04 -24.29
N VAL A 217 -5.42 -14.99 -24.76
CA VAL A 217 -4.94 -14.31 -25.94
C VAL A 217 -3.79 -13.37 -25.61
N LYS A 218 -3.66 -12.95 -24.35
CA LYS A 218 -2.73 -11.86 -24.02
C LYS A 218 -1.28 -12.18 -24.38
N PRO A 219 -0.72 -13.35 -24.05
CA PRO A 219 0.66 -13.63 -24.48
C PRO A 219 0.78 -13.73 -25.99
N LEU A 220 -0.25 -14.27 -26.64
CA LEU A 220 -0.25 -14.32 -28.10
C LEU A 220 -0.12 -12.93 -28.68
N LYS A 221 -0.90 -11.96 -28.18
CA LYS A 221 -0.75 -10.63 -28.72
C LYS A 221 0.54 -9.98 -28.23
N TYR A 222 0.97 -10.28 -27.01
CA TYR A 222 2.29 -9.80 -26.62
C TYR A 222 3.33 -10.27 -27.63
N ALA A 223 3.33 -11.57 -27.93
CA ALA A 223 4.33 -12.10 -28.83
C ALA A 223 4.29 -11.39 -30.17
N ILE A 224 3.08 -11.15 -30.71
CA ILE A 224 2.94 -10.50 -32.00
C ILE A 224 3.50 -9.09 -31.94
N ALA A 225 3.26 -8.38 -30.84
CA ALA A 225 3.75 -7.01 -30.72
C ALA A 225 5.28 -6.97 -30.70
N VAL A 226 5.93 -7.85 -29.90
CA VAL A 226 7.40 -7.89 -29.86
C VAL A 226 7.97 -8.39 -31.18
N ASN A 227 7.32 -9.40 -31.77
CA ASN A 227 7.75 -9.89 -33.07
C ASN A 227 7.77 -8.76 -34.10
N ASP A 228 6.80 -7.83 -34.02
CA ASP A 228 6.67 -6.75 -34.99
C ASP A 228 7.41 -5.49 -34.58
N LEU A 229 7.68 -5.31 -33.28
CA LEU A 229 8.20 -4.05 -32.76
C LEU A 229 9.48 -4.19 -31.97
N GLY A 230 9.77 -5.35 -31.43
CA GLY A 230 10.98 -5.45 -30.66
C GLY A 230 10.68 -5.34 -29.18
N THR A 231 11.53 -5.97 -28.38
CA THR A 231 11.37 -5.91 -26.93
C THR A 231 11.38 -4.49 -26.40
N GLU A 232 12.33 -3.68 -26.87
CA GLU A 232 12.57 -2.38 -26.24
C GLU A 232 11.41 -1.42 -26.50
N TYR A 233 10.90 -1.37 -27.73
CA TYR A 233 9.76 -0.49 -28.00
C TYR A 233 8.58 -0.91 -27.15
N VAL A 234 8.24 -2.21 -27.18
CA VAL A 234 7.05 -2.68 -26.50
C VAL A 234 7.10 -2.33 -25.03
N HIS A 235 8.24 -2.54 -24.39
CA HIS A 235 8.36 -2.37 -22.94
C HIS A 235 8.65 -0.93 -22.53
N ARG A 236 8.52 0.03 -23.45
CA ARG A 236 8.32 1.40 -23.03
C ARG A 236 6.90 1.66 -22.57
N TYR A 237 5.97 0.74 -22.84
CA TYR A 237 4.58 0.94 -22.49
C TYR A 237 4.06 -0.09 -21.50
N VAL A 238 4.77 -1.21 -21.31
CA VAL A 238 4.31 -2.28 -20.44
C VAL A 238 5.51 -2.81 -19.68
N GLY A 239 5.35 -3.02 -18.38
CA GLY A 239 6.43 -3.50 -17.55
C GLY A 239 6.69 -4.97 -17.83
N LYS A 240 7.63 -5.54 -17.04
CA LYS A 240 8.02 -6.94 -17.22
C LYS A 240 8.03 -7.75 -15.93
N GLU A 241 7.35 -7.31 -14.88
CA GLU A 241 7.38 -8.03 -13.62
C GLU A 241 5.95 -8.31 -13.17
N PRO A 242 5.77 -9.21 -12.22
CA PRO A 242 4.44 -9.39 -11.63
C PRO A 242 4.18 -8.36 -10.55
N SER A 243 2.89 -8.02 -10.42
CA SER A 243 2.46 -7.00 -9.46
C SER A 243 3.00 -7.31 -8.06
N GLY A 244 2.63 -8.46 -7.53
CA GLY A 244 2.88 -8.72 -6.13
C GLY A 244 1.49 -8.98 -5.61
N LEU A 245 1.35 -10.06 -4.82
CA LEU A 245 0.04 -10.60 -4.46
C LEU A 245 -0.75 -9.54 -3.67
N ARG A 246 -0.13 -8.38 -3.50
CA ARG A 246 -0.74 -7.19 -2.93
C ARG A 246 -0.91 -6.05 -3.93
N PHE A 247 -0.64 -6.27 -5.21
CA PHE A 247 -0.89 -5.25 -6.24
C PHE A 247 -1.85 -5.75 -7.34
N ASN A 248 -2.67 -6.77 -7.05
CA ASN A 248 -3.67 -7.24 -8.02
C ASN A 248 -4.77 -6.23 -8.32
N LYS A 249 -4.85 -5.12 -7.60
CA LYS A 249 -5.92 -4.16 -7.83
C LYS A 249 -5.46 -2.85 -8.44
N LEU A 250 -4.16 -2.58 -8.52
CA LEU A 250 -3.69 -1.36 -9.18
C LEU A 250 -3.54 -1.60 -10.69
N PHE A 251 -3.54 -0.50 -11.45
CA PHE A 251 -3.31 -0.61 -12.90
C PHE A 251 -1.87 -0.36 -13.25
N LEU A 252 -1.21 0.54 -12.55
CA LEU A 252 0.11 0.99 -12.93
C LEU A 252 1.11 0.61 -11.84
N ASN A 253 2.31 0.26 -12.29
CA ASN A 253 3.47 0.11 -11.42
C ASN A 253 4.03 1.52 -11.16
N GLU A 254 5.23 1.61 -10.58
CA GLU A 254 5.68 2.91 -10.09
C GLU A 254 6.25 3.80 -11.19
N ASP A 255 6.39 3.29 -12.42
CA ASP A 255 6.78 4.13 -13.54
C ASP A 255 5.59 4.54 -14.40
N ASP A 256 4.37 4.39 -13.87
CA ASP A 256 3.14 4.77 -14.57
C ASP A 256 2.92 3.94 -15.84
N LYS A 257 3.60 2.80 -15.94
CA LYS A 257 3.43 1.73 -16.90
C LYS A 257 2.67 0.58 -16.27
N PRO A 258 1.78 -0.06 -17.01
CA PRO A 258 1.13 -1.27 -16.50
C PRO A 258 2.18 -2.31 -16.15
N HIS A 259 1.79 -3.22 -15.27
CA HIS A 259 2.81 -4.04 -14.61
C HIS A 259 3.49 -4.98 -15.60
N ASN A 260 2.75 -5.55 -16.55
CA ASN A 260 3.27 -6.58 -17.43
C ASN A 260 2.19 -6.93 -18.48
N PRO A 261 2.57 -7.57 -19.57
CA PRO A 261 1.60 -7.82 -20.65
C PRO A 261 0.46 -8.76 -20.27
N MET A 262 0.53 -9.43 -19.13
CA MET A 262 -0.43 -10.47 -18.83
C MET A 262 -1.60 -10.00 -17.98
N VAL A 263 -1.63 -8.72 -17.56
CA VAL A 263 -2.77 -8.13 -16.84
C VAL A 263 -3.60 -7.26 -17.77
N ASN A 264 -4.88 -7.07 -17.41
CA ASN A 264 -5.81 -6.39 -18.32
C ASN A 264 -5.26 -5.03 -18.75
N ALA A 265 -4.65 -4.30 -17.80
CA ALA A 265 -4.09 -3.00 -18.13
C ALA A 265 -2.96 -3.12 -19.15
N GLY A 266 -2.02 -4.03 -18.91
CA GLY A 266 -0.90 -4.16 -19.83
C GLY A 266 -1.31 -4.73 -21.18
N ALA A 267 -2.23 -5.70 -21.17
CA ALA A 267 -2.76 -6.23 -22.43
C ALA A 267 -3.41 -5.13 -23.24
N ILE A 268 -4.30 -4.34 -22.60
CA ILE A 268 -4.99 -3.24 -23.26
C ILE A 268 -3.99 -2.28 -23.91
N VAL A 269 -2.87 -2.00 -23.24
CA VAL A 269 -1.85 -1.15 -23.85
C VAL A 269 -1.12 -1.88 -24.97
N VAL A 270 -0.81 -3.18 -24.80
CA VAL A 270 -0.11 -3.88 -25.87
C VAL A 270 -0.99 -3.90 -27.10
N THR A 271 -2.27 -4.24 -26.92
CA THR A 271 -3.28 -4.14 -27.96
C THR A 271 -3.19 -2.81 -28.69
N SER A 272 -2.86 -1.74 -27.96
CA SER A 272 -2.67 -0.42 -28.56
C SER A 272 -1.45 -0.31 -29.47
N LEU A 273 -0.52 -1.28 -29.45
CA LEU A 273 0.74 -1.19 -30.18
C LEU A 273 0.74 -1.94 -31.51
N ILE A 274 -0.15 -2.93 -31.68
CA ILE A 274 -0.17 -3.76 -32.89
C ILE A 274 -0.81 -2.99 -34.04
N LYS A 275 -0.09 -2.89 -35.15
CA LYS A 275 -0.62 -2.42 -36.44
C LYS A 275 -1.27 -1.03 -36.33
N GLN A 276 -0.53 -0.10 -35.72
CA GLN A 276 -1.02 1.26 -35.57
C GLN A 276 -1.28 1.90 -36.93
N GLY A 277 -2.28 2.79 -36.98
CA GLY A 277 -2.56 3.53 -38.20
C GLY A 277 -3.50 2.84 -39.18
N VAL A 278 -3.88 1.61 -38.89
CA VAL A 278 -4.86 0.88 -39.66
C VAL A 278 -6.18 0.89 -38.89
N ASN A 279 -7.28 0.60 -39.58
CA ASN A 279 -8.54 0.53 -38.84
C ASN A 279 -8.62 -0.77 -38.04
N ASN A 280 -9.66 -0.87 -37.20
CA ASN A 280 -9.88 -2.05 -36.37
C ASN A 280 -10.24 -3.30 -37.20
N ALA A 281 -10.82 -3.14 -38.38
CA ALA A 281 -11.17 -4.33 -39.18
C ALA A 281 -9.93 -5.07 -39.68
N GLU A 282 -8.97 -4.34 -40.25
CA GLU A 282 -7.73 -4.96 -40.71
C GLU A 282 -6.86 -5.39 -39.53
N LYS A 283 -6.84 -4.59 -38.46
CA LYS A 283 -6.09 -5.00 -37.28
C LYS A 283 -6.49 -6.41 -36.87
N PHE A 284 -7.80 -6.66 -36.81
CA PHE A 284 -8.26 -8.02 -36.51
C PHE A 284 -7.73 -9.02 -37.54
N ASP A 285 -7.88 -8.69 -38.82
CA ASP A 285 -7.34 -9.53 -39.88
C ASP A 285 -5.85 -9.80 -39.66
N TYR A 286 -5.09 -8.77 -39.27
CA TYR A 286 -3.66 -8.95 -39.05
C TYR A 286 -3.43 -9.92 -37.90
N VAL A 287 -4.19 -9.80 -36.81
CA VAL A 287 -4.01 -10.74 -35.71
C VAL A 287 -4.48 -12.14 -36.10
N MET A 288 -5.57 -12.25 -36.87
CA MET A 288 -6.06 -13.59 -37.20
C MET A 288 -5.08 -14.35 -38.11
N GLN A 289 -4.58 -13.69 -39.16
CA GLN A 289 -3.62 -14.34 -40.04
C GLN A 289 -2.45 -14.86 -39.23
N PHE A 290 -2.07 -14.12 -38.20
CA PHE A 290 -0.99 -14.51 -37.32
C PHE A 290 -1.38 -15.75 -36.52
N LEU A 291 -2.54 -15.72 -35.87
CA LEU A 291 -2.99 -16.89 -35.10
C LEU A 291 -3.25 -18.11 -35.98
N ASN A 292 -3.53 -17.90 -37.26
CA ASN A 292 -3.71 -19.06 -38.14
C ASN A 292 -2.38 -19.75 -38.39
N LYS A 293 -1.31 -18.98 -38.60
CA LYS A 293 -0.01 -19.62 -38.81
C LYS A 293 0.48 -20.30 -37.53
N MET A 294 0.16 -19.76 -36.34
CA MET A 294 0.62 -20.41 -35.11
C MET A 294 -0.05 -21.76 -34.90
N ALA A 295 -1.28 -21.90 -35.35
CA ALA A 295 -1.99 -23.16 -35.21
C ALA A 295 -1.88 -24.03 -36.45
N GLY A 296 -1.00 -23.66 -37.38
CA GLY A 296 -0.88 -24.44 -38.60
C GLY A 296 -2.18 -24.54 -39.35
N ASN A 297 -2.96 -23.45 -39.38
CA ASN A 297 -4.22 -23.34 -40.13
C ASN A 297 -5.30 -24.25 -39.57
N GLU A 298 -5.16 -24.71 -38.33
CA GLU A 298 -6.23 -25.42 -37.65
C GLU A 298 -7.25 -24.39 -37.14
N TYR A 299 -8.25 -24.83 -36.39
CA TYR A 299 -9.42 -23.99 -36.18
C TYR A 299 -9.08 -22.77 -35.35
N VAL A 300 -9.19 -21.60 -35.98
CA VAL A 300 -9.21 -20.32 -35.28
C VAL A 300 -10.47 -19.60 -35.78
N GLY A 301 -11.32 -19.21 -34.85
CA GLY A 301 -12.57 -18.58 -35.17
C GLY A 301 -12.80 -17.29 -34.41
N PHE A 302 -14.06 -16.94 -34.21
CA PHE A 302 -14.40 -15.70 -33.54
C PHE A 302 -15.85 -15.75 -33.07
N SER A 303 -16.09 -15.42 -31.81
CA SER A 303 -17.44 -15.42 -31.27
C SER A 303 -17.93 -13.98 -31.20
N ASN A 304 -18.84 -13.62 -32.10
CA ASN A 304 -19.47 -12.32 -31.98
C ASN A 304 -20.36 -12.26 -30.75
N ALA A 305 -21.03 -13.37 -30.42
CA ALA A 305 -21.98 -13.39 -29.30
C ALA A 305 -21.30 -12.98 -28.00
N THR A 306 -20.22 -13.66 -27.63
CA THR A 306 -19.52 -13.25 -26.41
C THR A 306 -18.90 -11.87 -26.57
N PHE A 307 -18.63 -11.44 -27.79
CA PHE A 307 -18.07 -10.10 -27.97
C PHE A 307 -19.06 -9.03 -27.53
N GLN A 308 -20.31 -9.13 -28.00
CA GLN A 308 -21.30 -8.11 -27.64
C GLN A 308 -21.49 -8.06 -26.15
N SER A 309 -21.45 -9.22 -25.49
CA SER A 309 -21.67 -9.21 -24.04
C SER A 309 -20.47 -8.66 -23.31
N GLU A 310 -19.27 -8.79 -23.89
CA GLU A 310 -18.08 -8.20 -23.29
C GLU A 310 -18.07 -6.69 -23.46
N ARG A 311 -18.66 -6.18 -24.53
CA ARG A 311 -18.66 -4.73 -24.71
C ARG A 311 -19.68 -4.07 -23.81
N GLU A 312 -20.75 -4.77 -23.43
CA GLU A 312 -21.74 -4.17 -22.55
C GLU A 312 -21.36 -4.23 -21.07
N SER A 313 -20.48 -5.15 -20.68
CA SER A 313 -20.21 -5.42 -19.26
C SER A 313 -18.80 -5.08 -18.85
N GLY A 314 -18.02 -4.46 -19.74
CA GLY A 314 -16.63 -4.21 -19.44
C GLY A 314 -16.47 -2.87 -18.77
N ASP A 315 -17.31 -2.61 -17.76
CA ASP A 315 -17.21 -1.35 -17.03
C ASP A 315 -15.80 -1.18 -16.47
N ARG A 316 -15.25 -2.24 -15.87
CA ARG A 316 -13.90 -2.17 -15.31
C ARG A 316 -12.85 -1.95 -16.38
N ASN A 317 -13.07 -2.48 -17.60
CA ASN A 317 -12.09 -2.26 -18.67
C ASN A 317 -12.17 -0.83 -19.18
N PHE A 318 -13.39 -0.31 -19.38
CA PHE A 318 -13.51 1.10 -19.71
C PHE A 318 -12.87 1.96 -18.61
N ALA A 319 -13.11 1.60 -17.35
CA ALA A 319 -12.39 2.20 -16.24
C ALA A 319 -10.87 2.18 -16.49
N ILE A 320 -10.32 1.05 -16.94
CA ILE A 320 -8.88 1.01 -17.21
C ILE A 320 -8.54 1.91 -18.40
N GLY A 321 -9.42 1.95 -19.40
CA GLY A 321 -9.10 2.71 -20.60
C GLY A 321 -8.91 4.18 -20.31
N TYR A 322 -9.84 4.78 -19.56
CA TYR A 322 -9.71 6.20 -19.29
C TYR A 322 -8.50 6.49 -18.40
N TYR A 323 -8.29 5.71 -17.33
CA TYR A 323 -7.13 5.92 -16.48
C TYR A 323 -5.85 5.90 -17.30
N LEU A 324 -5.75 4.94 -18.22
CA LEU A 324 -4.56 4.90 -19.07
C LEU A 324 -4.48 6.13 -19.95
N LYS A 325 -5.64 6.60 -20.45
CA LYS A 325 -5.64 7.82 -21.26
C LYS A 325 -5.19 9.01 -20.43
N GLU A 326 -5.68 9.11 -19.19
CA GLU A 326 -5.30 10.24 -18.35
C GLU A 326 -3.80 10.26 -18.13
N LYS A 327 -3.21 9.09 -17.91
CA LYS A 327 -1.81 9.00 -17.54
C LYS A 327 -0.87 8.85 -18.73
N LYS A 328 -1.39 9.03 -19.96
CA LYS A 328 -0.60 9.01 -21.19
C LYS A 328 0.21 7.72 -21.31
N CYS A 329 -0.49 6.60 -21.35
CA CYS A 329 0.16 5.31 -21.44
C CYS A 329 0.00 4.66 -22.80
N PHE A 330 -0.76 5.26 -23.68
CA PHE A 330 -0.87 4.82 -25.06
C PHE A 330 0.07 5.61 -25.95
N PRO A 331 0.36 5.11 -27.15
CA PRO A 331 1.13 5.90 -28.11
C PRO A 331 0.28 7.03 -28.68
N GLU A 332 0.97 8.03 -29.23
CA GLU A 332 0.32 9.22 -29.73
C GLU A 332 -0.75 8.85 -30.75
N GLY A 333 -1.83 9.64 -30.77
CA GLY A 333 -2.87 9.43 -31.74
C GLY A 333 -3.68 8.17 -31.53
N THR A 334 -3.62 7.59 -30.34
CA THR A 334 -4.40 6.41 -30.03
C THR A 334 -5.85 6.81 -29.80
N ASP A 335 -6.77 6.07 -30.41
CA ASP A 335 -8.19 6.19 -30.08
C ASP A 335 -8.51 5.14 -29.02
N MET A 336 -8.61 5.60 -27.76
CA MET A 336 -8.73 4.68 -26.63
C MET A 336 -9.97 3.79 -26.73
N VAL A 337 -11.14 4.37 -27.00
CA VAL A 337 -12.36 3.58 -26.98
C VAL A 337 -12.37 2.58 -28.14
N GLY A 338 -11.75 2.91 -29.27
CA GLY A 338 -11.61 1.94 -30.34
C GLY A 338 -10.69 0.79 -29.96
N ILE A 339 -9.60 1.11 -29.24
CA ILE A 339 -8.69 0.09 -28.73
C ILE A 339 -9.44 -0.87 -27.81
N LEU A 340 -10.43 -0.35 -27.07
CA LEU A 340 -11.14 -1.22 -26.15
C LEU A 340 -12.01 -2.23 -26.87
N ASP A 341 -12.59 -1.82 -28.01
CA ASP A 341 -13.38 -2.75 -28.80
C ASP A 341 -12.50 -3.78 -29.49
N PHE A 342 -11.36 -3.34 -30.05
CA PHE A 342 -10.36 -4.28 -30.54
C PHE A 342 -9.95 -5.25 -29.43
N TYR A 343 -9.83 -4.74 -28.18
CA TYR A 343 -9.47 -5.63 -27.06
C TYR A 343 -10.54 -6.68 -26.82
N PHE A 344 -11.79 -6.26 -26.67
CA PHE A 344 -12.88 -7.23 -26.50
C PHE A 344 -12.96 -8.19 -27.68
N GLN A 345 -12.53 -7.74 -28.87
CA GLN A 345 -12.52 -8.60 -30.05
C GLN A 345 -11.48 -9.72 -29.90
N LEU A 346 -10.24 -9.34 -29.59
CA LEU A 346 -9.19 -10.33 -29.39
C LEU A 346 -9.52 -11.31 -28.26
N CYS A 347 -10.35 -10.92 -27.29
CA CYS A 347 -10.64 -11.81 -26.17
C CYS A 347 -11.74 -12.83 -26.45
N SER A 348 -12.41 -12.75 -27.59
CA SER A 348 -13.37 -13.77 -27.98
C SER A 348 -13.11 -14.31 -29.38
N ILE A 349 -11.83 -14.45 -29.72
CA ILE A 349 -11.34 -15.39 -30.73
C ILE A 349 -11.51 -16.79 -30.19
N GLU A 350 -12.08 -17.69 -30.98
CA GLU A 350 -12.26 -19.01 -30.42
C GLU A 350 -11.28 -20.01 -31.02
N VAL A 351 -10.91 -20.96 -30.18
CA VAL A 351 -10.07 -22.09 -30.53
C VAL A 351 -10.79 -23.36 -30.10
N THR A 352 -10.23 -24.49 -30.46
CA THR A 352 -10.57 -25.74 -29.83
C THR A 352 -9.39 -26.15 -28.99
N CYS A 353 -9.49 -27.31 -28.34
CA CYS A 353 -8.32 -27.74 -27.59
C CYS A 353 -7.20 -28.15 -28.54
N GLU A 354 -7.56 -28.67 -29.71
CA GLU A 354 -6.51 -29.12 -30.62
C GLU A 354 -5.80 -27.96 -31.29
N SER A 355 -6.56 -27.07 -31.96
CA SER A 355 -5.91 -25.95 -32.65
C SER A 355 -5.02 -25.16 -31.69
N ALA A 356 -5.52 -24.83 -30.50
CA ALA A 356 -4.74 -24.00 -29.61
C ALA A 356 -3.56 -24.77 -29.05
N SER A 357 -3.67 -26.10 -28.93
CA SER A 357 -2.51 -26.86 -28.49
C SER A 357 -1.34 -26.71 -29.47
N VAL A 358 -1.64 -26.48 -30.76
CA VAL A 358 -0.61 -26.24 -31.77
C VAL A 358 0.00 -24.87 -31.58
N MET A 359 -0.82 -23.88 -31.17
CA MET A 359 -0.26 -22.57 -30.86
C MET A 359 0.78 -22.68 -29.75
N ALA A 360 0.46 -23.47 -28.72
CA ALA A 360 1.36 -23.61 -27.56
C ALA A 360 2.66 -24.29 -27.93
N ALA A 361 2.62 -25.25 -28.86
CA ALA A 361 3.84 -25.90 -29.30
C ALA A 361 4.72 -24.94 -30.12
N THR A 362 4.09 -23.96 -30.78
CA THR A 362 4.85 -22.97 -31.53
C THR A 362 5.79 -22.19 -30.63
N LEU A 363 5.33 -21.85 -29.41
CA LEU A 363 6.18 -21.19 -28.42
C LEU A 363 7.16 -22.15 -27.78
N ALA A 364 6.76 -23.41 -27.60
CA ALA A 364 7.68 -24.46 -27.19
C ALA A 364 8.80 -24.69 -28.21
N ASN A 365 8.64 -24.16 -29.43
CA ASN A 365 9.49 -24.50 -30.56
C ASN A 365 10.27 -23.30 -31.10
N GLY A 366 10.57 -22.31 -30.23
CA GLY A 366 11.38 -21.17 -30.66
C GLY A 366 10.74 -20.32 -31.74
N GLY A 367 9.43 -20.49 -31.97
CA GLY A 367 8.71 -19.72 -32.94
C GLY A 367 8.44 -20.39 -34.26
N PHE A 368 8.79 -21.67 -34.41
CA PHE A 368 8.49 -22.42 -35.62
C PHE A 368 7.31 -23.35 -35.33
N CYS A 369 6.20 -23.16 -36.05
CA CYS A 369 5.06 -24.07 -36.00
C CYS A 369 5.47 -25.53 -36.21
N PRO A 370 5.23 -26.42 -35.23
CA PRO A 370 5.71 -27.79 -35.35
C PRO A 370 5.04 -28.62 -36.42
N ILE A 371 3.81 -28.30 -36.84
CA ILE A 371 3.11 -29.14 -37.81
C ILE A 371 3.12 -28.53 -39.21
N THR A 372 3.81 -27.42 -39.41
CA THR A 372 4.02 -26.88 -40.76
C THR A 372 5.46 -26.52 -41.09
N GLY A 373 6.34 -26.33 -40.09
CA GLY A 373 7.71 -25.91 -40.34
C GLY A 373 7.88 -24.42 -40.60
N GLU A 374 6.82 -23.64 -40.50
CA GLU A 374 6.85 -22.20 -40.74
C GLU A 374 7.33 -21.41 -39.52
N ARG A 375 8.20 -20.43 -39.77
CA ARG A 375 8.62 -19.45 -38.74
C ARG A 375 7.51 -18.41 -38.54
N VAL A 376 6.93 -18.36 -37.34
CA VAL A 376 5.81 -17.46 -37.04
C VAL A 376 6.23 -16.32 -36.11
N LEU A 377 7.11 -16.57 -35.17
CA LEU A 377 7.53 -15.55 -34.24
C LEU A 377 9.04 -15.62 -34.09
N SER A 378 9.66 -14.45 -33.87
CA SER A 378 11.09 -14.37 -33.63
C SER A 378 11.42 -14.90 -32.24
N PRO A 379 12.61 -15.50 -32.06
CA PRO A 379 12.95 -16.07 -30.73
C PRO A 379 12.92 -15.05 -29.61
N GLU A 380 13.19 -13.78 -29.93
CA GLU A 380 13.01 -12.68 -28.98
C GLU A 380 11.54 -12.57 -28.51
N ALA A 381 10.57 -12.71 -29.42
CA ALA A 381 9.15 -12.66 -29.05
C ALA A 381 8.70 -13.89 -28.26
N VAL A 382 9.24 -15.06 -28.58
CA VAL A 382 8.77 -16.26 -27.90
C VAL A 382 9.41 -16.36 -26.52
N ARG A 383 10.65 -15.88 -26.36
CA ARG A 383 11.27 -15.96 -25.05
C ARG A 383 10.57 -15.01 -24.07
N ASN A 384 10.40 -13.75 -24.47
CA ASN A 384 9.75 -12.79 -23.62
C ASN A 384 8.38 -13.30 -23.20
N THR A 385 7.62 -13.83 -24.16
CA THR A 385 6.29 -14.32 -23.83
C THR A 385 6.34 -15.49 -22.85
N LEU A 386 7.33 -16.38 -22.98
CA LEU A 386 7.41 -17.47 -22.00
C LEU A 386 7.92 -16.99 -20.64
N SER A 387 8.87 -16.04 -20.63
CA SER A 387 9.29 -15.47 -19.35
C SER A 387 8.09 -14.91 -18.60
N LEU A 388 7.25 -14.14 -19.29
CA LEU A 388 6.16 -13.45 -18.63
C LEU A 388 4.97 -14.37 -18.38
N MET A 389 4.85 -15.48 -19.12
CA MET A 389 3.82 -16.45 -18.74
C MET A 389 4.20 -17.10 -17.43
N HIS A 390 5.48 -17.46 -17.31
CA HIS A 390 6.01 -18.05 -16.08
C HIS A 390 5.66 -17.19 -14.87
N SER A 391 6.08 -15.92 -14.91
CA SER A 391 5.93 -14.98 -13.81
C SER A 391 4.47 -14.60 -13.55
N CYS A 392 3.76 -14.14 -14.57
CA CYS A 392 2.52 -13.38 -14.37
C CYS A 392 1.30 -14.05 -14.98
N GLY A 393 1.33 -15.36 -15.22
CA GLY A 393 0.36 -15.94 -16.11
C GLY A 393 -0.93 -16.45 -15.55
N MET A 394 -1.07 -16.60 -14.23
CA MET A 394 -2.24 -17.31 -13.73
C MET A 394 -2.93 -16.52 -12.62
N TYR A 395 -3.09 -15.22 -12.84
CA TYR A 395 -3.81 -14.33 -11.91
C TYR A 395 -3.07 -14.35 -10.58
N ASP A 396 -3.75 -14.47 -9.45
CA ASP A 396 -3.06 -14.44 -8.16
C ASP A 396 -2.37 -15.76 -7.82
N PHE A 397 -2.61 -16.82 -8.58
CA PHE A 397 -1.93 -18.10 -8.38
C PHE A 397 -0.60 -18.18 -9.10
N SER A 398 -0.16 -17.10 -9.74
CA SER A 398 1.07 -17.16 -10.53
C SER A 398 2.25 -17.60 -9.68
N GLY A 399 2.37 -17.05 -8.46
CA GLY A 399 3.50 -17.38 -7.62
C GLY A 399 3.56 -18.86 -7.26
N GLN A 400 2.43 -19.41 -6.77
CA GLN A 400 2.40 -20.82 -6.38
C GLN A 400 2.55 -21.71 -7.60
N PHE A 401 1.89 -21.33 -8.68
CA PHE A 401 1.97 -22.10 -9.90
C PHE A 401 3.40 -22.16 -10.39
N ALA A 402 4.11 -21.02 -10.32
CA ALA A 402 5.48 -21.03 -10.82
C ALA A 402 6.36 -21.89 -9.92
N PHE A 403 6.14 -21.81 -8.61
CA PHE A 403 6.88 -22.66 -7.70
C PHE A 403 6.56 -24.13 -7.97
N HIS A 404 5.30 -24.53 -7.80
CA HIS A 404 4.97 -25.96 -7.83
C HIS A 404 4.94 -26.56 -9.23
N VAL A 405 4.54 -25.80 -10.25
CA VAL A 405 4.50 -26.32 -11.62
C VAL A 405 5.70 -25.87 -12.43
N GLY A 406 6.15 -24.65 -12.23
CA GLY A 406 7.34 -24.21 -12.95
C GLY A 406 7.24 -24.39 -14.45
N LEU A 407 6.11 -24.02 -15.06
CA LEU A 407 5.89 -24.06 -16.52
C LEU A 407 5.22 -22.79 -17.02
N PRO A 408 5.64 -22.25 -18.17
CA PRO A 408 4.89 -21.14 -18.75
C PRO A 408 3.45 -21.59 -18.99
N ALA A 409 2.50 -20.77 -18.57
CA ALA A 409 1.10 -21.13 -18.72
C ALA A 409 0.27 -19.86 -18.70
N LYS A 410 -0.94 -19.93 -19.25
CA LYS A 410 -1.86 -18.81 -19.19
C LYS A 410 -3.29 -19.31 -19.09
N SER A 411 -4.09 -18.68 -18.23
CA SER A 411 -5.47 -19.10 -18.13
C SER A 411 -6.41 -18.04 -18.65
N GLY A 412 -7.68 -18.44 -18.76
CA GLY A 412 -8.75 -17.57 -19.23
C GLY A 412 -10.03 -17.92 -18.50
N VAL A 413 -10.99 -17.00 -18.55
CA VAL A 413 -12.22 -17.18 -17.79
C VAL A 413 -13.16 -18.22 -18.44
N ALA A 414 -12.93 -18.54 -19.71
CA ALA A 414 -13.68 -19.61 -20.34
C ALA A 414 -13.30 -21.00 -19.83
N GLY A 415 -12.27 -21.11 -18.99
CA GLY A 415 -11.83 -22.40 -18.50
C GLY A 415 -10.62 -22.97 -19.21
N GLY A 416 -9.86 -22.15 -19.95
CA GLY A 416 -8.69 -22.61 -20.65
C GLY A 416 -7.45 -22.48 -19.79
N ILE A 417 -6.47 -23.32 -20.07
CA ILE A 417 -5.10 -23.14 -19.56
C ILE A 417 -4.18 -23.44 -20.73
N LEU A 418 -3.49 -22.44 -21.22
CA LEU A 418 -2.54 -22.61 -22.30
C LEU A 418 -1.18 -22.89 -21.67
N LEU A 419 -0.65 -24.08 -21.90
CA LEU A 419 0.52 -24.56 -21.19
C LEU A 419 1.64 -24.82 -22.20
N VAL A 420 2.88 -24.54 -21.81
CA VAL A 420 4.01 -24.78 -22.67
C VAL A 420 5.10 -25.47 -21.88
N VAL A 421 5.66 -26.54 -22.42
CA VAL A 421 6.86 -27.14 -21.86
C VAL A 421 8.00 -26.92 -22.84
N PRO A 422 8.81 -25.89 -22.69
CA PRO A 422 9.76 -25.52 -23.73
C PRO A 422 10.64 -26.70 -24.16
N ASN A 423 10.90 -26.77 -25.47
CA ASN A 423 11.67 -27.78 -26.20
C ASN A 423 11.03 -29.17 -26.17
N VAL A 424 9.84 -29.32 -25.57
CA VAL A 424 9.13 -30.59 -25.62
C VAL A 424 7.82 -30.41 -26.37
N MET A 425 6.89 -29.64 -25.82
CA MET A 425 5.52 -29.69 -26.30
C MET A 425 4.73 -28.47 -25.83
N GLY A 426 3.59 -28.26 -26.50
CA GLY A 426 2.58 -27.28 -26.14
C GLY A 426 1.29 -28.00 -25.82
N MET A 427 0.35 -27.34 -25.15
CA MET A 427 -0.81 -28.03 -24.62
C MET A 427 -1.97 -27.05 -24.49
N MET A 428 -3.19 -27.57 -24.39
CA MET A 428 -4.31 -26.74 -23.99
C MET A 428 -5.26 -27.58 -23.15
N CYS A 429 -5.54 -27.11 -21.95
CA CYS A 429 -6.50 -27.79 -21.08
C CYS A 429 -7.77 -26.98 -21.05
N TRP A 430 -8.91 -27.63 -20.97
CA TRP A 430 -10.13 -26.83 -20.97
C TRP A 430 -11.21 -27.49 -20.14
N SER A 431 -11.56 -26.85 -19.02
CA SER A 431 -12.78 -27.18 -18.30
C SER A 431 -13.30 -25.85 -17.80
N PRO A 432 -14.57 -25.55 -18.01
CA PRO A 432 -15.07 -24.20 -17.74
C PRO A 432 -15.03 -23.82 -16.26
N PRO A 433 -15.50 -24.67 -15.34
CA PRO A 433 -15.64 -24.19 -13.94
C PRO A 433 -14.33 -23.67 -13.39
N LEU A 434 -14.34 -22.42 -12.92
CA LEU A 434 -13.14 -21.84 -12.33
C LEU A 434 -13.13 -22.01 -10.82
N ASP A 435 -11.93 -21.98 -10.26
CA ASP A 435 -11.77 -21.95 -8.82
C ASP A 435 -11.87 -20.48 -8.42
N LYS A 436 -11.62 -20.17 -7.14
CA LYS A 436 -11.88 -18.82 -6.66
C LYS A 436 -10.87 -17.80 -7.17
N MET A 437 -9.85 -18.24 -7.88
CA MET A 437 -8.88 -17.32 -8.45
C MET A 437 -9.06 -17.16 -9.95
N GLY A 438 -10.05 -17.83 -10.53
CA GLY A 438 -10.39 -17.68 -11.93
C GLY A 438 -9.81 -18.72 -12.85
N ASN A 439 -9.12 -19.72 -12.29
CA ASN A 439 -8.39 -20.74 -13.05
C ASN A 439 -9.13 -22.08 -12.99
N SER A 440 -9.21 -22.74 -14.14
CA SER A 440 -10.00 -23.96 -14.24
C SER A 440 -9.57 -24.99 -13.19
N VAL A 441 -10.57 -25.56 -12.53
CA VAL A 441 -10.31 -26.51 -11.45
C VAL A 441 -9.52 -27.70 -11.97
N LYS A 442 -10.10 -28.43 -12.93
CA LYS A 442 -9.47 -29.65 -13.45
C LYS A 442 -8.13 -29.34 -14.08
N GLY A 443 -8.04 -28.20 -14.76
CA GLY A 443 -6.80 -27.82 -15.40
C GLY A 443 -5.65 -27.72 -14.42
N ILE A 444 -5.87 -27.02 -13.31
CA ILE A 444 -4.81 -26.83 -12.32
C ILE A 444 -4.47 -28.17 -11.69
N HIS A 445 -5.46 -29.02 -11.48
CA HIS A 445 -5.19 -30.35 -10.96
C HIS A 445 -4.37 -31.17 -11.96
N PHE A 446 -4.69 -31.03 -13.25
CA PHE A 446 -3.93 -31.73 -14.28
C PHE A 446 -2.48 -31.23 -14.33
N CYS A 447 -2.27 -29.91 -14.25
CA CYS A 447 -0.93 -29.38 -14.41
C CYS A 447 -0.04 -29.69 -13.23
N HIS A 448 -0.65 -29.92 -12.06
CA HIS A 448 0.14 -30.42 -10.95
C HIS A 448 0.51 -31.88 -11.17
N ASP A 449 -0.49 -32.73 -11.43
CA ASP A 449 -0.23 -34.15 -11.65
C ASP A 449 0.85 -34.35 -12.71
N LEU A 450 0.80 -33.56 -13.79
CA LEU A 450 1.74 -33.75 -14.88
C LEU A 450 3.18 -33.50 -14.42
N VAL A 451 3.41 -32.41 -13.68
CA VAL A 451 4.78 -32.09 -13.25
C VAL A 451 5.25 -33.02 -12.13
N SER A 452 4.35 -33.47 -11.26
CA SER A 452 4.70 -34.52 -10.32
C SER A 452 5.25 -35.76 -11.03
N LEU A 453 4.77 -36.03 -12.24
CA LEU A 453 5.07 -37.27 -12.95
C LEU A 453 6.29 -37.18 -13.85
N CYS A 454 6.51 -36.03 -14.50
CA CYS A 454 7.55 -35.91 -15.50
C CYS A 454 8.50 -34.81 -15.11
N ASN A 455 9.77 -34.94 -15.50
CA ASN A 455 10.74 -33.93 -15.08
C ASN A 455 10.67 -32.68 -15.93
N PHE A 456 9.45 -32.19 -16.16
CA PHE A 456 9.23 -31.04 -17.05
C PHE A 456 9.25 -29.72 -16.33
N HIS A 457 9.15 -29.74 -15.00
CA HIS A 457 9.27 -28.54 -14.18
C HIS A 457 10.49 -27.77 -14.64
N ASN A 458 10.33 -26.47 -14.82
CA ASN A 458 11.41 -25.69 -15.43
C ASN A 458 12.76 -25.95 -14.76
N TYR A 459 12.77 -26.27 -13.47
CA TYR A 459 14.02 -26.49 -12.75
C TYR A 459 14.15 -27.90 -12.20
N ASP A 460 13.49 -28.86 -12.83
CA ASP A 460 13.93 -30.23 -12.59
C ASP A 460 15.31 -30.36 -13.19
N ASN A 461 16.03 -31.40 -12.79
CA ASN A 461 17.32 -31.72 -13.38
C ASN A 461 17.13 -32.83 -14.39
N LEU A 462 17.72 -32.68 -15.58
CA LEU A 462 17.54 -33.70 -16.62
C LEU A 462 18.41 -34.92 -16.40
N ARG A 463 19.35 -34.88 -15.46
CA ARG A 463 20.22 -36.01 -15.18
C ARG A 463 19.78 -36.75 -13.93
N HIS A 464 19.50 -36.03 -12.84
CA HIS A 464 19.04 -36.63 -11.60
C HIS A 464 17.67 -36.05 -11.26
N PHE A 465 16.63 -36.88 -11.33
CA PHE A 465 15.27 -36.39 -11.08
C PHE A 465 14.45 -37.40 -10.30
N ALA A 466 15.11 -38.18 -9.45
CA ALA A 466 14.42 -38.96 -8.42
C ALA A 466 13.43 -39.89 -9.10
N LYS A 467 12.18 -39.98 -8.64
CA LYS A 467 11.23 -40.99 -9.10
C LYS A 467 10.41 -40.53 -10.32
N LYS A 468 10.77 -39.41 -10.92
CA LYS A 468 10.04 -38.94 -12.08
C LYS A 468 10.40 -39.71 -13.35
N LEU A 469 9.52 -39.58 -14.34
CA LEU A 469 9.69 -40.09 -15.69
C LEU A 469 10.38 -39.02 -16.55
N ASP A 470 11.11 -39.46 -17.56
CA ASP A 470 11.56 -38.53 -18.60
C ASP A 470 11.07 -39.05 -19.93
N PRO A 471 10.03 -38.46 -20.51
CA PRO A 471 9.56 -38.91 -21.83
C PRO A 471 10.54 -38.62 -22.95
N ARG A 472 11.53 -37.77 -22.74
CA ARG A 472 12.55 -37.56 -23.76
C ARG A 472 13.57 -38.68 -23.79
N ARG A 473 13.40 -39.69 -22.92
CA ARG A 473 14.33 -40.80 -22.79
C ARG A 473 13.66 -42.13 -23.14
N GLU A 474 14.51 -43.12 -23.34
CA GLU A 474 14.11 -44.44 -23.80
C GLU A 474 13.99 -45.41 -22.63
N PRO B 66 -40.79 54.25 28.75
CA PRO B 66 -39.68 53.88 27.87
C PRO B 66 -40.17 53.31 26.54
N SER B 67 -39.29 53.20 25.54
CA SER B 67 -39.62 52.49 24.31
C SER B 67 -38.37 52.29 23.47
N LEU B 68 -38.31 51.16 22.78
CA LEU B 68 -37.04 50.68 22.26
C LEU B 68 -36.58 51.56 21.11
N GLU B 69 -37.49 51.88 20.18
CA GLU B 69 -37.15 52.75 19.06
C GLU B 69 -36.78 54.16 19.52
N ASP B 70 -37.38 54.63 20.62
CA ASP B 70 -37.07 55.96 21.14
C ASP B 70 -35.73 55.94 21.85
N LEU B 71 -35.51 54.96 22.72
CA LEU B 71 -34.22 54.86 23.39
C LEU B 71 -33.11 54.76 22.36
N LEU B 72 -33.36 54.01 21.28
CA LEU B 72 -32.39 53.92 20.20
C LEU B 72 -32.24 55.26 19.49
N PHE B 73 -33.32 56.05 19.45
CA PHE B 73 -33.26 57.37 18.83
C PHE B 73 -32.25 58.25 19.55
N TYR B 74 -32.34 58.31 20.88
CA TYR B 74 -31.45 59.16 21.66
C TYR B 74 -30.03 58.61 21.68
N THR B 75 -29.86 57.27 21.58
CA THR B 75 -28.50 56.72 21.50
C THR B 75 -27.76 57.29 20.31
N ILE B 76 -28.45 57.47 19.19
CA ILE B 76 -27.84 58.07 18.00
C ILE B 76 -28.15 59.57 17.89
N ALA B 77 -29.27 60.05 18.47
CA ALA B 77 -29.60 61.47 18.38
C ALA B 77 -28.57 62.31 19.09
N GLU B 78 -27.89 61.71 20.07
CA GLU B 78 -26.66 62.29 20.62
C GLU B 78 -27.00 63.32 21.71
N GLY B 79 -28.23 63.32 22.21
CA GLY B 79 -28.79 64.46 22.91
C GLY B 79 -29.30 65.56 22.02
N GLN B 80 -29.06 65.49 20.71
CA GLN B 80 -29.54 66.51 19.80
C GLN B 80 -30.98 66.19 19.42
N GLU B 81 -31.64 67.12 18.73
CA GLU B 81 -33.08 66.89 18.57
C GLU B 81 -33.36 66.25 17.22
N LYS B 82 -32.39 66.37 16.31
CA LYS B 82 -32.43 65.96 14.91
C LYS B 82 -31.41 64.84 14.65
N ILE B 83 -31.77 63.95 13.71
CA ILE B 83 -30.85 62.96 13.10
C ILE B 83 -30.65 63.31 11.63
N PRO B 84 -29.54 63.86 11.14
CA PRO B 84 -29.37 63.85 9.67
C PRO B 84 -29.32 62.39 9.24
N VAL B 85 -30.05 62.05 8.17
CA VAL B 85 -30.20 60.62 7.90
C VAL B 85 -28.88 60.03 7.38
N HIS B 86 -28.05 60.83 6.71
CA HIS B 86 -26.72 60.34 6.32
C HIS B 86 -25.91 59.99 7.56
N LYS B 87 -26.05 60.77 8.63
CA LYS B 87 -25.40 60.43 9.89
C LYS B 87 -25.92 59.09 10.39
N PHE B 88 -27.20 58.82 10.15
CA PHE B 88 -27.73 57.49 10.43
C PHE B 88 -27.13 56.44 9.50
N ILE B 89 -26.96 56.76 8.22
CA ILE B 89 -26.49 55.77 7.28
C ILE B 89 -25.05 55.36 7.60
N THR B 90 -24.20 56.31 7.97
CA THR B 90 -22.83 55.92 8.29
C THR B 90 -22.73 55.31 9.68
N ALA B 91 -23.55 55.76 10.64
CA ALA B 91 -23.69 55.01 11.88
C ALA B 91 -24.08 53.56 11.61
N LEU B 92 -24.94 53.36 10.60
CA LEU B 92 -25.36 52.02 10.25
C LEU B 92 -24.21 51.22 9.67
N LYS B 93 -23.54 51.76 8.65
CA LYS B 93 -22.51 50.99 7.97
C LYS B 93 -21.38 50.65 8.93
N SER B 94 -21.16 51.48 9.95
CA SER B 94 -20.14 51.19 10.95
C SER B 94 -20.43 49.90 11.68
N THR B 95 -21.70 49.55 11.88
CA THR B 95 -22.03 48.22 12.38
C THR B 95 -21.38 47.14 11.53
N GLY B 96 -21.08 47.47 10.27
CA GLY B 96 -20.68 46.50 9.27
C GLY B 96 -21.82 46.02 8.43
N LEU B 97 -23.06 46.25 8.89
CA LEU B 97 -24.22 45.96 8.06
C LEU B 97 -24.16 46.85 6.83
N ARG B 98 -24.53 46.28 5.69
CA ARG B 98 -24.64 47.06 4.47
C ARG B 98 -26.04 47.60 4.33
N THR B 99 -26.15 48.79 3.72
CA THR B 99 -27.48 49.40 3.54
C THR B 99 -28.46 48.42 2.86
N SER B 100 -27.95 47.59 1.94
CA SER B 100 -28.69 46.60 1.17
C SER B 100 -29.06 45.32 1.91
N ASP B 101 -28.84 45.22 3.21
CA ASP B 101 -29.16 43.99 3.93
C ASP B 101 -30.64 43.61 3.75
N PRO B 102 -30.94 42.36 3.40
CA PRO B 102 -32.36 41.95 3.29
C PRO B 102 -33.19 42.10 4.56
N ARG B 103 -32.63 41.83 5.74
CA ARG B 103 -33.42 42.05 6.97
C ARG B 103 -33.67 43.53 7.26
N LEU B 104 -33.14 44.43 6.45
CA LEU B 104 -33.29 45.86 6.67
C LEU B 104 -34.17 46.53 5.62
N LYS B 105 -34.73 45.78 4.67
CA LYS B 105 -35.38 46.38 3.50
C LYS B 105 -36.52 47.32 3.91
N GLU B 106 -37.41 46.87 4.80
CA GLU B 106 -38.55 47.69 5.21
C GLU B 106 -38.08 49.03 5.75
N CYS B 107 -36.93 49.06 6.41
CA CYS B 107 -36.47 50.32 6.97
C CYS B 107 -35.87 51.22 5.90
N MET B 108 -35.21 50.63 4.89
CA MET B 108 -34.70 51.46 3.83
C MET B 108 -35.80 51.81 2.83
N ASP B 109 -36.84 50.98 2.75
CA ASP B 109 -38.04 51.36 2.01
C ASP B 109 -38.63 52.62 2.61
N MET B 110 -38.71 52.65 3.94
CA MET B 110 -39.26 53.79 4.65
C MET B 110 -38.33 54.99 4.58
N LEU B 111 -37.04 54.77 4.40
CA LEU B 111 -36.08 55.85 4.25
C LEU B 111 -36.10 56.43 2.84
N ARG B 112 -36.18 55.60 1.80
CA ARG B 112 -36.25 56.14 0.45
C ARG B 112 -37.60 56.80 0.20
N LEU B 113 -38.62 56.41 0.97
CA LEU B 113 -39.89 57.10 0.88
C LEU B 113 -39.77 58.54 1.40
N THR B 114 -39.26 58.69 2.63
CA THR B 114 -39.21 60.02 3.24
C THR B 114 -38.12 60.91 2.64
N LEU B 115 -37.13 60.32 1.95
CA LEU B 115 -36.20 61.16 1.19
C LEU B 115 -36.85 61.80 -0.03
N GLN B 116 -38.12 61.53 -0.29
CA GLN B 116 -38.94 62.26 -1.25
C GLN B 116 -40.00 63.14 -0.60
N THR B 117 -40.72 62.61 0.40
CA THR B 117 -41.79 63.35 1.07
C THR B 117 -41.34 64.71 1.57
N THR B 118 -40.18 64.75 2.23
CA THR B 118 -39.65 65.97 2.83
C THR B 118 -38.21 66.12 2.37
N SER B 119 -38.04 66.71 1.19
CA SER B 119 -36.74 67.12 0.66
C SER B 119 -36.27 68.39 1.37
N ASP B 120 -37.04 68.81 2.36
CA ASP B 120 -36.79 69.97 3.21
C ASP B 120 -36.07 69.48 4.46
N GLY B 121 -34.74 69.61 4.45
CA GLY B 121 -33.90 69.32 5.60
C GLY B 121 -34.17 67.96 6.17
N VAL B 122 -33.60 66.91 5.57
CA VAL B 122 -34.08 65.57 5.85
C VAL B 122 -33.46 65.09 7.15
N MET B 123 -33.85 65.75 8.23
CA MET B 123 -33.47 65.36 9.57
C MET B 123 -34.70 64.67 10.13
N LEU B 124 -34.51 63.61 10.90
CA LEU B 124 -35.62 62.80 11.35
C LEU B 124 -35.85 63.11 12.82
N ASP B 125 -37.09 63.45 13.15
CA ASP B 125 -37.42 63.65 14.54
C ASP B 125 -37.69 62.30 15.21
N LYS B 126 -38.09 62.33 16.48
CA LYS B 126 -38.25 61.09 17.23
C LYS B 126 -39.36 60.23 16.63
N ASP B 127 -40.40 60.88 16.10
CA ASP B 127 -41.56 60.18 15.56
C ASP B 127 -41.30 59.62 14.17
N LEU B 128 -40.55 60.35 13.36
CA LEU B 128 -40.28 59.91 11.99
C LEU B 128 -39.19 58.86 11.94
N PHE B 129 -38.13 59.03 12.74
CA PHE B 129 -37.13 57.97 12.89
C PHE B 129 -37.83 56.69 13.30
N LYS B 130 -38.75 56.77 14.27
CA LYS B 130 -39.52 55.59 14.66
C LYS B 130 -40.28 55.02 13.48
N LYS B 131 -40.70 55.89 12.56
CA LYS B 131 -41.54 55.44 11.47
C LYS B 131 -40.75 54.63 10.47
N CYS B 132 -39.43 54.73 10.47
CA CYS B 132 -38.63 53.92 9.57
C CYS B 132 -38.07 52.66 10.22
N VAL B 133 -37.74 52.73 11.50
CA VAL B 133 -36.94 51.69 12.12
C VAL B 133 -37.70 50.79 13.06
N GLN B 134 -38.95 51.11 13.39
CA GLN B 134 -39.75 50.22 14.23
C GLN B 134 -39.76 48.81 13.65
N SER B 135 -39.89 48.72 12.33
CA SER B 135 -40.06 47.41 11.69
C SER B 135 -38.81 46.56 11.82
N ASN B 136 -37.63 47.19 11.87
CA ASN B 136 -36.37 46.46 12.00
C ASN B 136 -35.64 46.81 13.30
N ILE B 137 -36.37 47.18 14.36
CA ILE B 137 -35.73 47.79 15.52
C ILE B 137 -34.89 46.79 16.30
N VAL B 138 -35.31 45.53 16.35
CA VAL B 138 -34.56 44.53 17.11
C VAL B 138 -33.18 44.34 16.52
N LEU B 139 -33.09 44.20 15.19
CA LEU B 139 -31.79 44.03 14.56
C LEU B 139 -31.01 45.34 14.54
N LEU B 140 -31.70 46.47 14.47
CA LEU B 140 -30.98 47.75 14.51
C LEU B 140 -30.36 48.00 15.87
N THR B 141 -31.00 47.50 16.94
CA THR B 141 -30.50 47.81 18.26
C THR B 141 -29.41 46.83 18.67
N GLN B 142 -29.55 45.55 18.29
CA GLN B 142 -28.46 44.62 18.51
C GLN B 142 -27.22 45.10 17.78
N ALA B 143 -27.41 45.74 16.63
CA ALA B 143 -26.30 46.31 15.89
C ALA B 143 -25.69 47.49 16.63
N PHE B 144 -26.53 48.38 17.19
CA PHE B 144 -26.06 49.62 17.79
C PHE B 144 -25.72 49.48 19.26
N ARG B 145 -26.27 48.48 19.96
CA ARG B 145 -25.86 48.14 21.31
C ARG B 145 -24.71 47.14 21.31
N ARG B 146 -23.92 47.13 20.22
CA ARG B 146 -22.69 46.36 20.14
C ARG B 146 -22.90 44.93 20.60
N LYS B 147 -23.98 44.33 20.11
CA LYS B 147 -24.32 42.96 20.46
C LYS B 147 -24.00 41.98 19.33
N PHE B 148 -23.37 42.42 18.24
CA PHE B 148 -23.01 41.48 17.20
C PHE B 148 -21.79 40.66 17.60
N VAL B 149 -21.58 39.55 16.88
CA VAL B 149 -20.56 38.59 17.27
C VAL B 149 -19.20 39.25 17.37
N ILE B 150 -18.94 40.23 16.51
CA ILE B 150 -17.74 41.06 16.57
C ILE B 150 -18.19 42.49 16.87
N PRO B 151 -18.04 42.96 18.13
CA PRO B 151 -18.58 44.28 18.47
C PRO B 151 -17.84 45.40 17.74
N ASP B 152 -16.50 45.44 17.78
CA ASP B 152 -15.78 46.47 17.04
C ASP B 152 -15.39 45.93 15.67
N PHE B 153 -16.40 45.85 14.80
CA PHE B 153 -16.15 45.44 13.43
C PHE B 153 -15.21 46.39 12.71
N MET B 154 -15.24 47.68 13.05
CA MET B 154 -14.44 48.66 12.32
C MET B 154 -12.95 48.37 12.45
N SER B 155 -12.48 48.04 13.66
CA SER B 155 -11.07 47.72 13.81
C SER B 155 -10.74 46.40 13.12
N PHE B 156 -11.62 45.41 13.26
CA PHE B 156 -11.39 44.08 12.70
C PHE B 156 -11.14 44.13 11.20
N THR B 157 -11.91 44.94 10.46
CA THR B 157 -11.64 45.04 9.03
C THR B 157 -10.27 45.64 8.76
N SER B 158 -9.78 46.48 9.66
CA SER B 158 -8.45 47.02 9.44
C SER B 158 -7.35 46.02 9.71
N HIS B 159 -7.65 44.94 10.44
CA HIS B 159 -6.73 43.80 10.52
C HIS B 159 -6.88 42.91 9.30
N ILE B 160 -8.13 42.68 8.88
CA ILE B 160 -8.40 41.93 7.65
C ILE B 160 -7.70 42.58 6.46
N ASP B 161 -7.64 43.91 6.45
CA ASP B 161 -6.94 44.61 5.39
C ASP B 161 -5.45 44.32 5.41
N GLU B 162 -4.82 44.38 6.58
CA GLU B 162 -3.40 44.09 6.63
C GLU B 162 -3.13 42.65 6.22
N LEU B 163 -3.92 41.69 6.73
CA LEU B 163 -3.75 40.29 6.33
C LEU B 163 -3.88 40.13 4.82
N TYR B 164 -4.86 40.81 4.22
CA TYR B 164 -5.01 40.79 2.77
C TYR B 164 -3.75 41.32 2.08
N GLU B 165 -3.26 42.49 2.51
CA GLU B 165 -2.13 43.12 1.85
C GLU B 165 -0.81 42.41 2.09
N SER B 166 -0.68 41.63 3.16
CA SER B 166 0.56 40.91 3.33
C SER B 166 0.54 39.62 2.52
N ALA B 167 -0.62 38.95 2.44
CA ALA B 167 -0.71 37.82 1.52
C ALA B 167 -0.65 38.28 0.07
N LYS B 168 -0.95 39.56 -0.17
CA LYS B 168 -0.95 40.12 -1.52
C LYS B 168 0.46 40.17 -2.12
N LYS B 169 1.50 39.84 -1.38
CA LYS B 169 2.84 39.81 -1.94
C LYS B 169 3.42 38.41 -2.02
N GLN B 170 2.58 37.38 -1.91
CA GLN B 170 3.03 36.02 -2.18
C GLN B 170 2.74 35.71 -3.66
N SER B 171 3.68 36.16 -4.49
CA SER B 171 3.51 36.16 -5.93
C SER B 171 3.82 34.81 -6.54
N GLY B 172 4.21 33.82 -5.75
CA GLY B 172 4.52 32.52 -6.28
C GLY B 172 3.27 31.76 -6.71
N GLY B 173 3.49 30.57 -7.26
CA GLY B 173 2.41 29.69 -7.63
C GLY B 173 2.15 29.73 -9.13
N LYS B 174 1.29 28.80 -9.56
CA LYS B 174 0.97 28.61 -10.98
C LYS B 174 -0.54 28.59 -11.16
N VAL B 175 -1.04 29.35 -12.13
CA VAL B 175 -2.46 29.31 -12.43
C VAL B 175 -2.77 28.00 -13.13
N ALA B 176 -3.80 27.29 -12.66
CA ALA B 176 -4.20 26.04 -13.30
C ALA B 176 -4.55 26.32 -14.76
N ASP B 177 -3.89 25.60 -15.66
CA ASP B 177 -4.02 25.89 -17.09
C ASP B 177 -4.59 24.70 -17.86
N TYR B 178 -5.05 23.66 -17.14
CA TYR B 178 -5.51 22.44 -17.81
C TYR B 178 -6.74 22.70 -18.65
N ILE B 179 -7.43 23.81 -18.40
CA ILE B 179 -8.50 24.31 -19.25
C ILE B 179 -8.07 25.69 -19.73
N PRO B 180 -8.46 26.11 -20.94
CA PRO B 180 -8.22 27.49 -21.37
C PRO B 180 -9.02 28.51 -20.54
N GLN B 181 -9.97 28.08 -19.70
CA GLN B 181 -10.83 29.04 -19.02
C GLN B 181 -10.24 29.55 -17.70
N LEU B 182 -9.61 28.68 -16.92
CA LEU B 182 -8.85 29.17 -15.78
C LEU B 182 -7.49 29.67 -16.20
N ALA B 183 -6.99 29.23 -17.35
CA ALA B 183 -5.71 29.73 -17.84
C ALA B 183 -5.79 31.21 -18.23
N LYS B 184 -6.97 31.71 -18.61
CA LYS B 184 -7.11 33.14 -18.93
C LYS B 184 -7.21 34.02 -17.70
N PHE B 185 -7.19 33.47 -16.49
CA PHE B 185 -7.32 34.28 -15.29
C PHE B 185 -5.95 34.79 -14.87
N SER B 186 -5.91 36.09 -14.52
CA SER B 186 -4.67 36.77 -14.18
C SER B 186 -4.15 36.33 -12.81
N PRO B 187 -2.84 36.21 -12.65
CA PRO B 187 -2.29 35.87 -11.33
C PRO B 187 -2.43 37.02 -10.31
N ASP B 188 -2.75 38.24 -10.75
CA ASP B 188 -2.82 39.39 -9.86
C ASP B 188 -4.20 39.64 -9.28
N LEU B 189 -5.17 38.76 -9.52
CA LEU B 189 -6.46 38.87 -8.85
C LEU B 189 -6.38 38.24 -7.47
N TRP B 190 -6.94 38.94 -6.49
CA TRP B 190 -6.87 38.47 -5.12
C TRP B 190 -7.93 39.23 -4.33
N GLY B 191 -8.88 38.51 -3.75
CA GLY B 191 -9.95 39.13 -3.01
C GLY B 191 -10.27 38.33 -1.77
N VAL B 192 -10.66 39.02 -0.72
CA VAL B 192 -11.09 38.40 0.54
C VAL B 192 -12.40 39.03 0.94
N SER B 193 -13.40 38.21 1.23
CA SER B 193 -14.69 38.72 1.65
C SER B 193 -15.11 38.04 2.94
N VAL B 194 -15.67 38.84 3.85
CA VAL B 194 -16.07 38.36 5.16
C VAL B 194 -17.55 38.61 5.33
N CYS B 195 -18.24 37.66 5.94
CA CYS B 195 -19.60 37.88 6.40
C CYS B 195 -19.73 37.14 7.74
N THR B 196 -20.05 37.85 8.81
CA THR B 196 -20.15 37.21 10.12
C THR B 196 -21.48 36.49 10.28
N ALA B 197 -21.61 35.81 11.43
CA ALA B 197 -22.86 35.12 11.75
C ALA B 197 -24.01 36.10 11.96
N ASP B 198 -23.72 37.40 12.10
CA ASP B 198 -24.76 38.42 12.29
C ASP B 198 -24.95 39.27 11.06
N GLY B 199 -24.16 39.06 10.01
CA GLY B 199 -24.32 39.77 8.76
C GLY B 199 -23.41 40.95 8.54
N GLN B 200 -22.48 41.23 9.46
CA GLN B 200 -21.52 42.29 9.23
C GLN B 200 -20.63 41.95 8.04
N ARG B 201 -20.43 42.92 7.15
CA ARG B 201 -19.73 42.60 5.91
C ARG B 201 -18.49 43.47 5.73
N HIS B 202 -17.48 42.84 5.14
CA HIS B 202 -16.29 43.56 4.70
C HIS B 202 -15.70 42.82 3.53
N SER B 203 -15.23 43.56 2.54
CA SER B 203 -14.56 42.96 1.41
C SER B 203 -13.35 43.81 1.08
N THR B 204 -12.34 43.18 0.48
CA THR B 204 -11.10 43.85 0.11
C THR B 204 -10.50 43.12 -1.07
N GLY B 205 -10.05 43.88 -2.08
CA GLY B 205 -9.53 43.32 -3.32
C GLY B 205 -10.57 43.10 -4.41
N ASP B 206 -10.29 42.16 -5.31
CA ASP B 206 -11.17 41.88 -6.46
C ASP B 206 -12.25 40.89 -6.03
N THR B 207 -13.21 41.38 -5.26
CA THR B 207 -14.17 40.52 -4.60
C THR B 207 -15.51 40.40 -5.32
N LYS B 208 -15.69 41.10 -6.45
CA LYS B 208 -16.91 40.98 -7.26
C LYS B 208 -16.67 40.34 -8.62
N VAL B 209 -15.51 39.73 -8.82
CA VAL B 209 -15.19 39.06 -10.09
C VAL B 209 -15.71 37.62 -10.01
N PRO B 210 -16.57 37.21 -10.94
CA PRO B 210 -17.00 35.79 -10.93
C PRO B 210 -15.86 34.85 -11.25
N PHE B 211 -15.96 33.65 -10.68
CA PHE B 211 -15.06 32.53 -10.89
C PHE B 211 -15.81 31.27 -10.46
N CYS B 212 -15.33 30.11 -10.90
CA CYS B 212 -16.10 28.90 -10.63
C CYS B 212 -15.70 28.30 -9.29
N LEU B 213 -16.63 27.56 -8.72
CA LEU B 213 -16.35 26.98 -7.42
C LEU B 213 -15.36 25.85 -7.59
N GLN B 214 -15.41 25.21 -8.76
CA GLN B 214 -14.72 23.97 -9.00
C GLN B 214 -14.98 23.07 -7.82
N SER B 215 -13.92 22.69 -7.11
CA SER B 215 -13.98 21.68 -6.07
C SER B 215 -14.44 22.23 -4.72
N CYS B 216 -14.61 23.57 -4.59
CA CYS B 216 -15.30 24.18 -3.45
C CYS B 216 -16.78 23.86 -3.40
N VAL B 217 -17.32 23.25 -4.46
CA VAL B 217 -18.74 22.93 -4.46
C VAL B 217 -19.04 21.68 -3.63
N LYS B 218 -18.03 20.86 -3.35
CA LYS B 218 -18.31 19.56 -2.74
C LYS B 218 -19.00 19.67 -1.38
N PRO B 219 -18.53 20.48 -0.42
CA PRO B 219 -19.26 20.53 0.85
C PRO B 219 -20.66 21.07 0.68
N LEU B 220 -20.82 22.06 -0.20
CA LEU B 220 -22.14 22.64 -0.44
C LEU B 220 -23.11 21.55 -0.89
N LYS B 221 -22.70 20.72 -1.86
CA LYS B 221 -23.61 19.67 -2.32
C LYS B 221 -23.73 18.53 -1.31
N TYR B 222 -22.65 18.20 -0.58
CA TYR B 222 -22.76 17.26 0.52
C TYR B 222 -23.80 17.74 1.52
N ALA B 223 -23.74 19.03 1.87
CA ALA B 223 -24.71 19.56 2.82
C ALA B 223 -26.14 19.31 2.33
N ILE B 224 -26.39 19.61 1.05
CA ILE B 224 -27.74 19.47 0.51
C ILE B 224 -28.18 18.02 0.60
N ALA B 225 -27.28 17.09 0.27
CA ALA B 225 -27.62 15.67 0.24
C ALA B 225 -28.02 15.18 1.63
N VAL B 226 -27.19 15.50 2.65
CA VAL B 226 -27.51 15.15 4.02
C VAL B 226 -28.71 15.93 4.49
N ASN B 227 -28.81 17.21 4.10
CA ASN B 227 -29.99 18.00 4.43
C ASN B 227 -31.28 17.35 3.94
N ASP B 228 -31.24 16.72 2.76
CA ASP B 228 -32.44 16.17 2.16
C ASP B 228 -32.66 14.70 2.49
N LEU B 229 -31.61 13.94 2.79
CA LEU B 229 -31.73 12.49 2.93
C LEU B 229 -31.29 11.96 4.28
N GLY B 230 -30.47 12.68 5.03
CA GLY B 230 -30.00 12.25 6.33
C GLY B 230 -28.58 11.68 6.28
N THR B 231 -27.88 11.75 7.41
CA THR B 231 -26.51 11.24 7.50
C THR B 231 -26.41 9.77 7.12
N GLU B 232 -27.30 8.93 7.65
CA GLU B 232 -27.08 7.50 7.57
C GLU B 232 -27.24 7.05 6.12
N TYR B 233 -28.26 7.56 5.40
CA TYR B 233 -28.41 7.21 3.97
C TYR B 233 -27.20 7.66 3.17
N VAL B 234 -26.82 8.93 3.31
CA VAL B 234 -25.70 9.44 2.51
C VAL B 234 -24.45 8.59 2.71
N HIS B 235 -24.15 8.21 3.95
CA HIS B 235 -22.90 7.52 4.22
C HIS B 235 -22.97 6.00 4.04
N ARG B 236 -24.02 5.50 3.38
CA ARG B 236 -23.91 4.17 2.80
C ARG B 236 -23.15 4.17 1.50
N TYR B 237 -22.96 5.34 0.91
CA TYR B 237 -22.34 5.48 -0.41
C TYR B 237 -21.01 6.20 -0.35
N VAL B 238 -20.69 6.86 0.75
CA VAL B 238 -19.50 7.68 0.91
C VAL B 238 -18.99 7.49 2.33
N GLY B 239 -17.68 7.38 2.48
CA GLY B 239 -17.08 7.25 3.78
C GLY B 239 -17.13 8.55 4.55
N LYS B 240 -16.51 8.53 5.75
CA LYS B 240 -16.50 9.72 6.60
C LYS B 240 -15.13 10.06 7.17
N GLU B 241 -14.05 9.56 6.61
CA GLU B 241 -12.70 9.83 7.08
C GLU B 241 -11.80 10.24 5.92
N PRO B 242 -10.62 10.75 6.22
CA PRO B 242 -9.63 10.97 5.15
C PRO B 242 -8.81 9.71 4.85
N SER B 243 -8.39 9.61 3.59
CA SER B 243 -7.67 8.45 3.04
C SER B 243 -6.37 8.13 3.80
N GLY B 244 -5.43 9.09 3.84
CA GLY B 244 -4.04 8.82 4.16
C GLY B 244 -3.17 9.42 3.07
N LEU B 245 -2.11 10.13 3.44
CA LEU B 245 -1.50 11.11 2.52
C LEU B 245 -0.93 10.51 1.24
N ARG B 246 -0.78 9.19 1.13
CA ARG B 246 -0.41 8.62 -0.16
C ARG B 246 -1.51 7.71 -0.69
N PHE B 247 -2.74 8.01 -0.30
CA PHE B 247 -3.91 7.34 -0.86
C PHE B 247 -4.77 8.31 -1.63
N ASN B 248 -4.20 9.43 -2.06
CA ASN B 248 -4.85 10.33 -3.00
C ASN B 248 -5.04 9.68 -4.36
N LYS B 249 -4.48 8.50 -4.55
CA LYS B 249 -4.49 7.81 -5.83
C LYS B 249 -5.47 6.66 -5.87
N LEU B 250 -6.00 6.24 -4.72
CA LEU B 250 -7.03 5.23 -4.70
C LEU B 250 -8.40 5.92 -4.71
N PHE B 251 -9.41 5.19 -5.18
CA PHE B 251 -10.76 5.74 -5.23
C PHE B 251 -11.61 5.31 -4.04
N LEU B 252 -11.43 4.07 -3.57
CA LEU B 252 -12.28 3.43 -2.57
C LEU B 252 -11.48 3.09 -1.33
N ASN B 253 -12.14 3.14 -0.17
CA ASN B 253 -11.64 2.62 1.10
C ASN B 253 -11.94 1.11 1.14
N GLU B 254 -11.78 0.40 2.26
CA GLU B 254 -12.10 -1.02 2.08
C GLU B 254 -13.58 -1.33 2.20
N ASP B 255 -14.45 -0.39 2.45
CA ASP B 255 -15.85 -0.79 2.35
C ASP B 255 -16.37 -0.57 0.94
N ASP B 256 -15.46 -0.37 -0.02
CA ASP B 256 -15.78 -0.17 -1.42
C ASP B 256 -16.61 1.08 -1.64
N LYS B 257 -16.61 1.97 -0.63
CA LYS B 257 -17.14 3.32 -0.56
C LYS B 257 -16.01 4.31 -0.78
N PRO B 258 -16.22 5.39 -1.50
CA PRO B 258 -15.19 6.44 -1.54
C PRO B 258 -14.97 7.04 -0.16
N HIS B 259 -13.77 7.60 0.01
CA HIS B 259 -13.29 7.85 1.37
C HIS B 259 -14.08 8.94 2.07
N ASN B 260 -14.54 9.95 1.32
CA ASN B 260 -15.22 11.08 1.91
C ASN B 260 -15.71 12.03 0.81
N PRO B 261 -16.71 12.88 1.08
CA PRO B 261 -17.29 13.72 0.03
C PRO B 261 -16.37 14.78 -0.54
N MET B 262 -15.18 14.99 0.01
CA MET B 262 -14.38 16.11 -0.42
C MET B 262 -13.39 15.74 -1.53
N VAL B 263 -13.33 14.47 -1.91
CA VAL B 263 -12.52 14.01 -3.03
C VAL B 263 -13.42 13.63 -4.21
N ASN B 264 -12.82 13.60 -5.42
CA ASN B 264 -13.58 13.40 -6.64
C ASN B 264 -14.42 12.13 -6.59
N ALA B 265 -13.90 11.07 -5.98
CA ALA B 265 -14.67 9.84 -5.90
C ALA B 265 -15.96 10.05 -5.11
N GLY B 266 -15.85 10.58 -3.89
CA GLY B 266 -17.02 10.79 -3.05
C GLY B 266 -17.93 11.88 -3.58
N ALA B 267 -17.33 12.93 -4.15
CA ALA B 267 -18.13 13.97 -4.78
C ALA B 267 -19.02 13.40 -5.87
N ILE B 268 -18.43 12.60 -6.79
CA ILE B 268 -19.20 11.94 -7.84
C ILE B 268 -20.30 11.08 -7.23
N VAL B 269 -20.01 10.39 -6.12
CA VAL B 269 -21.05 9.61 -5.49
C VAL B 269 -22.10 10.51 -4.83
N VAL B 270 -21.68 11.60 -4.18
CA VAL B 270 -22.66 12.48 -3.52
C VAL B 270 -23.57 13.11 -4.55
N THR B 271 -22.98 13.63 -5.64
CA THR B 271 -23.75 14.08 -6.78
C THR B 271 -24.81 13.06 -7.17
N SER B 272 -24.52 11.78 -7.03
CA SER B 272 -25.44 10.72 -7.40
C SER B 272 -26.71 10.64 -6.54
N LEU B 273 -26.73 11.26 -5.37
CA LEU B 273 -27.81 11.07 -4.40
C LEU B 273 -28.88 12.17 -4.43
N ILE B 274 -28.51 13.36 -4.90
CA ILE B 274 -29.37 14.53 -4.86
C ILE B 274 -30.47 14.41 -5.90
N LYS B 275 -31.73 14.52 -5.45
CA LYS B 275 -32.88 14.68 -6.33
C LYS B 275 -32.97 13.56 -7.37
N GLN B 276 -32.85 12.33 -6.88
CA GLN B 276 -32.96 11.17 -7.77
C GLN B 276 -34.33 11.15 -8.44
N GLY B 277 -34.36 10.64 -9.67
CA GLY B 277 -35.59 10.45 -10.39
C GLY B 277 -36.06 11.64 -11.21
N VAL B 278 -35.43 12.81 -11.09
CA VAL B 278 -35.68 13.91 -12.01
C VAL B 278 -34.51 14.01 -12.98
N ASN B 279 -34.71 14.73 -14.08
CA ASN B 279 -33.68 14.89 -15.09
C ASN B 279 -32.58 15.83 -14.61
N ASN B 280 -31.50 15.89 -15.40
CA ASN B 280 -30.35 16.70 -15.03
C ASN B 280 -30.65 18.20 -15.05
N ALA B 281 -31.58 18.64 -15.89
CA ALA B 281 -31.91 20.06 -15.89
C ALA B 281 -32.61 20.46 -14.60
N GLU B 282 -33.56 19.63 -14.14
CA GLU B 282 -34.24 19.93 -12.88
C GLU B 282 -33.30 19.75 -11.69
N LYS B 283 -32.46 18.71 -11.70
CA LYS B 283 -31.49 18.51 -10.63
C LYS B 283 -30.61 19.73 -10.45
N PHE B 284 -30.06 20.25 -11.55
CA PHE B 284 -29.27 21.48 -11.48
C PHE B 284 -30.10 22.66 -10.95
N ASP B 285 -31.34 22.80 -11.42
CA ASP B 285 -32.25 23.83 -10.92
C ASP B 285 -32.36 23.79 -9.39
N TYR B 286 -32.53 22.59 -8.84
CA TYR B 286 -32.71 22.44 -7.40
C TYR B 286 -31.47 22.90 -6.64
N VAL B 287 -30.28 22.55 -7.15
CA VAL B 287 -29.04 22.98 -6.51
C VAL B 287 -28.88 24.49 -6.61
N MET B 288 -29.28 25.08 -7.74
CA MET B 288 -29.17 26.53 -7.87
C MET B 288 -30.11 27.23 -6.89
N GLN B 289 -31.35 26.75 -6.78
CA GLN B 289 -32.26 27.32 -5.78
C GLN B 289 -31.72 27.13 -4.37
N PHE B 290 -31.11 25.97 -4.09
CA PHE B 290 -30.52 25.73 -2.79
C PHE B 290 -29.32 26.63 -2.56
N LEU B 291 -28.41 26.67 -3.53
CA LEU B 291 -27.26 27.56 -3.37
C LEU B 291 -27.67 29.03 -3.37
N ASN B 292 -28.84 29.37 -3.93
CA ASN B 292 -29.30 30.74 -3.87
C ASN B 292 -29.66 31.12 -2.44
N LYS B 293 -30.38 30.25 -1.72
CA LYS B 293 -30.73 30.56 -0.34
C LYS B 293 -29.49 30.63 0.57
N MET B 294 -28.47 29.81 0.29
CA MET B 294 -27.27 29.81 1.13
C MET B 294 -26.52 31.14 1.04
N ALA B 295 -26.55 31.77 -0.12
CA ALA B 295 -25.89 33.06 -0.28
C ALA B 295 -26.88 34.22 -0.10
N GLY B 296 -28.07 33.94 0.43
CA GLY B 296 -29.02 35.03 0.64
C GLY B 296 -29.32 35.79 -0.64
N ASN B 297 -29.36 35.08 -1.76
CA ASN B 297 -29.72 35.61 -3.08
C ASN B 297 -28.68 36.58 -3.60
N GLU B 298 -27.45 36.49 -3.11
CA GLU B 298 -26.34 37.18 -3.72
C GLU B 298 -25.90 36.36 -4.93
N TYR B 299 -24.80 36.74 -5.58
CA TYR B 299 -24.48 36.25 -6.94
C TYR B 299 -24.13 34.76 -6.98
N VAL B 300 -24.95 33.98 -7.68
CA VAL B 300 -24.60 32.63 -8.08
C VAL B 300 -24.83 32.51 -9.59
N GLY B 301 -23.80 32.09 -10.32
CA GLY B 301 -23.90 31.99 -11.77
C GLY B 301 -23.45 30.66 -12.37
N PHE B 302 -23.05 30.67 -13.65
CA PHE B 302 -22.66 29.42 -14.30
C PHE B 302 -21.84 29.71 -15.55
N SER B 303 -20.71 29.03 -15.68
CA SER B 303 -19.84 29.17 -16.86
C SER B 303 -20.02 27.94 -17.73
N ASN B 304 -20.71 28.12 -18.86
CA ASN B 304 -20.81 27.05 -19.84
C ASN B 304 -19.44 26.69 -20.41
N ALA B 305 -18.59 27.71 -20.60
CA ALA B 305 -17.27 27.50 -21.20
C ALA B 305 -16.46 26.50 -20.42
N THR B 306 -16.31 26.76 -19.11
CA THR B 306 -15.59 25.82 -18.26
C THR B 306 -16.32 24.48 -18.19
N PHE B 307 -17.64 24.48 -18.41
CA PHE B 307 -18.36 23.22 -18.40
C PHE B 307 -17.88 22.33 -19.53
N GLN B 308 -17.87 22.86 -20.75
CA GLN B 308 -17.47 22.06 -21.90
C GLN B 308 -16.03 21.59 -21.80
N SER B 309 -15.13 22.46 -21.32
CA SER B 309 -13.74 22.05 -21.24
C SER B 309 -13.53 21.04 -20.12
N GLU B 310 -14.39 21.04 -19.11
CA GLU B 310 -14.33 19.97 -18.14
C GLU B 310 -14.91 18.67 -18.68
N ARG B 311 -15.90 18.73 -19.56
CA ARG B 311 -16.46 17.47 -20.04
C ARG B 311 -15.56 16.81 -21.08
N GLU B 312 -14.83 17.60 -21.86
CA GLU B 312 -13.93 17.07 -22.88
C GLU B 312 -12.59 16.61 -22.31
N SER B 313 -12.27 17.01 -21.08
CA SER B 313 -10.98 16.79 -20.46
C SER B 313 -11.07 15.92 -19.21
N GLY B 314 -12.25 15.42 -18.89
CA GLY B 314 -12.40 14.75 -17.61
C GLY B 314 -12.07 13.27 -17.69
N ASP B 315 -10.92 12.95 -18.29
CA ASP B 315 -10.53 11.56 -18.46
C ASP B 315 -10.49 10.84 -17.11
N ARG B 316 -9.88 11.47 -16.09
CA ARG B 316 -9.86 10.84 -14.77
C ARG B 316 -11.24 10.71 -14.16
N ASN B 317 -12.14 11.64 -14.49
CA ASN B 317 -13.46 11.58 -13.88
C ASN B 317 -14.28 10.43 -14.46
N PHE B 318 -14.25 10.25 -15.78
CA PHE B 318 -14.88 9.05 -16.35
C PHE B 318 -14.27 7.77 -15.79
N ALA B 319 -12.93 7.73 -15.71
CA ALA B 319 -12.26 6.60 -15.08
C ALA B 319 -12.88 6.31 -13.72
N ILE B 320 -13.12 7.36 -12.93
CA ILE B 320 -13.72 7.14 -11.62
C ILE B 320 -15.16 6.68 -11.76
N GLY B 321 -15.88 7.25 -12.73
CA GLY B 321 -17.28 6.84 -12.90
C GLY B 321 -17.38 5.38 -13.27
N TYR B 322 -16.57 4.94 -14.24
CA TYR B 322 -16.65 3.53 -14.61
C TYR B 322 -16.20 2.64 -13.45
N TYR B 323 -15.10 2.98 -12.78
CA TYR B 323 -14.69 2.20 -11.61
C TYR B 323 -15.83 2.13 -10.59
N LEU B 324 -16.48 3.27 -10.34
CA LEU B 324 -17.58 3.29 -9.38
C LEU B 324 -18.75 2.45 -9.87
N LYS B 325 -19.02 2.47 -11.18
CA LYS B 325 -20.10 1.68 -11.76
C LYS B 325 -19.87 0.17 -11.59
N GLU B 326 -18.65 -0.29 -11.91
CA GLU B 326 -18.37 -1.72 -11.82
C GLU B 326 -18.45 -2.20 -10.37
N LYS B 327 -17.98 -1.39 -9.42
CA LYS B 327 -17.95 -1.82 -8.03
C LYS B 327 -19.26 -1.53 -7.33
N LYS B 328 -20.30 -1.13 -8.09
CA LYS B 328 -21.68 -0.94 -7.62
C LYS B 328 -21.77 0.03 -6.43
N CYS B 329 -21.29 1.27 -6.66
CA CYS B 329 -21.26 2.30 -5.62
C CYS B 329 -22.33 3.39 -5.78
N PHE B 330 -23.10 3.38 -6.85
CA PHE B 330 -24.21 4.30 -7.04
C PHE B 330 -25.53 3.64 -6.65
N PRO B 331 -26.55 4.42 -6.32
CA PRO B 331 -27.85 3.84 -6.02
C PRO B 331 -28.52 3.30 -7.27
N GLU B 332 -29.50 2.43 -7.04
CA GLU B 332 -30.14 1.70 -8.13
C GLU B 332 -30.64 2.67 -9.18
N GLY B 333 -30.61 2.24 -10.43
CA GLY B 333 -31.13 3.06 -11.50
C GLY B 333 -30.34 4.31 -11.81
N THR B 334 -29.08 4.37 -11.39
CA THR B 334 -28.24 5.51 -11.74
C THR B 334 -27.80 5.42 -13.20
N ASP B 335 -27.88 6.54 -13.90
CA ASP B 335 -27.21 6.71 -15.20
C ASP B 335 -25.85 7.34 -14.93
N MET B 336 -24.79 6.53 -15.01
CA MET B 336 -23.47 7.00 -14.61
C MET B 336 -23.00 8.20 -15.44
N VAL B 337 -23.08 8.12 -16.77
CA VAL B 337 -22.51 9.18 -17.61
C VAL B 337 -23.29 10.50 -17.45
N GLY B 338 -24.58 10.45 -17.14
CA GLY B 338 -25.28 11.69 -16.83
C GLY B 338 -24.80 12.32 -15.53
N ILE B 339 -24.56 11.50 -14.51
CA ILE B 339 -24.06 12.01 -13.25
C ILE B 339 -22.75 12.76 -13.46
N LEU B 340 -21.92 12.29 -14.38
CA LEU B 340 -20.65 12.98 -14.60
C LEU B 340 -20.89 14.32 -15.26
N ASP B 341 -21.91 14.40 -16.10
CA ASP B 341 -22.30 15.65 -16.75
C ASP B 341 -22.90 16.61 -15.75
N PHE B 342 -23.73 16.12 -14.83
CA PHE B 342 -24.19 16.96 -13.72
C PHE B 342 -23.02 17.45 -12.88
N TYR B 343 -22.03 16.57 -12.62
CA TYR B 343 -20.87 16.93 -11.79
C TYR B 343 -20.06 18.04 -12.44
N PHE B 344 -19.71 17.87 -13.72
CA PHE B 344 -19.01 18.94 -14.42
C PHE B 344 -19.83 20.24 -14.41
N GLN B 345 -21.15 20.12 -14.37
CA GLN B 345 -21.97 21.32 -14.28
C GLN B 345 -21.76 22.00 -12.94
N LEU B 346 -21.93 21.26 -11.84
CA LEU B 346 -21.81 21.84 -10.50
C LEU B 346 -20.45 22.48 -10.26
N CYS B 347 -19.39 22.05 -10.96
CA CYS B 347 -18.07 22.66 -10.73
C CYS B 347 -17.86 23.95 -11.50
N SER B 348 -18.77 24.29 -12.40
CA SER B 348 -18.69 25.55 -13.11
C SER B 348 -19.91 26.41 -12.80
N ILE B 349 -20.45 26.24 -11.59
CA ILE B 349 -21.27 27.25 -10.95
C ILE B 349 -20.37 28.42 -10.58
N GLU B 350 -20.80 29.63 -10.89
CA GLU B 350 -19.95 30.79 -10.66
C GLU B 350 -20.41 31.50 -9.40
N VAL B 351 -19.42 32.00 -8.65
CA VAL B 351 -19.62 32.83 -7.47
C VAL B 351 -18.68 34.03 -7.60
N THR B 352 -18.85 34.96 -6.67
CA THR B 352 -17.83 35.98 -6.41
C THR B 352 -17.27 35.76 -5.01
N CYS B 353 -16.37 36.65 -4.62
CA CYS B 353 -15.84 36.53 -3.27
C CYS B 353 -16.90 36.91 -2.28
N GLU B 354 -17.78 37.84 -2.68
CA GLU B 354 -18.79 38.29 -1.75
C GLU B 354 -19.91 37.28 -1.63
N SER B 355 -20.52 36.89 -2.74
CA SER B 355 -21.65 35.98 -2.62
C SER B 355 -21.24 34.71 -1.89
N ALA B 356 -20.09 34.14 -2.24
CA ALA B 356 -19.76 32.85 -1.65
C ALA B 356 -19.40 32.97 -0.16
N SER B 357 -18.85 34.11 0.26
CA SER B 357 -18.61 34.30 1.68
C SER B 357 -19.90 34.22 2.49
N VAL B 358 -21.04 34.57 1.88
CA VAL B 358 -22.30 34.44 2.59
C VAL B 358 -22.68 32.96 2.74
N MET B 359 -22.46 32.16 1.70
CA MET B 359 -22.73 30.73 1.85
C MET B 359 -21.90 30.17 2.97
N ALA B 360 -20.64 30.63 3.07
CA ALA B 360 -19.72 30.20 4.12
C ALA B 360 -20.21 30.63 5.49
N ALA B 361 -20.83 31.81 5.57
CA ALA B 361 -21.42 32.23 6.83
C ALA B 361 -22.66 31.40 7.16
N THR B 362 -23.35 30.87 6.16
CA THR B 362 -24.51 30.04 6.44
C THR B 362 -24.13 28.82 7.25
N LEU B 363 -22.96 28.23 6.95
CA LEU B 363 -22.43 27.08 7.69
C LEU B 363 -21.83 27.50 9.03
N ALA B 364 -21.23 28.69 9.09
CA ALA B 364 -20.80 29.21 10.38
C ALA B 364 -21.98 29.44 11.34
N ASN B 365 -23.22 29.45 10.83
CA ASN B 365 -24.37 29.90 11.59
C ASN B 365 -25.41 28.79 11.83
N GLY B 366 -24.96 27.53 11.92
CA GLY B 366 -25.88 26.43 12.20
C GLY B 366 -26.89 26.11 11.12
N GLY B 367 -26.69 26.66 9.92
CA GLY B 367 -27.58 26.45 8.80
C GLY B 367 -28.57 27.58 8.54
N PHE B 368 -28.48 28.69 9.27
CA PHE B 368 -29.35 29.83 9.06
C PHE B 368 -28.56 30.91 8.33
N CYS B 369 -29.02 31.29 7.13
CA CYS B 369 -28.45 32.40 6.38
C CYS B 369 -28.40 33.73 7.17
N PRO B 370 -27.20 34.29 7.41
CA PRO B 370 -27.10 35.50 8.26
C PRO B 370 -27.71 36.76 7.68
N ILE B 371 -27.88 36.90 6.36
CA ILE B 371 -28.41 38.13 5.82
C ILE B 371 -29.87 37.98 5.40
N THR B 372 -30.48 36.83 5.66
CA THR B 372 -31.91 36.66 5.47
C THR B 372 -32.62 36.04 6.66
N GLY B 373 -31.91 35.30 7.52
CA GLY B 373 -32.55 34.66 8.65
C GLY B 373 -33.30 33.38 8.33
N GLU B 374 -33.27 32.92 7.09
CA GLU B 374 -33.93 31.68 6.73
C GLU B 374 -33.09 30.47 7.11
N ARG B 375 -33.77 29.42 7.59
CA ARG B 375 -33.13 28.13 7.76
C ARG B 375 -32.93 27.46 6.40
N VAL B 376 -31.66 27.25 6.02
CA VAL B 376 -31.31 26.69 4.73
C VAL B 376 -30.80 25.25 4.83
N LEU B 377 -30.09 24.90 5.91
CA LEU B 377 -29.55 23.57 6.10
C LEU B 377 -29.85 23.11 7.51
N SER B 378 -30.13 21.82 7.68
CA SER B 378 -30.34 21.26 8.99
C SER B 378 -29.02 21.21 9.75
N PRO B 379 -29.05 21.41 11.08
CA PRO B 379 -27.78 21.45 11.83
C PRO B 379 -26.99 20.17 11.71
N GLU B 380 -27.67 19.04 11.55
CA GLU B 380 -26.99 17.78 11.27
C GLU B 380 -26.17 17.88 9.97
N ALA B 381 -26.76 18.45 8.92
CA ALA B 381 -26.05 18.59 7.64
C ALA B 381 -24.86 19.53 7.73
N VAL B 382 -24.96 20.58 8.57
CA VAL B 382 -23.91 21.57 8.64
C VAL B 382 -22.79 21.08 9.54
N ARG B 383 -23.11 20.29 10.56
CA ARG B 383 -22.03 19.74 11.38
C ARG B 383 -21.21 18.75 10.57
N ASN B 384 -21.89 17.80 9.91
CA ASN B 384 -21.18 16.81 9.13
C ASN B 384 -20.28 17.48 8.13
N THR B 385 -20.80 18.47 7.40
CA THR B 385 -20.00 19.15 6.41
C THR B 385 -18.81 19.87 7.03
N LEU B 386 -19.01 20.49 8.21
CA LEU B 386 -17.88 21.18 8.84
C LEU B 386 -16.89 20.16 9.39
N SER B 387 -17.38 19.04 9.93
CA SER B 387 -16.48 17.96 10.33
C SER B 387 -15.62 17.54 9.15
N LEU B 388 -16.27 17.26 8.01
CA LEU B 388 -15.57 16.69 6.87
C LEU B 388 -14.74 17.70 6.10
N MET B 389 -15.05 19.00 6.20
CA MET B 389 -14.12 19.99 5.66
C MET B 389 -12.84 20.07 6.49
N HIS B 390 -12.98 19.98 7.82
CA HIS B 390 -11.82 20.01 8.71
C HIS B 390 -10.78 18.97 8.30
N SER B 391 -11.20 17.71 8.25
CA SER B 391 -10.30 16.58 7.97
C SER B 391 -9.78 16.61 6.54
N CYS B 392 -10.69 16.77 5.56
CA CYS B 392 -10.42 16.38 4.17
C CYS B 392 -10.50 17.53 3.18
N GLY B 393 -10.39 18.79 3.61
CA GLY B 393 -10.81 19.87 2.73
C GLY B 393 -9.76 20.50 1.82
N MET B 394 -8.47 20.23 1.99
CA MET B 394 -7.42 20.98 1.32
C MET B 394 -6.38 20.09 0.62
N TYR B 395 -6.84 19.02 -0.02
CA TYR B 395 -6.01 18.06 -0.80
C TYR B 395 -4.97 17.46 0.14
N ASP B 396 -3.71 17.29 -0.30
CA ASP B 396 -2.72 16.66 0.57
C ASP B 396 -2.25 17.60 1.67
N PHE B 397 -2.65 18.86 1.62
CA PHE B 397 -2.42 19.81 2.69
C PHE B 397 -3.51 19.77 3.75
N SER B 398 -4.47 18.84 3.68
CA SER B 398 -5.52 18.83 4.70
C SER B 398 -4.94 18.60 6.09
N GLY B 399 -4.09 17.59 6.25
CA GLY B 399 -3.58 17.26 7.58
C GLY B 399 -2.81 18.40 8.20
N GLN B 400 -1.86 18.97 7.45
CA GLN B 400 -1.06 20.08 7.96
C GLN B 400 -1.90 21.33 8.13
N PHE B 401 -2.86 21.55 7.23
CA PHE B 401 -3.73 22.71 7.37
C PHE B 401 -4.59 22.61 8.61
N ALA B 402 -5.10 21.41 8.93
CA ALA B 402 -5.95 21.30 10.12
C ALA B 402 -5.12 21.52 11.38
N PHE B 403 -3.89 21.00 11.41
CA PHE B 403 -3.03 21.22 12.54
C PHE B 403 -2.76 22.71 12.74
N HIS B 404 -2.23 23.38 11.72
CA HIS B 404 -1.78 24.75 11.93
C HIS B 404 -2.94 25.76 11.93
N VAL B 405 -3.94 25.58 11.09
CA VAL B 405 -5.02 26.57 10.95
C VAL B 405 -6.27 26.15 11.71
N GLY B 406 -6.56 24.86 11.72
CA GLY B 406 -7.69 24.36 12.49
C GLY B 406 -8.99 25.07 12.20
N LEU B 407 -9.29 25.33 10.93
CA LEU B 407 -10.57 25.90 10.53
C LEU B 407 -11.15 25.05 9.41
N PRO B 408 -12.44 24.75 9.44
CA PRO B 408 -13.05 24.05 8.28
C PRO B 408 -12.86 24.89 7.03
N ALA B 409 -12.35 24.27 5.98
CA ALA B 409 -12.06 25.03 4.79
C ALA B 409 -12.14 24.11 3.58
N LYS B 410 -12.35 24.69 2.41
CA LYS B 410 -12.33 23.88 1.20
C LYS B 410 -11.73 24.68 0.06
N SER B 411 -10.86 24.03 -0.71
CA SER B 411 -10.19 24.75 -1.78
C SER B 411 -10.70 24.30 -3.13
N GLY B 412 -10.31 25.05 -4.17
CA GLY B 412 -10.76 24.78 -5.51
C GLY B 412 -9.69 25.08 -6.54
N VAL B 413 -9.89 24.54 -7.73
CA VAL B 413 -8.87 24.61 -8.77
C VAL B 413 -8.71 26.01 -9.34
N ALA B 414 -9.76 26.84 -9.26
CA ALA B 414 -9.76 28.23 -9.69
C ALA B 414 -9.04 29.18 -8.74
N GLY B 415 -8.61 28.72 -7.57
CA GLY B 415 -7.97 29.55 -6.57
C GLY B 415 -8.87 30.03 -5.44
N GLY B 416 -10.03 29.40 -5.23
CA GLY B 416 -10.93 29.81 -4.18
C GLY B 416 -10.63 29.03 -2.92
N ILE B 417 -10.91 29.65 -1.77
CA ILE B 417 -10.89 28.91 -0.49
C ILE B 417 -12.09 29.34 0.30
N LEU B 418 -13.03 28.44 0.49
CA LEU B 418 -14.23 28.69 1.26
C LEU B 418 -13.90 28.34 2.69
N LEU B 419 -13.90 29.33 3.55
CA LEU B 419 -13.39 29.19 4.89
C LEU B 419 -14.50 29.46 5.88
N VAL B 420 -14.53 28.71 6.97
CA VAL B 420 -15.56 28.92 7.97
C VAL B 420 -14.88 29.09 9.32
N VAL B 421 -15.28 30.11 10.05
CA VAL B 421 -14.89 30.19 11.46
C VAL B 421 -16.16 30.01 12.27
N PRO B 422 -16.47 28.79 12.73
CA PRO B 422 -17.78 28.53 13.34
C PRO B 422 -18.12 29.51 14.46
N ASN B 423 -19.40 29.91 14.50
CA ASN B 423 -19.96 30.85 15.47
C ASN B 423 -19.36 32.25 15.36
N VAL B 424 -18.49 32.50 14.39
CA VAL B 424 -17.96 33.84 14.16
C VAL B 424 -18.29 34.32 12.77
N MET B 425 -17.73 33.67 11.75
CA MET B 425 -17.80 34.27 10.43
C MET B 425 -17.53 33.23 9.37
N GLY B 426 -17.97 33.55 8.15
CA GLY B 426 -17.71 32.76 6.95
C GLY B 426 -16.87 33.62 6.04
N MET B 427 -16.18 33.02 5.07
CA MET B 427 -15.21 33.76 4.27
C MET B 427 -15.07 33.12 2.89
N MET B 428 -14.58 33.90 1.92
CA MET B 428 -14.11 33.35 0.65
C MET B 428 -12.89 34.15 0.18
N CYS B 429 -11.80 33.43 -0.06
CA CYS B 429 -10.57 33.99 -0.60
C CYS B 429 -10.42 33.55 -2.05
N TRP B 430 -9.84 34.40 -2.88
CA TRP B 430 -9.67 34.00 -4.26
C TRP B 430 -8.41 34.64 -4.84
N SER B 431 -7.44 33.81 -5.20
CA SER B 431 -6.34 34.24 -6.05
C SER B 431 -6.08 33.01 -6.91
N PRO B 432 -5.99 33.17 -8.23
CA PRO B 432 -5.96 32.00 -9.11
C PRO B 432 -4.73 31.14 -8.93
N PRO B 433 -3.51 31.71 -8.80
CA PRO B 433 -2.31 30.86 -8.74
C PRO B 433 -2.35 29.86 -7.59
N LEU B 434 -2.18 28.59 -7.93
CA LEU B 434 -2.13 27.52 -6.94
C LEU B 434 -0.68 27.20 -6.58
N ASP B 435 -0.51 26.62 -5.40
CA ASP B 435 0.81 26.09 -5.06
C ASP B 435 0.86 24.68 -5.63
N LYS B 436 1.94 23.94 -5.33
CA LYS B 436 2.13 22.62 -5.93
C LYS B 436 1.23 21.56 -5.35
N MET B 437 0.41 21.89 -4.35
CA MET B 437 -0.58 20.97 -3.82
C MET B 437 -2.00 21.29 -4.27
N GLY B 438 -2.19 22.33 -5.09
CA GLY B 438 -3.51 22.67 -5.59
C GLY B 438 -4.25 23.76 -4.83
N ASN B 439 -3.59 24.40 -3.87
CA ASN B 439 -4.20 25.39 -2.98
C ASN B 439 -3.69 26.79 -3.30
N SER B 440 -4.60 27.76 -3.29
CA SER B 440 -4.25 29.12 -3.67
C SER B 440 -3.14 29.62 -2.78
N VAL B 441 -2.12 30.20 -3.40
CA VAL B 441 -0.95 30.64 -2.64
C VAL B 441 -1.35 31.73 -1.64
N LYS B 442 -1.85 32.86 -2.14
CA LYS B 442 -2.20 33.96 -1.24
C LYS B 442 -3.30 33.53 -0.30
N GLY B 443 -4.22 32.70 -0.80
CA GLY B 443 -5.29 32.21 0.05
C GLY B 443 -4.75 31.47 1.25
N ILE B 444 -3.78 30.57 1.02
CA ILE B 444 -3.20 29.77 2.12
C ILE B 444 -2.37 30.64 3.05
N HIS B 445 -1.62 31.59 2.49
CA HIS B 445 -0.84 32.51 3.30
C HIS B 445 -1.76 33.37 4.17
N PHE B 446 -2.90 33.76 3.62
CA PHE B 446 -3.87 34.53 4.39
C PHE B 446 -4.42 33.75 5.59
N CYS B 447 -4.75 32.46 5.40
CA CYS B 447 -5.40 31.70 6.46
C CYS B 447 -4.44 31.40 7.60
N HIS B 448 -3.14 31.37 7.30
CA HIS B 448 -2.14 31.21 8.35
C HIS B 448 -2.06 32.47 9.21
N ASP B 449 -1.85 33.62 8.57
CA ASP B 449 -1.80 34.89 9.28
C ASP B 449 -3.06 35.10 10.11
N LEU B 450 -4.22 34.70 9.57
CA LEU B 450 -5.47 34.97 10.29
C LEU B 450 -5.48 34.22 11.61
N VAL B 451 -5.16 32.93 11.59
CA VAL B 451 -5.12 32.15 12.83
C VAL B 451 -3.93 32.56 13.69
N SER B 452 -2.82 32.94 13.06
CA SER B 452 -1.74 33.53 13.82
C SER B 452 -2.22 34.71 14.66
N LEU B 453 -3.18 35.48 14.14
CA LEU B 453 -3.59 36.75 14.72
C LEU B 453 -4.72 36.64 15.73
N CYS B 454 -5.73 35.81 15.45
CA CYS B 454 -6.94 35.78 16.25
C CYS B 454 -7.13 34.37 16.81
N ASN B 455 -7.78 34.26 17.97
CA ASN B 455 -7.91 32.95 18.61
C ASN B 455 -9.00 32.13 17.95
N PHE B 456 -8.93 32.02 16.63
CA PHE B 456 -9.92 31.32 15.84
C PHE B 456 -9.58 29.88 15.57
N HIS B 457 -8.31 29.46 15.81
CA HIS B 457 -7.95 28.05 15.67
C HIS B 457 -8.93 27.22 16.45
N ASN B 458 -9.42 26.14 15.83
CA ASN B 458 -10.50 25.37 16.43
C ASN B 458 -10.24 25.00 17.88
N TYR B 459 -8.97 24.83 18.25
CA TYR B 459 -8.58 24.39 19.58
C TYR B 459 -7.76 25.44 20.31
N ASP B 460 -7.99 26.70 19.96
CA ASP B 460 -7.59 27.78 20.84
C ASP B 460 -8.45 27.72 22.08
N ASN B 461 -8.00 28.38 23.14
CA ASN B 461 -8.81 28.52 24.35
C ASN B 461 -9.44 29.90 24.34
N LEU B 462 -10.74 29.98 24.64
CA LEU B 462 -11.36 31.30 24.58
C LEU B 462 -11.01 32.17 25.78
N ARG B 463 -10.42 31.60 26.83
CA ARG B 463 -10.08 32.35 28.03
C ARG B 463 -8.59 32.66 28.12
N HIS B 464 -7.73 31.67 27.94
CA HIS B 464 -6.29 31.89 28.02
C HIS B 464 -5.72 31.60 26.64
N PHE B 465 -5.28 32.64 25.93
CA PHE B 465 -4.81 32.47 24.57
C PHE B 465 -3.60 33.34 24.25
N ALA B 466 -2.77 33.59 25.24
CA ALA B 466 -1.43 34.16 25.04
C ALA B 466 -1.59 35.53 24.37
N LYS B 467 -0.78 35.84 23.36
CA LYS B 467 -0.72 37.18 22.79
C LYS B 467 -1.65 37.33 21.59
N LYS B 468 -2.53 36.36 21.37
CA LYS B 468 -3.46 36.45 20.27
C LYS B 468 -4.56 37.48 20.58
N LEU B 469 -5.19 37.94 19.52
CA LEU B 469 -6.33 38.84 19.57
C LEU B 469 -7.65 38.03 19.55
N ASP B 470 -8.67 38.55 20.23
CA ASP B 470 -10.03 37.99 20.12
C ASP B 470 -10.99 39.06 19.64
N PRO B 471 -11.47 39.00 18.40
CA PRO B 471 -12.42 40.00 17.92
C PRO B 471 -13.80 39.92 18.54
N ARG B 472 -14.14 38.83 19.23
CA ARG B 472 -15.46 38.75 19.82
C ARG B 472 -15.59 39.50 21.13
N ARG B 473 -14.52 40.12 21.64
CA ARG B 473 -14.63 40.87 22.87
C ARG B 473 -14.20 42.31 22.71
N GLU B 474 -14.50 43.11 23.75
CA GLU B 474 -14.38 44.56 23.69
C GLU B 474 -13.05 45.07 24.23
N GLY B 475 -12.94 45.29 25.54
CA GLY B 475 -11.70 45.78 26.14
C GLY B 475 -10.79 44.69 26.67
N PRO C 66 -20.57 49.89 49.34
CA PRO C 66 -20.72 48.47 49.02
C PRO C 66 -19.45 47.70 49.30
N SER C 67 -19.52 46.37 49.29
CA SER C 67 -18.34 45.53 49.37
C SER C 67 -18.75 44.05 49.33
N LEU C 68 -17.88 43.19 48.76
CA LEU C 68 -18.28 41.91 48.14
C LEU C 68 -18.83 40.88 49.14
N GLU C 69 -18.11 40.69 50.26
CA GLU C 69 -18.54 39.74 51.28
C GLU C 69 -19.89 40.14 51.83
N ASP C 70 -20.18 41.44 51.85
CA ASP C 70 -21.45 41.90 52.39
C ASP C 70 -22.61 41.60 51.45
N LEU C 71 -22.50 41.97 50.17
CA LEU C 71 -23.59 41.66 49.25
C LEU C 71 -23.86 40.17 49.13
N LEU C 72 -22.81 39.32 49.17
CA LEU C 72 -23.17 37.92 49.03
C LEU C 72 -23.91 37.47 50.28
N PHE C 73 -23.51 38.04 51.42
CA PHE C 73 -24.13 37.67 52.68
C PHE C 73 -25.63 37.79 52.56
N TYR C 74 -26.09 38.87 51.95
CA TYR C 74 -27.53 39.03 51.81
C TYR C 74 -28.11 37.99 50.84
N THR C 75 -27.36 37.59 49.80
CA THR C 75 -27.87 36.56 48.90
C THR C 75 -28.08 35.22 49.61
N ILE C 76 -27.19 34.84 50.52
CA ILE C 76 -27.38 33.57 51.22
C ILE C 76 -28.18 33.77 52.49
N ALA C 77 -28.16 34.96 53.07
CA ALA C 77 -28.78 35.19 54.37
C ALA C 77 -30.29 35.01 54.35
N GLU C 78 -30.92 35.21 53.18
CA GLU C 78 -32.38 35.20 53.02
C GLU C 78 -33.05 36.46 53.53
N GLY C 79 -32.28 37.46 53.97
CA GLY C 79 -32.90 38.42 54.83
C GLY C 79 -33.01 37.93 56.28
N GLN C 80 -32.52 36.74 56.61
CA GLN C 80 -32.58 36.25 57.99
C GLN C 80 -31.37 36.81 58.73
N GLU C 81 -31.33 36.59 60.03
CA GLU C 81 -30.17 36.54 60.91
C GLU C 81 -28.83 36.75 60.25
N LYS C 82 -28.16 35.62 60.47
CA LYS C 82 -26.85 35.11 60.22
C LYS C 82 -27.11 33.80 59.48
N ILE C 83 -26.13 33.30 58.75
CA ILE C 83 -26.28 32.10 57.93
C ILE C 83 -25.80 30.89 58.75
N PRO C 84 -26.65 29.89 58.99
CA PRO C 84 -26.13 28.64 59.55
C PRO C 84 -25.01 28.11 58.66
N VAL C 85 -23.96 27.59 59.30
CA VAL C 85 -22.75 27.31 58.55
C VAL C 85 -23.00 26.21 57.53
N HIS C 86 -23.85 25.23 57.87
CA HIS C 86 -24.18 24.18 56.91
C HIS C 86 -24.93 24.74 55.72
N LYS C 87 -25.83 25.70 55.97
CA LYS C 87 -26.54 26.33 54.88
C LYS C 87 -25.57 27.02 53.93
N PHE C 88 -24.50 27.59 54.47
CA PHE C 88 -23.48 28.11 53.59
C PHE C 88 -22.77 26.99 52.86
N ILE C 89 -22.51 25.87 53.54
CA ILE C 89 -21.69 24.80 52.94
C ILE C 89 -22.44 24.14 51.79
N THR C 90 -23.74 23.88 51.94
CA THR C 90 -24.44 23.21 50.86
C THR C 90 -24.77 24.17 49.73
N ALA C 91 -25.04 25.44 50.04
CA ALA C 91 -25.06 26.45 49.00
C ALA C 91 -23.73 26.47 48.24
N LEU C 92 -22.62 26.25 48.94
CA LEU C 92 -21.33 26.21 48.29
C LEU C 92 -21.22 24.97 47.40
N LYS C 93 -21.53 23.79 47.95
CA LYS C 93 -21.37 22.54 47.23
C LYS C 93 -22.28 22.49 46.00
N SER C 94 -23.43 23.18 46.09
CA SER C 94 -24.39 23.19 44.98
C SER C 94 -23.81 23.82 43.73
N THR C 95 -22.96 24.84 43.87
CA THR C 95 -22.17 25.28 42.73
C THR C 95 -21.43 24.14 42.07
N GLY C 96 -21.21 23.03 42.80
CA GLY C 96 -20.36 21.98 42.31
C GLY C 96 -18.94 22.01 42.82
N LEU C 97 -18.54 23.12 43.43
CA LEU C 97 -17.25 23.14 44.09
C LEU C 97 -17.28 22.13 45.23
N ARG C 98 -16.15 21.48 45.48
CA ARG C 98 -15.95 20.66 46.66
C ARG C 98 -15.27 21.50 47.72
N THR C 99 -15.63 21.28 49.00
CA THR C 99 -14.97 22.02 50.08
C THR C 99 -13.45 21.91 50.02
N SER C 100 -12.92 20.81 49.49
CA SER C 100 -11.49 20.60 49.43
C SER C 100 -10.78 21.42 48.36
N ASP C 101 -11.48 22.28 47.61
CA ASP C 101 -10.81 23.01 46.52
C ASP C 101 -9.62 23.79 47.07
N PRO C 102 -8.43 23.68 46.46
CA PRO C 102 -7.28 24.49 46.90
C PRO C 102 -7.50 25.99 46.82
N ARG C 103 -8.22 26.49 45.82
CA ARG C 103 -8.49 27.92 45.78
C ARG C 103 -9.41 28.36 46.90
N LEU C 104 -9.92 27.42 47.69
CA LEU C 104 -10.85 27.69 48.77
C LEU C 104 -10.29 27.43 50.15
N LYS C 105 -9.03 26.99 50.26
CA LYS C 105 -8.49 26.48 51.52
C LYS C 105 -8.55 27.53 52.65
N GLU C 106 -8.11 28.76 52.37
CA GLU C 106 -8.13 29.79 53.39
C GLU C 106 -9.54 30.00 53.98
N CYS C 107 -10.57 29.82 53.17
CA CYS C 107 -11.92 30.07 53.64
C CYS C 107 -12.44 28.93 54.50
N MET C 108 -12.06 27.70 54.17
CA MET C 108 -12.48 26.56 54.97
C MET C 108 -11.63 26.42 56.23
N ASP C 109 -10.40 26.92 56.19
CA ASP C 109 -9.59 26.99 57.41
C ASP C 109 -10.25 27.90 58.45
N MET C 110 -10.74 29.08 58.01
CA MET C 110 -11.34 30.03 58.94
C MET C 110 -12.70 29.55 59.46
N LEU C 111 -13.41 28.71 58.70
CA LEU C 111 -14.67 28.15 59.18
C LEU C 111 -14.43 27.05 60.19
N ARG C 112 -13.39 26.23 59.98
CA ARG C 112 -13.08 25.22 60.98
C ARG C 112 -12.53 25.85 62.27
N LEU C 113 -11.86 27.00 62.16
CA LEU C 113 -11.40 27.71 63.35
C LEU C 113 -12.57 28.23 64.17
N THR C 114 -13.47 28.99 63.54
CA THR C 114 -14.55 29.58 64.32
C THR C 114 -15.56 28.52 64.76
N LEU C 115 -15.59 27.37 64.08
CA LEU C 115 -16.38 26.24 64.58
C LEU C 115 -15.76 25.61 65.81
N GLN C 116 -14.58 26.09 66.22
CA GLN C 116 -13.97 25.78 67.50
C GLN C 116 -14.11 26.91 68.50
N THR C 117 -13.85 28.15 68.06
CA THR C 117 -13.88 29.33 68.94
C THR C 117 -15.17 29.40 69.75
N THR C 118 -16.34 29.14 69.16
CA THR C 118 -17.59 29.18 69.92
C THR C 118 -18.47 28.00 69.48
N SER C 119 -18.39 26.89 70.23
CA SER C 119 -19.11 25.67 69.89
C SER C 119 -20.60 25.69 70.17
N ASP C 120 -21.13 26.72 70.85
CA ASP C 120 -22.58 26.83 71.07
C ASP C 120 -23.13 27.87 70.11
N GLY C 121 -23.77 27.42 69.04
CA GLY C 121 -24.41 28.32 68.11
C GLY C 121 -23.50 28.54 66.93
N VAL C 122 -23.52 27.59 66.01
CA VAL C 122 -22.56 27.60 64.93
C VAL C 122 -23.11 28.40 63.75
N MET C 123 -23.51 29.64 63.98
CA MET C 123 -24.03 30.46 62.90
C MET C 123 -23.26 31.78 62.79
N LEU C 124 -23.11 32.24 61.55
CA LEU C 124 -22.23 33.34 61.18
C LEU C 124 -23.01 34.62 60.88
N ASP C 125 -22.72 35.68 61.62
CA ASP C 125 -23.30 36.98 61.29
C ASP C 125 -22.47 37.62 60.19
N LYS C 126 -22.84 38.85 59.83
CA LYS C 126 -22.28 39.51 58.66
C LYS C 126 -20.77 39.73 58.81
N ASP C 127 -20.32 40.06 60.03
CA ASP C 127 -18.90 40.27 60.29
C ASP C 127 -18.11 38.97 60.41
N LEU C 128 -18.74 37.92 60.93
CA LEU C 128 -18.00 36.67 61.06
C LEU C 128 -17.90 35.99 59.69
N PHE C 129 -18.99 35.94 58.94
CA PHE C 129 -18.94 35.50 57.55
C PHE C 129 -17.94 36.33 56.75
N LYS C 130 -17.86 37.64 57.05
CA LYS C 130 -17.01 38.52 56.26
C LYS C 130 -15.56 38.06 56.23
N LYS C 131 -14.97 37.73 57.39
CA LYS C 131 -13.54 37.42 57.40
C LYS C 131 -13.23 35.95 57.13
N CYS C 132 -14.24 35.11 56.89
CA CYS C 132 -14.01 33.72 56.50
C CYS C 132 -13.89 33.57 54.99
N VAL C 133 -14.67 34.33 54.24
CA VAL C 133 -14.66 34.29 52.79
C VAL C 133 -13.99 35.52 52.22
N GLN C 134 -13.51 36.41 53.08
CA GLN C 134 -12.73 37.57 52.67
C GLN C 134 -11.57 37.20 51.75
N SER C 135 -10.82 36.14 52.07
CA SER C 135 -9.62 35.83 51.28
C SER C 135 -9.93 35.22 49.92
N ASN C 136 -11.01 34.44 49.79
CA ASN C 136 -11.36 33.77 48.53
C ASN C 136 -12.65 34.32 47.92
N ILE C 137 -12.91 35.61 48.13
CA ILE C 137 -14.24 36.15 47.87
C ILE C 137 -14.54 36.20 46.38
N VAL C 138 -13.54 36.46 45.56
CA VAL C 138 -13.76 36.56 44.11
C VAL C 138 -14.26 35.24 43.55
N LEU C 139 -13.63 34.13 43.90
CA LEU C 139 -14.08 32.87 43.32
C LEU C 139 -15.41 32.44 43.94
N LEU C 140 -15.63 32.81 45.20
CA LEU C 140 -16.92 32.51 45.82
C LEU C 140 -18.05 33.26 45.13
N THR C 141 -17.75 34.40 44.52
CA THR C 141 -18.84 35.18 43.97
C THR C 141 -19.23 34.64 42.59
N GLN C 142 -18.24 34.32 41.74
CA GLN C 142 -18.56 33.67 40.47
C GLN C 142 -19.32 32.39 40.73
N ALA C 143 -19.03 31.72 41.86
CA ALA C 143 -19.74 30.51 42.25
C ALA C 143 -21.19 30.79 42.59
N PHE C 144 -21.43 31.85 43.38
CA PHE C 144 -22.77 32.13 43.87
C PHE C 144 -23.55 33.05 42.94
N ARG C 145 -22.85 33.79 42.08
CA ARG C 145 -23.46 34.58 41.03
C ARG C 145 -23.66 33.82 39.73
N ARG C 146 -23.74 32.49 39.77
CA ARG C 146 -24.12 31.72 38.58
C ARG C 146 -23.28 32.09 37.37
N LYS C 147 -22.00 32.37 37.61
CA LYS C 147 -21.08 32.76 36.56
C LYS C 147 -20.08 31.66 36.21
N PHE C 148 -20.23 30.46 36.75
CA PHE C 148 -19.32 29.42 36.28
C PHE C 148 -19.77 28.95 34.90
N VAL C 149 -18.86 28.27 34.20
CA VAL C 149 -19.12 27.89 32.82
C VAL C 149 -20.40 27.08 32.73
N ILE C 150 -20.70 26.28 33.76
CA ILE C 150 -22.00 25.61 33.82
C ILE C 150 -22.80 26.16 34.98
N PRO C 151 -23.81 27.01 34.72
CA PRO C 151 -24.57 27.65 35.81
C PRO C 151 -25.41 26.68 36.64
N ASP C 152 -26.25 25.87 35.99
CA ASP C 152 -27.03 24.84 36.72
C ASP C 152 -26.23 23.54 36.69
N PHE C 153 -25.23 23.49 37.57
CA PHE C 153 -24.48 22.27 37.72
C PHE C 153 -25.37 21.16 38.27
N MET C 154 -26.37 21.51 39.07
CA MET C 154 -27.16 20.47 39.73
C MET C 154 -27.91 19.64 38.73
N SER C 155 -28.63 20.30 37.81
CA SER C 155 -29.39 19.56 36.83
C SER C 155 -28.45 18.80 35.88
N PHE C 156 -27.34 19.44 35.49
CA PHE C 156 -26.40 18.83 34.58
C PHE C 156 -25.85 17.51 35.13
N THR C 157 -25.46 17.48 36.42
CA THR C 157 -24.92 16.26 36.98
C THR C 157 -25.93 15.13 36.97
N SER C 158 -27.23 15.45 37.08
CA SER C 158 -28.21 14.38 36.95
C SER C 158 -28.39 13.97 35.49
N HIS C 159 -27.88 14.78 34.55
CA HIS C 159 -27.77 14.32 33.18
C HIS C 159 -26.55 13.43 33.01
N ILE C 160 -25.43 13.79 33.64
CA ILE C 160 -24.28 12.91 33.57
C ILE C 160 -24.64 11.55 34.16
N ASP C 161 -25.39 11.56 35.27
CA ASP C 161 -25.82 10.31 35.89
C ASP C 161 -26.71 9.50 34.94
N GLU C 162 -27.63 10.15 34.24
CA GLU C 162 -28.46 9.42 33.28
C GLU C 162 -27.59 8.77 32.21
N LEU C 163 -26.64 9.55 31.64
CA LEU C 163 -25.73 8.99 30.65
C LEU C 163 -24.91 7.86 31.22
N TYR C 164 -24.42 8.02 32.46
CA TYR C 164 -23.65 6.97 33.11
C TYR C 164 -24.47 5.69 33.21
N GLU C 165 -25.69 5.78 33.76
CA GLU C 165 -26.52 4.59 33.92
C GLU C 165 -26.99 4.04 32.59
N SER C 166 -26.90 4.85 31.53
CA SER C 166 -27.23 4.35 30.20
C SER C 166 -26.08 3.55 29.61
N ALA C 167 -24.84 4.02 29.77
CA ALA C 167 -23.72 3.22 29.30
C ALA C 167 -23.52 1.98 30.17
N LYS C 168 -24.02 2.00 31.41
CA LYS C 168 -23.82 0.91 32.36
C LYS C 168 -24.52 -0.38 31.93
N LYS C 169 -25.32 -0.33 30.88
CA LYS C 169 -25.95 -1.55 30.38
C LYS C 169 -25.30 -2.02 29.08
N GLN C 170 -24.15 -1.45 28.71
CA GLN C 170 -23.38 -1.97 27.59
C GLN C 170 -22.34 -2.94 28.15
N SER C 171 -22.82 -4.16 28.41
CA SER C 171 -22.06 -5.18 29.10
C SER C 171 -21.10 -5.92 28.17
N GLY C 172 -21.07 -5.58 26.89
CA GLY C 172 -20.22 -6.26 25.94
C GLY C 172 -18.74 -5.88 26.09
N GLY C 173 -17.90 -6.53 25.28
CA GLY C 173 -16.49 -6.23 25.22
C GLY C 173 -15.65 -7.23 25.97
N LYS C 174 -14.32 -7.11 25.80
CA LYS C 174 -13.32 -8.02 26.38
C LYS C 174 -12.23 -7.23 27.09
N VAL C 175 -12.02 -7.59 28.36
CA VAL C 175 -11.02 -6.97 29.20
C VAL C 175 -9.65 -7.40 28.71
N ALA C 176 -8.77 -6.43 28.51
CA ALA C 176 -7.44 -6.73 27.98
C ALA C 176 -6.73 -7.74 28.88
N ASP C 177 -6.26 -8.84 28.28
CA ASP C 177 -5.70 -9.98 28.98
C ASP C 177 -4.23 -10.10 28.65
N TYR C 178 -3.67 -9.08 28.00
CA TYR C 178 -2.33 -9.12 27.45
C TYR C 178 -1.27 -9.21 28.54
N ILE C 179 -1.56 -8.70 29.73
CA ILE C 179 -0.76 -8.92 30.93
C ILE C 179 -1.74 -9.34 32.01
N PRO C 180 -1.34 -10.11 33.03
CA PRO C 180 -2.28 -10.46 34.10
C PRO C 180 -2.75 -9.27 34.91
N GLN C 181 -2.16 -8.08 34.71
CA GLN C 181 -2.52 -6.91 35.51
C GLN C 181 -3.74 -6.18 34.97
N LEU C 182 -3.87 -6.08 33.64
CA LEU C 182 -5.10 -5.53 33.09
C LEU C 182 -6.21 -6.57 33.09
N ALA C 183 -5.83 -7.86 33.10
CA ALA C 183 -6.80 -8.94 33.21
C ALA C 183 -7.41 -9.02 34.60
N LYS C 184 -6.70 -8.52 35.61
CA LYS C 184 -7.15 -8.55 36.99
C LYS C 184 -8.27 -7.55 37.28
N PHE C 185 -8.65 -6.76 36.29
CA PHE C 185 -9.70 -5.75 36.44
C PHE C 185 -11.08 -6.32 36.10
N SER C 186 -12.07 -5.99 36.93
CA SER C 186 -13.42 -6.48 36.73
C SER C 186 -14.08 -5.77 35.56
N PRO C 187 -14.89 -6.48 34.75
CA PRO C 187 -15.56 -5.82 33.62
C PRO C 187 -16.67 -4.87 34.02
N ASP C 188 -17.19 -4.98 35.24
CA ASP C 188 -18.30 -4.13 35.69
C ASP C 188 -17.84 -2.89 36.41
N LEU C 189 -16.54 -2.58 36.35
CA LEU C 189 -16.06 -1.32 36.85
C LEU C 189 -16.37 -0.25 35.80
N TRP C 190 -16.91 0.87 36.24
CA TRP C 190 -17.35 1.89 35.31
C TRP C 190 -17.47 3.16 36.10
N GLY C 191 -16.70 4.17 35.72
CA GLY C 191 -16.69 5.41 36.47
C GLY C 191 -16.55 6.56 35.52
N VAL C 192 -17.23 7.65 35.84
CA VAL C 192 -17.18 8.88 35.05
C VAL C 192 -16.91 10.01 36.00
N SER C 193 -15.89 10.80 35.70
CA SER C 193 -15.60 11.92 36.56
C SER C 193 -15.53 13.16 35.70
N VAL C 194 -16.09 14.24 36.20
CA VAL C 194 -16.15 15.50 35.46
C VAL C 194 -15.41 16.57 36.25
N CYS C 195 -14.68 17.42 35.52
CA CYS C 195 -14.09 18.64 36.09
C CYS C 195 -14.26 19.77 35.09
N THR C 196 -14.94 20.86 35.48
CA THR C 196 -15.12 21.95 34.53
C THR C 196 -13.88 22.85 34.47
N ALA C 197 -13.91 23.82 33.56
CA ALA C 197 -12.80 24.75 33.47
C ALA C 197 -12.72 25.66 34.68
N ASP C 198 -13.76 25.70 35.52
CA ASP C 198 -13.73 26.50 36.74
C ASP C 198 -13.58 25.66 37.98
N GLY C 199 -13.55 24.33 37.86
CA GLY C 199 -13.37 23.45 38.99
C GLY C 199 -14.63 22.82 39.58
N GLN C 200 -15.80 23.02 39.00
CA GLN C 200 -16.97 22.29 39.48
C GLN C 200 -16.80 20.81 39.20
N ARG C 201 -17.14 19.96 40.17
CA ARG C 201 -16.88 18.53 40.05
C ARG C 201 -18.14 17.70 40.19
N HIS C 202 -18.13 16.58 39.47
CA HIS C 202 -19.10 15.51 39.66
C HIS C 202 -18.43 14.20 39.32
N SER C 203 -18.73 13.18 40.11
CA SER C 203 -18.24 11.84 39.86
C SER C 203 -19.39 10.86 40.05
N THR C 204 -19.33 9.75 39.34
CA THR C 204 -20.36 8.74 39.41
C THR C 204 -19.74 7.41 39.02
N GLY C 205 -20.04 6.36 39.79
CA GLY C 205 -19.42 5.07 39.55
C GLY C 205 -18.09 4.91 40.27
N ASP C 206 -17.25 4.02 39.72
CA ASP C 206 -15.97 3.65 40.36
C ASP C 206 -14.87 4.64 39.95
N THR C 207 -14.94 5.81 40.56
CA THR C 207 -14.11 6.94 40.18
C THR C 207 -12.91 7.12 41.10
N LYS C 208 -12.74 6.26 42.10
CA LYS C 208 -11.54 6.30 42.93
C LYS C 208 -10.67 5.05 42.77
N VAL C 209 -10.92 4.22 41.77
CA VAL C 209 -10.13 3.00 41.55
C VAL C 209 -8.94 3.35 40.67
N PRO C 210 -7.71 3.06 41.11
CA PRO C 210 -6.56 3.32 40.25
C PRO C 210 -6.50 2.38 39.07
N PHE C 211 -5.92 2.91 37.99
CA PHE C 211 -5.62 2.19 36.76
C PHE C 211 -4.56 3.01 36.05
N CYS C 212 -3.88 2.39 35.09
CA CYS C 212 -2.77 3.07 34.42
C CYS C 212 -3.29 3.83 33.21
N LEU C 213 -2.51 4.79 32.77
CA LEU C 213 -2.95 5.58 31.65
C LEU C 213 -2.83 4.79 30.36
N GLN C 214 -1.86 3.88 30.32
CA GLN C 214 -1.43 3.20 29.10
C GLN C 214 -1.26 4.23 28.00
N SER C 215 -2.06 4.16 26.93
CA SER C 215 -1.88 5.09 25.83
C SER C 215 -2.52 6.45 26.07
N CYS C 216 -3.29 6.62 27.16
CA CYS C 216 -3.76 7.95 27.54
C CYS C 216 -2.61 8.88 27.95
N VAL C 217 -1.41 8.34 28.16
CA VAL C 217 -0.30 9.19 28.54
C VAL C 217 0.30 9.90 27.33
N LYS C 218 0.01 9.39 26.11
CA LYS C 218 0.69 9.89 24.91
C LYS C 218 0.48 11.39 24.69
N PRO C 219 -0.75 11.92 24.70
CA PRO C 219 -0.87 13.39 24.57
C PRO C 219 -0.27 14.14 25.75
N LEU C 220 -0.39 13.59 26.97
CA LEU C 220 0.20 14.27 28.14
C LEU C 220 1.68 14.48 27.93
N LYS C 221 2.39 13.43 27.51
CA LYS C 221 3.83 13.64 27.30
C LYS C 221 4.08 14.46 26.04
N TYR C 222 3.24 14.32 25.02
CA TYR C 222 3.36 15.22 23.89
C TYR C 222 3.28 16.66 24.36
N ALA C 223 2.25 16.96 25.15
CA ALA C 223 2.11 18.32 25.62
C ALA C 223 3.38 18.77 26.35
N ILE C 224 3.91 17.90 27.23
CA ILE C 224 5.10 18.26 28.00
C ILE C 224 6.27 18.49 27.04
N ALA C 225 6.35 17.66 26.00
CA ALA C 225 7.45 17.77 25.04
C ALA C 225 7.41 19.09 24.29
N VAL C 226 6.22 19.46 23.78
CA VAL C 226 6.03 20.75 23.08
C VAL C 226 6.11 21.92 24.05
N ASN C 227 5.54 21.75 25.25
CA ASN C 227 5.65 22.78 26.27
C ASN C 227 7.11 23.16 26.53
N ASP C 228 8.02 22.17 26.51
CA ASP C 228 9.42 22.41 26.83
C ASP C 228 10.29 22.73 25.62
N LEU C 229 9.88 22.31 24.42
CA LEU C 229 10.75 22.33 23.26
C LEU C 229 10.19 23.11 22.08
N GLY C 230 8.88 23.30 22.00
CA GLY C 230 8.33 24.03 20.89
C GLY C 230 7.81 23.10 19.80
N THR C 231 6.86 23.63 19.04
CA THR C 231 6.30 22.86 17.92
C THR C 231 7.37 22.45 16.92
N GLU C 232 8.27 23.37 16.57
CA GLU C 232 9.18 23.13 15.45
C GLU C 232 10.16 21.99 15.76
N TYR C 233 10.76 21.99 16.96
CA TYR C 233 11.69 20.92 17.29
C TYR C 233 10.98 19.59 17.32
N VAL C 234 9.89 19.50 18.10
CA VAL C 234 9.22 18.21 18.28
C VAL C 234 8.81 17.62 16.94
N HIS C 235 8.22 18.44 16.08
CA HIS C 235 7.72 17.88 14.83
C HIS C 235 8.80 17.77 13.76
N ARG C 236 10.08 17.87 14.15
CA ARG C 236 11.12 17.29 13.33
C ARG C 236 11.26 15.79 13.54
N TYR C 237 10.65 15.24 14.59
CA TYR C 237 10.78 13.83 14.89
C TYR C 237 9.48 13.09 14.81
N VAL C 238 8.36 13.80 14.81
CA VAL C 238 7.04 13.18 14.79
C VAL C 238 6.14 14.01 13.88
N GLY C 239 5.38 13.32 13.03
CA GLY C 239 4.47 13.97 12.13
C GLY C 239 3.28 14.50 12.89
N LYS C 240 2.33 15.07 12.14
CA LYS C 240 1.16 15.70 12.75
C LYS C 240 -0.17 15.26 12.16
N GLU C 241 -0.23 14.14 11.45
CA GLU C 241 -1.44 13.72 10.77
C GLU C 241 -1.80 12.29 11.15
N PRO C 242 -3.00 11.85 10.84
CA PRO C 242 -3.33 10.43 11.02
C PRO C 242 -2.88 9.58 9.85
N SER C 243 -2.52 8.33 10.18
CA SER C 243 -2.01 7.36 9.21
C SER C 243 -2.94 7.23 8.00
N GLY C 244 -4.16 6.82 8.26
CA GLY C 244 -5.03 6.43 7.17
C GLY C 244 -5.39 4.99 7.49
N LEU C 245 -6.68 4.69 7.43
CA LEU C 245 -7.22 3.45 7.98
C LEU C 245 -6.60 2.24 7.30
N ARG C 246 -5.69 2.50 6.36
CA ARG C 246 -4.88 1.46 5.75
C ARG C 246 -3.40 1.59 6.09
N PHE C 247 -3.02 2.50 6.98
CA PHE C 247 -1.64 2.58 7.44
C PHE C 247 -1.54 2.38 8.94
N ASN C 248 -2.54 1.74 9.55
CA ASN C 248 -2.48 1.38 10.97
C ASN C 248 -1.39 0.36 11.29
N LYS C 249 -0.70 -0.20 10.30
CA LYS C 249 0.32 -1.20 10.58
C LYS C 249 1.75 -0.71 10.32
N LEU C 250 1.93 0.45 9.70
CA LEU C 250 3.26 0.99 9.45
C LEU C 250 3.79 1.80 10.63
N PHE C 251 5.10 1.98 10.68
CA PHE C 251 5.71 2.79 11.73
C PHE C 251 5.97 4.21 11.26
N LEU C 252 6.39 4.38 10.02
CA LEU C 252 6.87 5.66 9.53
C LEU C 252 5.95 6.15 8.43
N ASN C 253 5.76 7.46 8.39
CA ASN C 253 5.10 8.12 7.28
C ASN C 253 6.14 8.27 6.16
N GLU C 254 5.82 9.04 5.12
CA GLU C 254 6.64 9.05 3.91
C GLU C 254 7.87 9.94 4.05
N ASP C 255 7.99 10.68 5.15
CA ASP C 255 9.22 11.38 5.43
C ASP C 255 10.07 10.63 6.45
N ASP C 256 9.72 9.38 6.73
CA ASP C 256 10.44 8.54 7.68
C ASP C 256 10.38 9.10 9.11
N LYS C 257 9.38 9.94 9.37
CA LYS C 257 8.96 10.35 10.70
C LYS C 257 7.76 9.52 11.10
N PRO C 258 7.61 9.14 12.36
CA PRO C 258 6.35 8.52 12.79
C PRO C 258 5.18 9.44 12.49
N HIS C 259 4.00 8.85 12.37
CA HIS C 259 2.91 9.61 11.77
C HIS C 259 2.46 10.75 12.67
N ASN C 260 2.44 10.51 13.98
CA ASN C 260 1.91 11.46 14.96
C ASN C 260 2.10 10.97 16.40
N PRO C 261 2.03 11.86 17.39
CA PRO C 261 2.36 11.45 18.76
C PRO C 261 1.41 10.43 19.39
N MET C 262 0.27 10.12 18.80
CA MET C 262 -0.66 9.22 19.47
C MET C 262 -0.48 7.76 19.05
N VAL C 263 0.47 7.47 18.14
CA VAL C 263 0.75 6.07 17.79
C VAL C 263 2.01 5.63 18.54
N ASN C 264 2.10 4.31 18.79
CA ASN C 264 3.16 3.81 19.66
C ASN C 264 4.52 4.23 19.13
N ALA C 265 4.70 4.25 17.80
CA ALA C 265 5.98 4.69 17.27
C ALA C 265 6.24 6.16 17.60
N GLY C 266 5.27 7.03 17.34
CA GLY C 266 5.50 8.45 17.61
C GLY C 266 5.60 8.75 19.08
N ALA C 267 4.81 8.05 19.91
CA ALA C 267 4.95 8.20 21.35
C ALA C 267 6.37 7.89 21.78
N ILE C 268 6.88 6.73 21.35
CA ILE C 268 8.24 6.31 21.67
C ILE C 268 9.24 7.37 21.22
N VAL C 269 9.02 7.98 20.06
CA VAL C 269 9.94 9.02 19.61
C VAL C 269 9.85 10.25 20.51
N VAL C 270 8.62 10.60 20.92
CA VAL C 270 8.46 11.78 21.77
C VAL C 270 9.16 11.58 23.10
N THR C 271 8.93 10.41 23.71
CA THR C 271 9.65 10.05 24.93
C THR C 271 11.14 10.28 24.81
N SER C 272 11.73 10.03 23.64
CA SER C 272 13.15 10.26 23.47
C SER C 272 13.54 11.73 23.55
N LEU C 273 12.58 12.66 23.55
CA LEU C 273 12.87 14.08 23.49
C LEU C 273 12.82 14.81 24.83
N ILE C 274 12.00 14.36 25.80
CA ILE C 274 11.80 15.09 27.05
C ILE C 274 13.02 14.91 27.94
N LYS C 275 13.56 16.03 28.42
CA LYS C 275 14.60 16.04 29.47
C LYS C 275 15.81 15.21 29.08
N GLN C 276 16.29 15.43 27.85
CA GLN C 276 17.46 14.71 27.38
C GLN C 276 18.66 15.03 28.27
N GLY C 277 19.56 14.06 28.42
CA GLY C 277 20.80 14.24 29.13
C GLY C 277 20.79 13.96 30.62
N VAL C 278 19.63 13.72 31.23
CA VAL C 278 19.58 13.20 32.58
C VAL C 278 19.20 11.72 32.50
N ASN C 279 19.41 11.01 33.60
CA ASN C 279 19.09 9.58 33.59
C ASN C 279 17.58 9.39 33.63
N ASN C 280 17.17 8.12 33.48
CA ASN C 280 15.75 7.76 33.46
C ASN C 280 15.04 8.03 34.79
N ALA C 281 15.74 7.98 35.93
CA ALA C 281 15.08 8.26 37.21
C ALA C 281 14.63 9.72 37.30
N GLU C 282 15.52 10.65 36.95
CA GLU C 282 15.16 12.06 36.98
C GLU C 282 14.11 12.37 35.93
N LYS C 283 14.25 11.77 34.74
CA LYS C 283 13.26 11.96 33.69
C LYS C 283 11.87 11.63 34.21
N PHE C 284 11.74 10.46 34.85
CA PHE C 284 10.44 10.06 35.39
C PHE C 284 9.93 11.09 36.40
N ASP C 285 10.78 11.50 37.33
CA ASP C 285 10.41 12.54 38.30
C ASP C 285 9.91 13.79 37.59
N TYR C 286 10.59 14.21 36.53
CA TYR C 286 10.19 15.40 35.80
C TYR C 286 8.80 15.23 35.19
N VAL C 287 8.51 14.07 34.59
CA VAL C 287 7.16 13.88 34.04
C VAL C 287 6.12 13.75 35.15
N MET C 288 6.46 13.06 36.25
CA MET C 288 5.46 12.91 37.32
C MET C 288 5.15 14.23 37.99
N GLN C 289 6.18 15.02 38.31
CA GLN C 289 5.94 16.34 38.90
C GLN C 289 5.04 17.17 37.99
N PHE C 290 5.22 16.99 36.68
CA PHE C 290 4.43 17.67 35.66
C PHE C 290 2.97 17.20 35.70
N LEU C 291 2.74 15.90 35.71
CA LEU C 291 1.38 15.37 35.81
C LEU C 291 0.72 15.68 37.15
N ASN C 292 1.52 15.92 38.20
CA ASN C 292 0.92 16.26 39.47
C ASN C 292 0.28 17.64 39.41
N LYS C 293 0.95 18.61 38.77
CA LYS C 293 0.34 19.92 38.63
C LYS C 293 -0.89 19.90 37.72
N MET C 294 -0.89 19.06 36.70
CA MET C 294 -2.05 18.99 35.81
C MET C 294 -3.26 18.40 36.51
N ALA C 295 -3.06 17.52 37.48
CA ALA C 295 -4.18 16.96 38.21
C ALA C 295 -4.42 17.70 39.52
N GLY C 296 -3.80 18.87 39.70
CA GLY C 296 -3.99 19.64 40.91
C GLY C 296 -3.66 18.85 42.15
N ASN C 297 -2.65 17.99 42.08
CA ASN C 297 -2.11 17.19 43.18
C ASN C 297 -3.07 16.10 43.66
N GLU C 298 -4.03 15.70 42.83
CA GLU C 298 -4.84 14.54 43.17
C GLU C 298 -4.01 13.28 42.83
N TYR C 299 -4.62 12.09 42.92
CA TYR C 299 -3.83 10.87 42.89
C TYR C 299 -3.18 10.70 41.54
N VAL C 300 -1.85 10.69 41.52
CA VAL C 300 -1.08 10.22 40.37
C VAL C 300 -0.12 9.18 40.94
N GLY C 301 -0.16 7.98 40.41
CA GLY C 301 0.65 6.92 40.96
C GLY C 301 1.51 6.26 39.90
N PHE C 302 1.86 5.01 40.17
CA PHE C 302 2.74 4.26 39.29
C PHE C 302 2.62 2.79 39.62
N SER C 303 2.36 1.97 38.63
CA SER C 303 2.24 0.54 38.85
C SER C 303 3.53 -0.08 38.38
N ASN C 304 4.36 -0.50 39.33
CA ASN C 304 5.53 -1.29 38.97
C ASN C 304 5.12 -2.64 38.41
N ALA C 305 4.06 -3.23 38.98
CA ALA C 305 3.64 -4.57 38.59
C ALA C 305 3.34 -4.64 37.10
N THR C 306 2.50 -3.73 36.60
CA THR C 306 2.24 -3.76 35.17
C THR C 306 3.47 -3.37 34.38
N PHE C 307 4.36 -2.60 35.01
CA PHE C 307 5.57 -2.22 34.31
C PHE C 307 6.40 -3.45 33.96
N GLN C 308 6.63 -4.34 34.95
CA GLN C 308 7.42 -5.55 34.72
C GLN C 308 6.79 -6.40 33.63
N SER C 309 5.47 -6.43 33.57
CA SER C 309 4.81 -7.19 32.51
C SER C 309 4.86 -6.48 31.18
N GLU C 310 4.90 -5.15 31.17
CA GLU C 310 5.01 -4.40 29.91
C GLU C 310 6.40 -4.49 29.31
N ARG C 311 7.45 -4.63 30.15
CA ARG C 311 8.79 -4.73 29.59
C ARG C 311 9.10 -6.13 29.09
N GLU C 312 8.50 -7.17 29.70
CA GLU C 312 8.79 -8.52 29.22
C GLU C 312 7.97 -8.87 28.00
N SER C 313 6.91 -8.13 27.70
CA SER C 313 5.99 -8.52 26.65
C SER C 313 6.02 -7.55 25.47
N GLY C 314 6.92 -6.58 25.49
CA GLY C 314 6.87 -5.53 24.49
C GLY C 314 7.69 -5.83 23.24
N ASP C 315 7.52 -7.03 22.69
CA ASP C 315 8.24 -7.39 21.46
C ASP C 315 7.96 -6.38 20.35
N ARG C 316 6.69 -6.01 20.15
CA ARG C 316 6.36 -5.07 19.09
C ARG C 316 7.00 -3.72 19.35
N ASN C 317 7.12 -3.32 20.62
CA ASN C 317 7.75 -2.04 20.92
C ASN C 317 9.25 -2.11 20.71
N PHE C 318 9.88 -3.21 21.14
CA PHE C 318 11.29 -3.40 20.79
C PHE C 318 11.45 -3.45 19.28
N ALA C 319 10.55 -4.16 18.60
CA ALA C 319 10.50 -4.12 17.14
C ALA C 319 10.48 -2.68 16.62
N ILE C 320 9.63 -1.82 17.20
CA ILE C 320 9.59 -0.43 16.76
C ILE C 320 10.90 0.28 17.13
N GLY C 321 11.46 -0.07 18.29
CA GLY C 321 12.64 0.64 18.76
C GLY C 321 13.81 0.50 17.80
N TYR C 322 14.08 -0.72 17.37
CA TYR C 322 15.22 -0.91 16.49
C TYR C 322 14.99 -0.26 15.13
N TYR C 323 13.79 -0.46 14.54
CA TYR C 323 13.49 0.15 13.25
C TYR C 323 13.73 1.64 13.27
N LEU C 324 13.28 2.31 14.35
CA LEU C 324 13.52 3.73 14.47
C LEU C 324 15.02 4.01 14.57
N LYS C 325 15.75 3.18 15.34
CA LYS C 325 17.19 3.37 15.44
C LYS C 325 17.83 3.20 14.07
N GLU C 326 17.40 2.16 13.34
CA GLU C 326 17.98 1.93 12.01
C GLU C 326 17.74 3.12 11.09
N LYS C 327 16.55 3.70 11.15
CA LYS C 327 16.25 4.80 10.24
C LYS C 327 16.53 6.16 10.87
N LYS C 328 17.18 6.18 12.04
CA LYS C 328 17.68 7.39 12.70
C LYS C 328 16.57 8.45 12.89
N CYS C 329 15.55 8.07 13.67
CA CYS C 329 14.44 8.95 13.99
C CYS C 329 14.50 9.49 15.42
N PHE C 330 15.47 9.06 16.18
CA PHE C 330 15.72 9.58 17.51
C PHE C 330 16.76 10.69 17.44
N PRO C 331 16.84 11.53 18.46
CA PRO C 331 17.91 12.55 18.49
C PRO C 331 19.25 11.94 18.83
N GLU C 332 20.30 12.65 18.41
CA GLU C 332 21.65 12.15 18.53
C GLU C 332 21.93 11.80 19.99
N GLY C 333 22.74 10.77 20.21
CA GLY C 333 23.07 10.39 21.57
C GLY C 333 21.93 9.77 22.35
N THR C 334 20.90 9.27 21.65
CA THR C 334 19.82 8.55 22.30
C THR C 334 20.24 7.13 22.64
N ASP C 335 19.91 6.68 23.84
CA ASP C 335 20.01 5.26 24.17
C ASP C 335 18.65 4.64 23.89
N MET C 336 18.55 3.96 22.74
CA MET C 336 17.26 3.43 22.30
C MET C 336 16.67 2.46 23.31
N VAL C 337 17.46 1.48 23.75
CA VAL C 337 16.87 0.46 24.60
C VAL C 337 16.45 1.05 25.94
N GLY C 338 17.20 2.04 26.43
CA GLY C 338 16.78 2.74 27.64
C GLY C 338 15.54 3.59 27.44
N ILE C 339 15.43 4.28 26.30
CA ILE C 339 14.24 5.05 25.99
C ILE C 339 13.02 4.15 26.00
N LEU C 340 13.21 2.87 25.66
CA LEU C 340 12.09 1.94 25.67
C LEU C 340 11.65 1.66 27.10
N ASP C 341 12.58 1.66 28.07
CA ASP C 341 12.16 1.49 29.47
C ASP C 341 11.38 2.68 29.99
N PHE C 342 11.89 3.89 29.73
CA PHE C 342 11.14 5.09 30.10
C PHE C 342 9.74 5.08 29.47
N TYR C 343 9.62 4.58 28.24
CA TYR C 343 8.30 4.47 27.62
C TYR C 343 7.40 3.52 28.42
N PHE C 344 7.86 2.31 28.69
CA PHE C 344 7.05 1.37 29.47
C PHE C 344 6.67 1.96 30.83
N GLN C 345 7.53 2.82 31.38
CA GLN C 345 7.21 3.45 32.65
C GLN C 345 6.03 4.40 32.49
N LEU C 346 6.11 5.29 31.52
CA LEU C 346 5.03 6.24 31.28
C LEU C 346 3.68 5.57 31.06
N CYS C 347 3.64 4.30 30.63
CA CYS C 347 2.36 3.61 30.42
C CYS C 347 1.78 2.97 31.68
N SER C 348 2.51 2.93 32.78
CA SER C 348 1.95 2.46 34.04
C SER C 348 2.13 3.47 35.18
N ILE C 349 2.04 4.76 34.84
CA ILE C 349 1.66 5.80 35.78
C ILE C 349 0.18 5.63 36.10
N GLU C 350 -0.20 5.69 37.37
CA GLU C 350 -1.59 5.42 37.67
C GLU C 350 -2.36 6.70 37.99
N VAL C 351 -3.65 6.68 37.62
CA VAL C 351 -4.60 7.73 37.96
C VAL C 351 -5.85 7.04 38.51
N THR C 352 -6.77 7.85 38.99
CA THR C 352 -8.14 7.39 39.16
C THR C 352 -9.00 8.18 38.18
N CYS C 353 -10.31 7.99 38.26
CA CYS C 353 -11.14 8.76 37.35
C CYS C 353 -11.18 10.22 37.77
N GLU C 354 -11.09 10.50 39.07
CA GLU C 354 -11.18 11.88 39.53
C GLU C 354 -9.88 12.62 39.22
N SER C 355 -8.73 12.07 39.63
CA SER C 355 -7.47 12.73 39.36
C SER C 355 -7.29 13.02 37.87
N ALA C 356 -7.55 12.03 37.02
CA ALA C 356 -7.25 12.24 35.61
C ALA C 356 -8.22 13.21 34.96
N SER C 357 -9.46 13.30 35.46
CA SER C 357 -10.40 14.28 34.91
C SER C 357 -9.92 15.71 35.14
N VAL C 358 -9.13 15.96 36.20
CA VAL C 358 -8.52 17.28 36.39
C VAL C 358 -7.42 17.51 35.37
N MET C 359 -6.68 16.45 35.01
CA MET C 359 -5.69 16.59 33.93
C MET C 359 -6.37 17.04 32.65
N ALA C 360 -7.52 16.40 32.33
CA ALA C 360 -8.26 16.68 31.11
C ALA C 360 -8.86 18.08 31.12
N ALA C 361 -9.31 18.55 32.29
CA ALA C 361 -9.83 19.90 32.37
C ALA C 361 -8.71 20.93 32.18
N THR C 362 -7.47 20.57 32.52
CA THR C 362 -6.33 21.44 32.29
C THR C 362 -6.16 21.78 30.81
N LEU C 363 -6.37 20.80 29.92
CA LEU C 363 -6.28 21.02 28.48
C LEU C 363 -7.51 21.74 27.95
N ALA C 364 -8.68 21.45 28.53
CA ALA C 364 -9.88 22.23 28.25
C ALA C 364 -9.72 23.69 28.65
N ASN C 365 -8.67 24.03 29.42
CA ASN C 365 -8.54 25.34 30.06
C ASN C 365 -7.30 26.12 29.59
N GLY C 366 -6.84 25.91 28.35
CA GLY C 366 -5.69 26.66 27.84
C GLY C 366 -4.39 26.38 28.58
N GLY C 367 -4.38 25.34 29.41
CA GLY C 367 -3.20 24.95 30.16
C GLY C 367 -3.17 25.38 31.60
N PHE C 368 -4.24 25.99 32.11
CA PHE C 368 -4.29 26.39 33.51
C PHE C 368 -5.11 25.34 34.26
N CYS C 369 -4.47 24.69 35.22
CA CYS C 369 -5.16 23.79 36.13
C CYS C 369 -6.38 24.45 36.76
N PRO C 370 -7.59 23.95 36.51
CA PRO C 370 -8.78 24.65 36.97
C PRO C 370 -8.98 24.63 38.47
N ILE C 371 -8.38 23.70 39.22
CA ILE C 371 -8.61 23.65 40.66
C ILE C 371 -7.45 24.21 41.46
N THR C 372 -6.40 24.65 40.80
CA THR C 372 -5.33 25.35 41.50
C THR C 372 -4.97 26.65 40.84
N GLY C 373 -5.26 26.82 39.59
CA GLY C 373 -4.94 28.04 38.95
C GLY C 373 -3.51 28.26 38.49
N GLU C 374 -2.56 27.32 38.66
CA GLU C 374 -1.24 27.66 38.10
C GLU C 374 -1.20 27.22 36.65
N ARG C 375 -0.46 27.97 35.85
CA ARG C 375 -0.16 27.61 34.47
C ARG C 375 0.75 26.39 34.40
N VAL C 376 0.24 25.31 33.78
CA VAL C 376 0.97 24.05 33.68
C VAL C 376 1.48 23.80 32.25
N LEU C 377 0.76 24.23 31.22
CA LEU C 377 1.19 24.06 29.84
C LEU C 377 0.94 25.35 29.07
N SER C 378 1.87 25.65 28.10
CA SER C 378 1.75 26.81 27.22
C SER C 378 0.64 26.56 26.19
N PRO C 379 -0.07 27.62 25.76
CA PRO C 379 -1.23 27.39 24.87
C PRO C 379 -0.88 26.68 23.59
N GLU C 380 0.35 26.87 23.10
CA GLU C 380 0.88 26.09 21.97
C GLU C 380 0.91 24.58 22.30
N ALA C 381 1.24 24.23 23.54
CA ALA C 381 1.27 22.82 23.93
C ALA C 381 -0.14 22.24 23.99
N VAL C 382 -1.11 23.00 24.47
CA VAL C 382 -2.44 22.44 24.62
C VAL C 382 -3.17 22.45 23.29
N ARG C 383 -2.86 23.40 22.42
CA ARG C 383 -3.53 23.41 21.12
C ARG C 383 -3.07 22.23 20.27
N ASN C 384 -1.75 22.06 20.12
CA ASN C 384 -1.23 20.95 19.33
C ASN C 384 -1.79 19.63 19.83
N THR C 385 -1.76 19.44 21.15
CA THR C 385 -2.25 18.21 21.74
C THR C 385 -3.73 18.02 21.47
N LEU C 386 -4.53 19.09 21.54
CA LEU C 386 -5.95 18.93 21.24
C LEU C 386 -6.18 18.71 19.74
N SER C 387 -5.35 19.33 18.88
CA SER C 387 -5.42 19.04 17.45
C SER C 387 -5.22 17.55 17.18
N LEU C 388 -4.16 16.96 17.74
CA LEU C 388 -3.81 15.59 17.43
C LEU C 388 -4.62 14.57 18.21
N MET C 389 -5.22 14.95 19.35
CA MET C 389 -6.17 14.00 19.94
C MET C 389 -7.35 13.84 19.00
N HIS C 390 -7.83 14.95 18.45
CA HIS C 390 -8.96 14.91 17.53
C HIS C 390 -8.69 13.91 16.40
N SER C 391 -7.64 14.16 15.63
CA SER C 391 -7.30 13.36 14.45
C SER C 391 -6.92 11.91 14.82
N CYS C 392 -5.99 11.73 15.75
CA CYS C 392 -5.27 10.47 15.87
C CYS C 392 -5.50 9.77 17.22
N GLY C 393 -6.60 10.05 17.91
CA GLY C 393 -6.71 9.69 19.31
C GLY C 393 -7.37 8.37 19.67
N MET C 394 -8.07 7.71 18.78
CA MET C 394 -8.88 6.58 19.22
C MET C 394 -8.60 5.35 18.37
N TYR C 395 -7.32 5.13 18.09
CA TYR C 395 -6.83 3.99 17.33
C TYR C 395 -7.50 4.07 15.95
N ASP C 396 -7.96 2.95 15.39
CA ASP C 396 -8.56 3.01 14.07
C ASP C 396 -10.00 3.52 14.07
N PHE C 397 -10.59 3.73 15.24
CA PHE C 397 -11.89 4.39 15.39
C PHE C 397 -11.77 5.89 15.41
N SER C 398 -10.57 6.45 15.18
CA SER C 398 -10.40 7.89 15.26
C SER C 398 -11.31 8.64 14.29
N GLY C 399 -11.40 8.16 13.04
CA GLY C 399 -12.18 8.88 12.06
C GLY C 399 -13.65 8.97 12.41
N GLN C 400 -14.26 7.82 12.75
CA GLN C 400 -15.69 7.80 13.07
C GLN C 400 -15.94 8.61 14.32
N PHE C 401 -15.03 8.51 15.28
CA PHE C 401 -15.15 9.24 16.51
C PHE C 401 -15.08 10.74 16.27
N ALA C 402 -14.15 11.16 15.39
CA ALA C 402 -14.06 12.60 15.13
C ALA C 402 -15.31 13.09 14.41
N PHE C 403 -15.78 12.31 13.44
CA PHE C 403 -17.01 12.67 12.78
C PHE C 403 -18.16 12.69 13.77
N HIS C 404 -18.44 11.56 14.42
CA HIS C 404 -19.69 11.48 15.18
C HIS C 404 -19.66 12.22 16.51
N VAL C 405 -18.53 12.23 17.23
CA VAL C 405 -18.45 12.90 18.53
C VAL C 405 -17.74 14.25 18.44
N GLY C 406 -16.73 14.32 17.58
CA GLY C 406 -16.04 15.57 17.37
C GLY C 406 -15.48 16.22 18.62
N LEU C 407 -14.85 15.44 19.51
CA LEU C 407 -14.20 15.96 20.72
C LEU C 407 -12.79 15.39 20.84
N PRO C 408 -11.83 16.20 21.27
CA PRO C 408 -10.50 15.65 21.56
C PRO C 408 -10.63 14.55 22.61
N ALA C 409 -10.01 13.40 22.34
CA ALA C 409 -10.14 12.27 23.25
C ALA C 409 -8.95 11.34 23.02
N LYS C 410 -8.70 10.49 24.01
CA LYS C 410 -7.63 9.49 23.91
C LYS C 410 -8.00 8.25 24.71
N SER C 411 -7.72 7.09 24.13
CA SER C 411 -8.05 5.86 24.83
C SER C 411 -6.78 5.13 25.25
N GLY C 412 -6.99 4.12 26.11
CA GLY C 412 -5.91 3.28 26.58
C GLY C 412 -6.43 1.87 26.73
N VAL C 413 -5.50 0.91 26.76
CA VAL C 413 -5.91 -0.49 26.76
C VAL C 413 -6.46 -0.91 28.13
N ALA C 414 -6.21 -0.13 29.17
CA ALA C 414 -6.81 -0.39 30.47
C ALA C 414 -8.31 -0.08 30.53
N GLY C 415 -8.87 0.54 29.50
CA GLY C 415 -10.26 0.95 29.51
C GLY C 415 -10.51 2.42 29.82
N GLY C 416 -9.48 3.28 29.70
CA GLY C 416 -9.65 4.70 29.93
C GLY C 416 -10.00 5.40 28.63
N ILE C 417 -10.75 6.50 28.76
CA ILE C 417 -10.95 7.45 27.67
C ILE C 417 -10.84 8.83 28.30
N LEU C 418 -9.79 9.56 27.94
CA LEU C 418 -9.56 10.91 28.42
C LEU C 418 -10.22 11.87 27.45
N LEU C 419 -11.22 12.61 27.92
CA LEU C 419 -12.07 13.41 27.05
C LEU C 419 -11.91 14.89 27.36
N VAL C 420 -11.93 15.72 26.33
CA VAL C 420 -11.81 17.15 26.51
C VAL C 420 -12.95 17.81 25.74
N VAL C 421 -13.69 18.68 26.41
CA VAL C 421 -14.63 19.56 25.73
C VAL C 421 -14.07 20.95 25.92
N PRO C 422 -13.29 21.46 24.98
CA PRO C 422 -12.55 22.71 25.21
C PRO C 422 -13.44 23.84 25.69
N ASN C 423 -12.91 24.64 26.62
CA ASN C 423 -13.56 25.78 27.26
C ASN C 423 -14.75 25.38 28.11
N VAL C 424 -15.03 24.08 28.29
CA VAL C 424 -16.08 23.67 29.21
C VAL C 424 -15.51 22.80 30.33
N MET C 425 -15.04 21.60 29.99
CA MET C 425 -14.74 20.61 31.03
C MET C 425 -13.84 19.53 30.48
N GLY C 426 -13.23 18.79 31.42
CA GLY C 426 -12.46 17.58 31.14
C GLY C 426 -13.11 16.39 31.79
N MET C 427 -12.80 15.18 31.33
CA MET C 427 -13.50 13.99 31.79
C MET C 427 -12.55 12.80 31.71
N MET C 428 -12.89 11.76 32.47
CA MET C 428 -12.25 10.46 32.26
C MET C 428 -13.31 9.40 32.43
N CYS C 429 -13.48 8.59 31.40
CA CYS C 429 -14.37 7.45 31.46
C CYS C 429 -13.53 6.21 31.59
N TRP C 430 -13.98 5.29 32.44
CA TRP C 430 -13.18 4.13 32.71
C TRP C 430 -14.09 2.93 32.91
N SER C 431 -14.00 1.98 31.98
CA SER C 431 -14.57 0.66 32.10
C SER C 431 -13.52 -0.20 31.40
N PRO C 432 -13.07 -1.29 32.02
CA PRO C 432 -11.95 -2.08 31.43
C PRO C 432 -12.31 -2.77 30.12
N PRO C 433 -13.50 -3.38 29.98
CA PRO C 433 -13.78 -4.16 28.76
C PRO C 433 -13.58 -3.35 27.50
N LEU C 434 -12.74 -3.84 26.60
CA LEU C 434 -12.50 -3.14 25.35
C LEU C 434 -13.38 -3.71 24.24
N ASP C 435 -13.65 -2.87 23.25
CA ASP C 435 -14.37 -3.27 22.06
C ASP C 435 -13.36 -3.82 21.05
N LYS C 436 -13.82 -4.08 19.83
CA LYS C 436 -13.04 -4.76 18.81
C LYS C 436 -11.89 -3.91 18.27
N MET C 437 -11.83 -2.63 18.59
CA MET C 437 -10.75 -1.74 18.18
C MET C 437 -9.87 -1.30 19.33
N GLY C 438 -10.16 -1.74 20.55
CA GLY C 438 -9.35 -1.42 21.70
C GLY C 438 -9.87 -0.29 22.58
N ASN C 439 -11.09 0.20 22.32
CA ASN C 439 -11.71 1.32 23.03
C ASN C 439 -12.84 0.81 23.93
N SER C 440 -12.88 1.32 25.17
CA SER C 440 -13.80 0.75 26.15
C SER C 440 -15.24 0.82 25.66
N VAL C 441 -15.96 -0.29 25.84
CA VAL C 441 -17.33 -0.36 25.34
C VAL C 441 -18.14 0.76 25.96
N LYS C 442 -18.25 0.77 27.28
CA LYS C 442 -19.09 1.77 27.95
C LYS C 442 -18.57 3.17 27.70
N GLY C 443 -17.25 3.34 27.60
CA GLY C 443 -16.70 4.65 27.33
C GLY C 443 -17.21 5.21 26.01
N ILE C 444 -17.13 4.41 24.96
CA ILE C 444 -17.52 4.88 23.63
C ILE C 444 -19.02 5.16 23.60
N HIS C 445 -19.82 4.32 24.28
CA HIS C 445 -21.26 4.54 24.35
C HIS C 445 -21.61 5.82 25.11
N PHE C 446 -20.88 6.09 26.19
CA PHE C 446 -21.09 7.32 26.94
C PHE C 446 -20.75 8.54 26.10
N CYS C 447 -19.63 8.49 25.37
CA CYS C 447 -19.21 9.66 24.60
C CYS C 447 -20.08 9.91 23.38
N HIS C 448 -20.79 8.89 22.89
CA HIS C 448 -21.80 9.14 21.87
C HIS C 448 -23.03 9.83 22.46
N ASP C 449 -23.63 9.24 23.50
CA ASP C 449 -24.79 9.82 24.15
C ASP C 449 -24.52 11.26 24.58
N LEU C 450 -23.30 11.53 25.07
CA LEU C 450 -23.03 12.86 25.61
C LEU C 450 -23.16 13.93 24.53
N VAL C 451 -22.61 13.69 23.34
CA VAL C 451 -22.77 14.70 22.28
C VAL C 451 -24.18 14.72 21.70
N SER C 452 -24.87 13.58 21.66
CA SER C 452 -26.29 13.57 21.29
C SER C 452 -27.08 14.53 22.17
N LEU C 453 -26.65 14.69 23.42
CA LEU C 453 -27.40 15.44 24.43
C LEU C 453 -27.03 16.92 24.48
N CYS C 454 -25.76 17.23 24.32
CA CYS C 454 -25.25 18.58 24.56
C CYS C 454 -24.59 19.09 23.30
N ASN C 455 -24.62 20.40 23.11
CA ASN C 455 -24.09 20.93 21.88
C ASN C 455 -22.58 20.99 21.95
N PHE C 456 -21.97 19.87 22.39
CA PHE C 456 -20.53 19.83 22.65
C PHE C 456 -19.70 19.35 21.48
N HIS C 457 -20.32 18.68 20.50
CA HIS C 457 -19.59 18.30 19.29
C HIS C 457 -18.85 19.51 18.81
N ASN C 458 -17.59 19.34 18.47
CA ASN C 458 -16.75 20.48 18.13
C ASN C 458 -17.43 21.42 17.13
N TYR C 459 -18.29 20.89 16.27
CA TYR C 459 -18.91 21.68 15.22
C TYR C 459 -20.42 21.77 15.38
N ASP C 460 -20.91 21.64 16.61
CA ASP C 460 -22.25 22.14 16.84
C ASP C 460 -22.21 23.65 16.70
N ASN C 461 -23.38 24.25 16.53
CA ASN C 461 -23.51 25.69 16.55
C ASN C 461 -24.02 26.11 17.93
N LEU C 462 -23.39 27.14 18.50
CA LEU C 462 -23.80 27.58 19.83
C LEU C 462 -25.08 28.40 19.83
N ARG C 463 -25.59 28.77 18.66
CA ARG C 463 -26.82 29.56 18.56
C ARG C 463 -28.01 28.71 18.16
N HIS C 464 -27.86 27.90 17.11
CA HIS C 464 -28.91 27.01 16.63
C HIS C 464 -28.38 25.59 16.71
N PHE C 465 -28.95 24.79 17.61
CA PHE C 465 -28.46 23.43 17.83
C PHE C 465 -29.62 22.48 18.01
N ALA C 466 -30.75 22.77 17.36
CA ALA C 466 -31.88 21.85 17.25
C ALA C 466 -32.34 21.52 18.68
N LYS C 467 -32.64 20.26 18.98
CA LYS C 467 -33.24 19.90 20.26
C LYS C 467 -32.19 19.53 21.31
N LYS C 468 -30.91 19.81 21.04
CA LYS C 468 -29.89 19.52 22.02
C LYS C 468 -29.98 20.51 23.18
N LEU C 469 -29.40 20.12 24.31
CA LEU C 469 -29.30 20.96 25.49
C LEU C 469 -28.00 21.74 25.44
N ASP C 470 -28.01 22.95 26.01
CA ASP C 470 -26.75 23.68 26.20
C ASP C 470 -26.53 23.96 27.67
N PRO C 471 -25.63 23.23 28.31
CA PRO C 471 -25.35 23.47 29.73
C PRO C 471 -24.66 24.79 30.00
N ARG C 472 -24.13 25.47 28.98
CA ARG C 472 -23.53 26.77 29.23
C ARG C 472 -24.54 27.90 29.38
N ARG C 473 -25.83 27.61 29.21
CA ARG C 473 -26.87 28.62 29.29
C ARG C 473 -27.89 28.26 30.37
N GLU C 474 -28.68 29.24 30.76
CA GLU C 474 -29.60 29.03 31.87
C GLU C 474 -30.98 28.66 31.34
N GLY C 475 -31.97 29.51 31.58
CA GLY C 475 -33.35 29.22 31.18
C GLY C 475 -33.73 29.67 29.79
N PRO D 66 38.11 -56.57 -27.41
CA PRO D 66 38.22 -55.15 -27.07
C PRO D 66 38.44 -54.90 -25.57
N SER D 67 38.86 -53.69 -25.19
CA SER D 67 38.94 -53.28 -23.80
C SER D 67 39.17 -51.78 -23.75
N LEU D 68 38.54 -51.13 -22.76
CA LEU D 68 38.36 -49.69 -22.83
C LEU D 68 39.69 -48.96 -22.65
N GLU D 69 40.47 -49.34 -21.63
CA GLU D 69 41.76 -48.69 -21.41
C GLU D 69 42.67 -48.84 -22.61
N ASP D 70 42.54 -49.94 -23.36
CA ASP D 70 43.32 -50.13 -24.58
C ASP D 70 42.85 -49.16 -25.64
N LEU D 71 41.53 -49.09 -25.83
CA LEU D 71 40.98 -48.14 -26.77
C LEU D 71 41.50 -46.74 -26.51
N LEU D 72 41.56 -46.34 -25.24
CA LEU D 72 41.88 -44.96 -24.87
C LEU D 72 43.37 -44.66 -25.02
N PHE D 73 44.20 -45.69 -24.83
CA PHE D 73 45.63 -45.52 -25.01
C PHE D 73 45.93 -45.10 -26.43
N TYR D 74 45.29 -45.76 -27.40
CA TYR D 74 45.55 -45.46 -28.80
C TYR D 74 45.01 -44.08 -29.20
N THR D 75 43.89 -43.65 -28.61
CA THR D 75 43.39 -42.31 -28.91
C THR D 75 44.43 -41.24 -28.55
N ILE D 76 45.17 -41.43 -27.45
CA ILE D 76 46.20 -40.47 -27.05
C ILE D 76 47.56 -40.84 -27.64
N ALA D 77 47.76 -42.13 -27.95
CA ALA D 77 49.08 -42.70 -28.25
C ALA D 77 49.76 -42.12 -29.48
N GLU D 78 49.03 -41.54 -30.43
CA GLU D 78 49.52 -40.89 -31.63
C GLU D 78 49.73 -41.86 -32.78
N GLY D 79 49.19 -43.07 -32.71
CA GLY D 79 49.72 -44.12 -33.54
C GLY D 79 51.05 -44.57 -33.02
N GLN D 80 51.55 -43.86 -32.01
CA GLN D 80 52.86 -44.12 -31.47
C GLN D 80 52.85 -45.21 -30.38
N GLU D 81 54.09 -45.41 -29.92
CA GLU D 81 54.58 -46.37 -28.94
C GLU D 81 54.05 -46.08 -27.56
N LYS D 82 54.61 -44.97 -27.10
CA LYS D 82 54.59 -44.32 -25.82
C LYS D 82 53.84 -43.01 -25.88
N ILE D 83 53.25 -42.68 -24.75
CA ILE D 83 52.72 -41.36 -24.47
C ILE D 83 53.61 -40.73 -23.39
N PRO D 84 54.31 -39.64 -23.68
CA PRO D 84 54.96 -38.88 -22.61
C PRO D 84 53.96 -38.44 -21.55
N VAL D 85 54.43 -38.41 -20.29
CA VAL D 85 53.49 -38.19 -19.19
C VAL D 85 52.87 -36.80 -19.22
N HIS D 86 53.64 -35.80 -19.64
CA HIS D 86 53.10 -34.45 -19.79
C HIS D 86 52.08 -34.39 -20.93
N LYS D 87 52.31 -35.14 -22.00
CA LYS D 87 51.36 -35.17 -23.11
C LYS D 87 50.01 -35.71 -22.66
N PHE D 88 50.03 -36.69 -21.76
CA PHE D 88 48.77 -37.11 -21.15
C PHE D 88 48.20 -35.99 -20.29
N ILE D 89 49.05 -35.33 -19.52
CA ILE D 89 48.57 -34.30 -18.59
C ILE D 89 48.02 -33.11 -19.37
N THR D 90 48.66 -32.77 -20.49
CA THR D 90 48.17 -31.63 -21.26
C THR D 90 46.92 -32.00 -22.05
N ALA D 91 46.84 -33.25 -22.55
CA ALA D 91 45.57 -33.77 -23.06
C ALA D 91 44.48 -33.77 -21.99
N LEU D 92 44.87 -34.06 -20.75
CA LEU D 92 43.90 -34.08 -19.67
C LEU D 92 43.36 -32.68 -19.38
N LYS D 93 44.25 -31.71 -19.15
CA LYS D 93 43.76 -30.39 -18.76
C LYS D 93 42.94 -29.75 -19.88
N SER D 94 43.22 -30.11 -21.13
CA SER D 94 42.45 -29.61 -22.26
C SER D 94 40.99 -30.04 -22.18
N THR D 95 40.72 -31.21 -21.57
CA THR D 95 39.35 -31.55 -21.20
C THR D 95 38.74 -30.46 -20.34
N GLY D 96 39.57 -29.69 -19.63
CA GLY D 96 39.10 -28.76 -18.65
C GLY D 96 39.09 -29.31 -17.24
N LEU D 97 39.20 -30.63 -17.09
CA LEU D 97 39.36 -31.21 -15.77
C LEU D 97 40.66 -30.69 -15.16
N ARG D 98 40.64 -30.47 -13.85
CA ARG D 98 41.90 -30.18 -13.20
C ARG D 98 42.45 -31.51 -12.70
N THR D 99 43.76 -31.69 -12.84
CA THR D 99 44.39 -32.92 -12.38
C THR D 99 44.06 -33.21 -10.91
N SER D 100 43.83 -32.17 -10.11
CA SER D 100 43.51 -32.30 -8.70
C SER D 100 42.08 -32.81 -8.47
N ASP D 101 41.35 -33.17 -9.53
CA ASP D 101 39.97 -33.63 -9.40
C ASP D 101 39.88 -34.80 -8.42
N PRO D 102 38.95 -34.77 -7.46
CA PRO D 102 38.78 -35.91 -6.54
C PRO D 102 38.44 -37.23 -7.20
N ARG D 103 37.64 -37.21 -8.26
CA ARG D 103 37.32 -38.43 -9.00
C ARG D 103 38.52 -38.97 -9.78
N LEU D 104 39.65 -38.26 -9.75
CA LEU D 104 40.87 -38.66 -10.43
C LEU D 104 41.99 -39.05 -9.47
N LYS D 105 41.74 -39.06 -8.17
CA LYS D 105 42.82 -39.21 -7.19
C LYS D 105 43.61 -40.49 -7.42
N GLU D 106 42.93 -41.63 -7.54
CA GLU D 106 43.61 -42.92 -7.71
C GLU D 106 44.51 -42.92 -8.95
N CYS D 107 44.12 -42.20 -10.00
CA CYS D 107 44.93 -42.21 -11.21
C CYS D 107 46.12 -41.29 -11.09
N MET D 108 45.97 -40.16 -10.40
CA MET D 108 47.13 -39.32 -10.21
C MET D 108 47.98 -39.85 -9.07
N ASP D 109 47.37 -40.61 -8.16
CA ASP D 109 48.15 -41.35 -7.15
C ASP D 109 49.04 -42.37 -7.83
N MET D 110 48.46 -43.13 -8.77
CA MET D 110 49.22 -44.13 -9.50
C MET D 110 50.21 -43.48 -10.45
N LEU D 111 49.97 -42.22 -10.82
CA LEU D 111 50.94 -41.48 -11.63
C LEU D 111 52.10 -41.00 -10.78
N ARG D 112 51.82 -40.46 -9.58
CA ARG D 112 52.93 -40.03 -8.74
C ARG D 112 53.70 -41.22 -8.22
N LEU D 113 53.07 -42.41 -8.21
CA LEU D 113 53.82 -43.62 -7.88
C LEU D 113 54.85 -43.93 -8.95
N THR D 114 54.42 -44.01 -10.22
CA THR D 114 55.35 -44.41 -11.27
C THR D 114 56.34 -43.31 -11.67
N LEU D 115 56.06 -42.03 -11.37
CA LEU D 115 57.08 -41.02 -11.61
C LEU D 115 58.26 -41.13 -10.63
N GLN D 116 58.20 -42.09 -9.71
CA GLN D 116 59.32 -42.52 -8.86
C GLN D 116 59.89 -43.87 -9.27
N THR D 117 59.03 -44.85 -9.63
CA THR D 117 59.48 -46.18 -10.03
C THR D 117 60.57 -46.14 -11.09
N THR D 118 60.38 -45.32 -12.10
CA THR D 118 61.22 -45.25 -13.28
C THR D 118 61.42 -43.75 -13.50
N SER D 119 62.51 -43.19 -12.97
CA SER D 119 62.71 -41.75 -13.14
C SER D 119 63.14 -41.40 -14.56
N ASP D 120 63.69 -42.38 -15.33
CA ASP D 120 64.04 -42.21 -16.74
C ASP D 120 62.95 -42.81 -17.62
N GLY D 121 62.04 -41.98 -18.11
CA GLY D 121 61.10 -42.49 -19.10
C GLY D 121 60.85 -41.39 -20.11
N VAL D 122 59.96 -40.48 -19.73
CA VAL D 122 58.98 -40.82 -18.72
C VAL D 122 57.70 -41.14 -19.51
N MET D 123 57.79 -42.18 -20.33
CA MET D 123 56.71 -42.61 -21.19
C MET D 123 56.03 -43.88 -20.68
N LEU D 124 54.72 -43.97 -20.89
CA LEU D 124 53.90 -45.07 -20.39
C LEU D 124 53.53 -45.94 -21.58
N ASP D 125 53.83 -47.23 -21.50
CA ASP D 125 53.35 -48.10 -22.57
C ASP D 125 51.91 -48.52 -22.27
N LYS D 126 51.36 -49.39 -23.11
CA LYS D 126 49.95 -49.72 -23.00
C LYS D 126 49.63 -50.41 -21.68
N ASP D 127 50.58 -51.21 -21.18
CA ASP D 127 50.32 -51.92 -19.94
C ASP D 127 50.41 -51.00 -18.74
N LEU D 128 51.29 -49.98 -18.81
CA LEU D 128 51.43 -49.00 -17.74
C LEU D 128 50.41 -47.88 -17.77
N PHE D 129 50.08 -47.32 -18.95
CA PHE D 129 48.96 -46.40 -18.99
C PHE D 129 47.74 -47.07 -18.37
N LYS D 130 47.54 -48.36 -18.70
CA LYS D 130 46.45 -49.15 -18.15
C LYS D 130 46.49 -49.17 -16.63
N LYS D 131 47.70 -49.19 -16.06
CA LYS D 131 47.84 -49.36 -14.63
C LYS D 131 47.51 -48.09 -13.86
N CYS D 132 47.48 -46.94 -14.53
CA CYS D 132 47.10 -45.70 -13.88
C CYS D 132 45.64 -45.34 -14.10
N VAL D 133 45.07 -45.70 -15.26
CA VAL D 133 43.74 -45.26 -15.63
C VAL D 133 42.70 -46.36 -15.47
N GLN D 134 43.13 -47.54 -15.03
CA GLN D 134 42.18 -48.61 -14.72
C GLN D 134 41.06 -48.09 -13.83
N SER D 135 41.44 -47.40 -12.76
CA SER D 135 40.48 -47.05 -11.72
C SER D 135 39.52 -45.95 -12.13
N ASN D 136 39.96 -45.01 -12.96
CA ASN D 136 39.16 -43.87 -13.35
C ASN D 136 38.79 -43.89 -14.84
N ILE D 137 38.67 -45.08 -15.43
CA ILE D 137 38.58 -45.12 -16.89
C ILE D 137 37.23 -44.64 -17.40
N VAL D 138 36.13 -44.92 -16.71
CA VAL D 138 34.83 -44.50 -17.22
C VAL D 138 34.80 -42.98 -17.37
N LEU D 139 35.25 -42.26 -16.35
CA LEU D 139 35.23 -40.80 -16.39
C LEU D 139 36.31 -40.22 -17.28
N LEU D 140 37.45 -40.91 -17.43
CA LEU D 140 38.52 -40.40 -18.27
C LEU D 140 38.17 -40.38 -19.76
N THR D 141 37.35 -41.33 -20.24
CA THR D 141 37.10 -41.39 -21.67
C THR D 141 35.95 -40.47 -22.08
N GLN D 142 34.92 -40.40 -21.25
CA GLN D 142 33.84 -39.45 -21.50
C GLN D 142 34.42 -38.05 -21.58
N ALA D 143 35.51 -37.83 -20.86
CA ALA D 143 36.29 -36.61 -20.98
C ALA D 143 36.99 -36.55 -22.33
N PHE D 144 37.58 -37.66 -22.77
CA PHE D 144 38.39 -37.65 -23.99
C PHE D 144 37.58 -37.94 -25.25
N ARG D 145 36.43 -38.62 -25.13
CA ARG D 145 35.49 -38.75 -26.23
C ARG D 145 34.47 -37.63 -26.25
N ARG D 146 34.85 -36.47 -25.73
CA ARG D 146 34.07 -35.24 -25.85
C ARG D 146 32.60 -35.48 -25.51
N LYS D 147 32.38 -36.16 -24.40
CA LYS D 147 31.05 -36.45 -23.91
C LYS D 147 30.67 -35.58 -22.72
N PHE D 148 31.51 -34.60 -22.37
CA PHE D 148 31.13 -33.69 -21.31
C PHE D 148 30.11 -32.67 -21.81
N VAL D 149 29.43 -32.02 -20.86
CA VAL D 149 28.32 -31.15 -21.20
C VAL D 149 28.78 -30.06 -22.14
N ILE D 150 30.03 -29.63 -22.01
CA ILE D 150 30.63 -28.71 -22.98
C ILE D 150 31.74 -29.45 -23.72
N PRO D 151 31.52 -29.88 -24.97
CA PRO D 151 32.55 -30.66 -25.69
C PRO D 151 33.81 -29.88 -25.98
N ASP D 152 33.72 -28.70 -26.61
CA ASP D 152 34.88 -27.84 -26.81
C ASP D 152 34.91 -26.82 -25.68
N PHE D 153 35.34 -27.32 -24.51
CA PHE D 153 35.50 -26.46 -23.35
C PHE D 153 36.58 -25.40 -23.56
N MET D 154 37.63 -25.69 -24.32
CA MET D 154 38.70 -24.71 -24.44
C MET D 154 38.23 -23.46 -25.18
N SER D 155 37.52 -23.62 -26.30
CA SER D 155 37.03 -22.43 -26.98
C SER D 155 36.03 -21.72 -26.10
N PHE D 156 35.20 -22.47 -25.38
CA PHE D 156 34.26 -21.86 -24.46
C PHE D 156 34.97 -20.99 -23.43
N THR D 157 36.10 -21.48 -22.87
CA THR D 157 36.82 -20.64 -21.91
C THR D 157 37.40 -19.39 -22.57
N SER D 158 37.71 -19.44 -23.86
CA SER D 158 38.19 -18.21 -24.47
C SER D 158 37.06 -17.21 -24.72
N HIS D 159 35.80 -17.66 -24.67
CA HIS D 159 34.66 -16.75 -24.65
C HIS D 159 34.40 -16.23 -23.25
N ILE D 160 34.53 -17.08 -22.24
CA ILE D 160 34.44 -16.61 -20.87
C ILE D 160 35.50 -15.54 -20.62
N ASP D 161 36.68 -15.71 -21.23
CA ASP D 161 37.71 -14.69 -21.12
C ASP D 161 37.28 -13.38 -21.76
N GLU D 162 36.64 -13.45 -22.92
CA GLU D 162 36.15 -12.21 -23.54
C GLU D 162 35.11 -11.54 -22.67
N LEU D 163 34.15 -12.31 -22.15
CA LEU D 163 33.13 -11.74 -21.28
C LEU D 163 33.75 -11.14 -20.03
N TYR D 164 34.68 -11.85 -19.41
CA TYR D 164 35.40 -11.31 -18.26
C TYR D 164 36.07 -9.98 -18.61
N GLU D 165 36.81 -9.95 -19.73
CA GLU D 165 37.54 -8.75 -20.14
C GLU D 165 36.64 -7.62 -20.58
N SER D 166 35.39 -7.92 -20.96
CA SER D 166 34.50 -6.84 -21.32
C SER D 166 33.86 -6.22 -20.09
N ALA D 167 33.48 -7.03 -19.08
CA ALA D 167 32.98 -6.43 -17.84
C ALA D 167 34.08 -5.74 -17.06
N LYS D 168 35.34 -6.15 -17.25
CA LYS D 168 36.42 -5.56 -16.48
C LYS D 168 36.60 -4.09 -16.79
N LYS D 169 35.89 -3.56 -17.79
CA LYS D 169 35.92 -2.14 -18.10
C LYS D 169 34.66 -1.42 -17.65
N GLN D 170 33.89 -2.06 -16.76
CA GLN D 170 32.76 -1.44 -16.07
C GLN D 170 33.25 -0.96 -14.70
N SER D 171 33.83 0.24 -14.68
CA SER D 171 34.51 0.76 -13.50
C SER D 171 33.59 1.42 -12.48
N GLY D 172 32.30 1.57 -12.78
CA GLY D 172 31.38 2.23 -11.88
C GLY D 172 30.98 1.40 -10.67
N GLY D 173 30.17 2.01 -9.81
CA GLY D 173 29.61 1.35 -8.65
C GLY D 173 30.30 1.76 -7.37
N LYS D 174 29.71 1.32 -6.24
CA LYS D 174 30.17 1.68 -4.89
C LYS D 174 30.34 0.45 -4.03
N VAL D 175 31.50 0.33 -3.40
CA VAL D 175 31.76 -0.77 -2.48
C VAL D 175 31.00 -0.53 -1.19
N ALA D 176 30.25 -1.53 -0.73
CA ALA D 176 29.50 -1.39 0.51
C ALA D 176 30.43 -1.07 1.67
N ASP D 177 30.12 0.01 2.39
CA ASP D 177 31.01 0.51 3.44
C ASP D 177 30.36 0.49 4.82
N TYR D 178 29.19 -0.16 4.96
CA TYR D 178 28.47 -0.09 6.22
C TYR D 178 29.21 -0.79 7.35
N ILE D 179 30.10 -1.73 7.03
CA ILE D 179 31.03 -2.29 8.01
C ILE D 179 32.43 -2.00 7.50
N PRO D 180 33.41 -1.80 8.39
CA PRO D 180 34.79 -1.57 7.93
C PRO D 180 35.43 -2.75 7.21
N GLN D 181 34.81 -3.94 7.22
CA GLN D 181 35.39 -5.13 6.60
C GLN D 181 35.06 -5.24 5.13
N LEU D 182 33.85 -4.84 4.72
CA LEU D 182 33.55 -4.80 3.29
C LEU D 182 34.11 -3.54 2.64
N ALA D 183 34.35 -2.49 3.41
CA ALA D 183 34.95 -1.28 2.85
C ALA D 183 36.42 -1.47 2.48
N LYS D 184 37.13 -2.39 3.15
CA LYS D 184 38.54 -2.60 2.84
C LYS D 184 38.79 -3.36 1.56
N PHE D 185 37.76 -3.84 0.86
CA PHE D 185 38.00 -4.62 -0.35
C PHE D 185 38.15 -3.65 -1.51
N SER D 186 39.17 -3.91 -2.34
CA SER D 186 39.48 -2.98 -3.41
C SER D 186 38.42 -3.03 -4.50
N PRO D 187 38.07 -1.88 -5.10
CA PRO D 187 37.07 -1.89 -6.18
C PRO D 187 37.55 -2.56 -7.46
N ASP D 188 38.85 -2.80 -7.61
CA ASP D 188 39.40 -3.39 -8.83
C ASP D 188 39.53 -4.91 -8.76
N LEU D 189 38.96 -5.55 -7.75
CA LEU D 189 38.90 -7.01 -7.69
C LEU D 189 37.75 -7.52 -8.56
N TRP D 190 38.00 -8.57 -9.32
CA TRP D 190 37.00 -9.06 -10.25
C TRP D 190 37.39 -10.46 -10.68
N GLY D 191 36.52 -11.42 -10.44
CA GLY D 191 36.82 -12.79 -10.80
C GLY D 191 35.59 -13.52 -11.27
N VAL D 192 35.80 -14.41 -12.24
CA VAL D 192 34.74 -15.26 -12.73
C VAL D 192 35.29 -16.67 -12.72
N SER D 193 34.54 -17.56 -12.10
CA SER D 193 34.95 -18.95 -12.03
C SER D 193 33.81 -19.82 -12.53
N VAL D 194 34.17 -20.83 -13.31
CA VAL D 194 33.21 -21.73 -13.93
C VAL D 194 33.49 -23.15 -13.45
N CYS D 195 32.42 -23.88 -13.14
CA CYS D 195 32.47 -25.33 -12.92
C CYS D 195 31.22 -25.93 -13.54
N THR D 196 31.39 -26.82 -14.52
CA THR D 196 30.23 -27.41 -15.19
C THR D 196 29.66 -28.59 -14.39
N ALA D 197 28.55 -29.13 -14.90
CA ALA D 197 27.95 -30.29 -14.28
C ALA D 197 28.84 -31.54 -14.40
N ASP D 198 29.88 -31.49 -15.24
CA ASP D 198 30.81 -32.62 -15.39
C ASP D 198 32.16 -32.37 -14.74
N GLY D 199 32.37 -31.18 -14.17
CA GLY D 199 33.61 -30.91 -13.47
C GLY D 199 34.66 -30.18 -14.27
N GLN D 200 34.37 -29.80 -15.52
CA GLN D 200 35.31 -28.96 -16.25
C GLN D 200 35.40 -27.61 -15.56
N ARG D 201 36.60 -27.09 -15.38
CA ARG D 201 36.76 -25.86 -14.60
C ARG D 201 37.49 -24.80 -15.40
N HIS D 202 37.07 -23.57 -15.19
CA HIS D 202 37.81 -22.41 -15.66
C HIS D 202 37.59 -21.23 -14.73
N SER D 203 38.68 -20.50 -14.48
CA SER D 203 38.65 -19.29 -13.68
C SER D 203 39.47 -18.24 -14.40
N THR D 204 39.15 -16.98 -14.12
CA THR D 204 39.78 -15.83 -14.75
C THR D 204 39.67 -14.70 -13.73
N GLY D 205 40.77 -13.99 -13.50
CA GLY D 205 40.81 -12.97 -12.48
C GLY D 205 41.19 -13.45 -11.09
N ASP D 206 40.74 -12.68 -10.10
CA ASP D 206 41.07 -12.90 -8.70
C ASP D 206 40.07 -13.89 -8.08
N THR D 207 40.27 -15.15 -8.45
CA THR D 207 39.31 -16.20 -8.15
C THR D 207 39.66 -17.03 -6.92
N LYS D 208 40.80 -16.75 -6.29
CA LYS D 208 41.20 -17.41 -5.05
C LYS D 208 41.27 -16.45 -3.86
N VAL D 209 40.70 -15.25 -3.99
CA VAL D 209 40.66 -14.28 -2.89
C VAL D 209 39.41 -14.57 -2.07
N PRO D 210 39.54 -14.88 -0.78
CA PRO D 210 38.34 -15.12 0.02
C PRO D 210 37.52 -13.85 0.23
N PHE D 211 36.21 -14.06 0.36
CA PHE D 211 35.24 -13.00 0.66
C PHE D 211 33.99 -13.67 1.22
N CYS D 212 33.13 -12.89 1.85
CA CYS D 212 32.00 -13.51 2.52
C CYS D 212 30.84 -13.69 1.56
N LEU D 213 29.99 -14.64 1.88
CA LEU D 213 28.84 -14.88 1.02
C LEU D 213 27.86 -13.77 1.20
N GLN D 214 27.82 -13.21 2.41
CA GLN D 214 26.77 -12.30 2.82
C GLN D 214 25.45 -12.94 2.43
N SER D 215 24.70 -12.27 1.55
CA SER D 215 23.36 -12.67 1.19
C SER D 215 23.31 -13.77 0.13
N CYS D 216 24.44 -14.13 -0.49
CA CYS D 216 24.51 -15.32 -1.33
C CYS D 216 24.28 -16.60 -0.54
N VAL D 217 24.30 -16.52 0.79
CA VAL D 217 24.12 -17.71 1.61
C VAL D 217 22.66 -18.16 1.72
N LYS D 218 21.70 -17.27 1.41
CA LYS D 218 20.31 -17.58 1.70
C LYS D 218 19.84 -18.83 0.98
N PRO D 219 20.08 -19.02 -0.33
CA PRO D 219 19.61 -20.28 -0.95
C PRO D 219 20.33 -21.48 -0.39
N LEU D 220 21.64 -21.35 -0.14
CA LEU D 220 22.40 -22.48 0.37
C LEU D 220 21.78 -23.01 1.65
N LYS D 221 21.42 -22.11 2.57
CA LYS D 221 20.80 -22.58 3.80
C LYS D 221 19.33 -23.00 3.58
N TYR D 222 18.61 -22.32 2.68
CA TYR D 222 17.28 -22.79 2.28
C TYR D 222 17.36 -24.20 1.72
N ALA D 223 18.32 -24.44 0.85
CA ALA D 223 18.45 -25.79 0.31
C ALA D 223 18.60 -26.78 1.44
N ILE D 224 19.45 -26.46 2.43
CA ILE D 224 19.69 -27.36 3.54
C ILE D 224 18.42 -27.55 4.36
N ALA D 225 17.68 -26.46 4.56
CA ALA D 225 16.49 -26.56 5.40
C ALA D 225 15.47 -27.51 4.78
N VAL D 226 15.17 -27.30 3.48
CA VAL D 226 14.23 -28.15 2.75
C VAL D 226 14.80 -29.55 2.56
N ASN D 227 16.11 -29.65 2.32
CA ASN D 227 16.75 -30.96 2.26
C ASN D 227 16.50 -31.78 3.54
N ASP D 228 16.49 -31.12 4.71
CA ASP D 228 16.41 -31.86 5.97
C ASP D 228 14.99 -32.02 6.48
N LEU D 229 14.06 -31.14 6.09
CA LEU D 229 12.75 -31.07 6.71
C LEU D 229 11.61 -31.21 5.72
N GLY D 230 11.83 -30.90 4.45
CA GLY D 230 10.80 -31.00 3.43
C GLY D 230 10.17 -29.65 3.10
N THR D 231 9.68 -29.54 1.86
CA THR D 231 9.07 -28.30 1.38
C THR D 231 7.91 -27.89 2.27
N GLU D 232 7.06 -28.84 2.66
CA GLU D 232 5.82 -28.50 3.36
C GLU D 232 6.12 -27.90 4.73
N TYR D 233 7.07 -28.48 5.48
CA TYR D 233 7.41 -27.90 6.77
C TYR D 233 8.05 -26.53 6.62
N VAL D 234 9.11 -26.44 5.81
CA VAL D 234 9.85 -25.18 5.68
C VAL D 234 8.90 -24.06 5.28
N HIS D 235 7.96 -24.35 4.39
CA HIS D 235 7.09 -23.29 3.89
C HIS D 235 5.86 -23.07 4.78
N ARG D 236 5.83 -23.62 5.99
CA ARG D 236 4.92 -23.08 6.99
C ARG D 236 5.41 -21.77 7.57
N TYR D 237 6.67 -21.44 7.37
CA TYR D 237 7.28 -20.28 8.00
C TYR D 237 7.71 -19.22 7.02
N VAL D 238 7.81 -19.55 5.73
CA VAL D 238 8.34 -18.66 4.71
C VAL D 238 7.53 -18.84 3.44
N GLY D 239 7.21 -17.73 2.78
CA GLY D 239 6.45 -17.79 1.55
C GLY D 239 7.30 -18.33 0.41
N LYS D 240 6.69 -18.32 -0.81
CA LYS D 240 7.36 -18.82 -2.00
C LYS D 240 7.30 -17.85 -3.18
N GLU D 241 6.94 -16.60 -2.94
CA GLU D 241 6.77 -15.63 -4.02
C GLU D 241 7.57 -14.37 -3.74
N PRO D 242 7.76 -13.52 -4.75
CA PRO D 242 8.34 -12.21 -4.48
C PRO D 242 7.27 -11.19 -4.10
N SER D 243 7.69 -10.26 -3.25
CA SER D 243 6.84 -9.23 -2.68
C SER D 243 6.14 -8.38 -3.75
N GLY D 244 6.92 -7.67 -4.58
CA GLY D 244 6.44 -6.54 -5.37
C GLY D 244 7.34 -5.31 -5.17
N LEU D 245 7.74 -4.63 -6.24
CA LEU D 245 8.93 -3.76 -6.25
C LEU D 245 8.86 -2.47 -5.39
N ARG D 246 7.78 -2.12 -4.69
CA ARG D 246 7.89 -1.11 -3.64
C ARG D 246 7.58 -1.77 -2.30
N PHE D 247 7.71 -3.11 -2.24
CA PHE D 247 7.50 -3.88 -1.01
C PHE D 247 8.79 -4.53 -0.53
N ASN D 248 9.92 -3.94 -0.91
CA ASN D 248 11.20 -4.22 -0.28
C ASN D 248 11.21 -3.75 1.18
N LYS D 249 10.15 -3.09 1.61
CA LYS D 249 10.07 -2.49 2.92
C LYS D 249 9.22 -3.28 3.90
N LEU D 250 8.42 -4.22 3.43
CA LEU D 250 7.63 -5.01 4.37
C LEU D 250 8.38 -6.30 4.78
N PHE D 251 7.98 -6.83 5.94
CA PHE D 251 8.54 -8.07 6.48
C PHE D 251 7.68 -9.28 6.20
N LEU D 252 6.36 -9.12 6.27
CA LEU D 252 5.45 -10.25 6.23
C LEU D 252 4.54 -10.10 5.02
N ASN D 253 4.15 -11.23 4.45
CA ASN D 253 3.10 -11.26 3.45
C ASN D 253 1.74 -11.32 4.16
N GLU D 254 0.63 -11.62 3.45
CA GLU D 254 -0.65 -11.60 4.15
C GLU D 254 -0.90 -12.78 5.06
N ASP D 255 -0.11 -13.84 4.95
CA ASP D 255 -0.30 -14.96 5.84
C ASP D 255 0.66 -14.91 7.01
N ASP D 256 1.20 -13.73 7.30
CA ASP D 256 2.13 -13.49 8.40
C ASP D 256 3.42 -14.26 8.22
N LYS D 257 3.63 -14.77 7.01
CA LYS D 257 4.89 -15.40 6.67
C LYS D 257 5.73 -14.42 5.87
N PRO D 258 7.04 -14.41 6.11
CA PRO D 258 7.93 -13.65 5.22
C PRO D 258 7.74 -14.15 3.81
N HIS D 259 8.07 -13.30 2.84
CA HIS D 259 7.58 -13.58 1.49
C HIS D 259 8.29 -14.77 0.85
N ASN D 260 9.56 -14.98 1.16
CA ASN D 260 10.34 -16.01 0.47
C ASN D 260 11.72 -16.11 1.14
N PRO D 261 12.43 -17.23 0.95
CA PRO D 261 13.71 -17.44 1.65
C PRO D 261 14.83 -16.50 1.23
N MET D 262 14.63 -15.69 0.19
CA MET D 262 15.72 -14.88 -0.35
C MET D 262 15.75 -13.46 0.20
N VAL D 263 14.82 -13.10 1.07
CA VAL D 263 14.88 -11.80 1.74
C VAL D 263 15.17 -11.97 3.23
N ASN D 264 15.73 -10.91 3.82
CA ASN D 264 16.25 -10.97 5.20
C ASN D 264 15.20 -11.50 6.17
N ALA D 265 13.94 -11.11 5.99
CA ALA D 265 12.91 -11.61 6.89
C ALA D 265 12.77 -13.13 6.76
N GLY D 266 12.60 -13.64 5.53
CA GLY D 266 12.47 -15.08 5.34
C GLY D 266 13.75 -15.84 5.64
N ALA D 267 14.90 -15.24 5.31
CA ALA D 267 16.18 -15.84 5.64
C ALA D 267 16.28 -16.10 7.13
N ILE D 268 16.05 -15.06 7.94
CA ILE D 268 16.08 -15.17 9.38
C ILE D 268 15.15 -16.27 9.84
N VAL D 269 13.98 -16.39 9.22
CA VAL D 269 13.09 -17.46 9.63
C VAL D 269 13.64 -18.82 9.21
N VAL D 270 14.23 -18.93 8.00
CA VAL D 270 14.79 -20.22 7.59
C VAL D 270 15.91 -20.62 8.52
N THR D 271 16.79 -19.66 8.83
CA THR D 271 17.79 -19.84 9.87
C THR D 271 17.22 -20.45 11.15
N SER D 272 15.99 -20.12 11.53
CA SER D 272 15.39 -20.69 12.74
C SER D 272 15.05 -22.18 12.64
N LEU D 273 15.05 -22.79 11.45
CA LEU D 273 14.56 -24.16 11.28
C LEU D 273 15.67 -25.22 11.28
N ILE D 274 16.89 -24.83 10.90
CA ILE D 274 17.98 -25.76 10.68
C ILE D 274 18.51 -26.27 12.02
N LYS D 275 18.50 -27.59 12.19
CA LYS D 275 19.16 -28.27 13.31
C LYS D 275 18.66 -27.76 14.66
N GLN D 276 17.33 -27.69 14.77
CA GLN D 276 16.73 -27.25 16.02
C GLN D 276 17.12 -28.19 17.16
N GLY D 277 17.19 -27.63 18.37
CA GLY D 277 17.42 -28.40 19.56
C GLY D 277 18.87 -28.63 19.96
N VAL D 278 19.83 -28.27 19.11
CA VAL D 278 21.23 -28.20 19.50
C VAL D 278 21.64 -26.73 19.59
N ASN D 279 22.79 -26.49 20.22
CA ASN D 279 23.28 -25.12 20.42
C ASN D 279 23.78 -24.51 19.10
N ASN D 280 24.11 -23.21 19.18
CA ASN D 280 24.58 -22.47 18.00
C ASN D 280 25.94 -22.93 17.51
N ALA D 281 26.81 -23.43 18.36
CA ALA D 281 28.09 -23.94 17.86
C ALA D 281 27.87 -25.20 17.02
N GLU D 282 27.05 -26.14 17.53
CA GLU D 282 26.80 -27.38 16.78
C GLU D 282 26.05 -27.10 15.49
N LYS D 283 25.05 -26.21 15.56
CA LYS D 283 24.26 -25.82 14.39
C LYS D 283 25.15 -25.26 13.28
N PHE D 284 26.03 -24.33 13.63
CA PHE D 284 26.97 -23.80 12.64
C PHE D 284 27.86 -24.89 12.05
N ASP D 285 28.44 -25.75 12.92
CA ASP D 285 29.27 -26.86 12.46
C ASP D 285 28.58 -27.67 11.37
N TYR D 286 27.31 -27.99 11.60
CA TYR D 286 26.56 -28.81 10.65
C TYR D 286 26.44 -28.10 9.30
N VAL D 287 26.19 -26.79 9.31
CA VAL D 287 26.09 -26.04 8.06
C VAL D 287 27.45 -25.98 7.36
N MET D 288 28.54 -25.90 8.14
CA MET D 288 29.86 -25.94 7.52
C MET D 288 30.13 -27.31 6.91
N GLN D 289 29.80 -28.39 7.62
CA GLN D 289 29.93 -29.72 7.02
C GLN D 289 29.11 -29.82 5.74
N PHE D 290 27.92 -29.21 5.73
CA PHE D 290 27.06 -29.22 4.56
C PHE D 290 27.66 -28.41 3.43
N LEU D 291 28.08 -27.17 3.71
CA LEU D 291 28.71 -26.41 2.65
C LEU D 291 30.01 -27.06 2.20
N ASN D 292 30.61 -27.92 3.02
CA ASN D 292 31.82 -28.61 2.61
C ASN D 292 31.56 -29.62 1.49
N LYS D 293 30.49 -30.43 1.61
CA LYS D 293 30.25 -31.39 0.55
C LYS D 293 29.85 -30.68 -0.75
N MET D 294 29.13 -29.56 -0.64
CA MET D 294 28.63 -28.82 -1.80
C MET D 294 29.76 -28.20 -2.60
N ALA D 295 30.83 -27.77 -1.95
CA ALA D 295 31.98 -27.25 -2.66
C ALA D 295 33.05 -28.32 -2.87
N GLY D 296 32.70 -29.59 -2.67
CA GLY D 296 33.65 -30.67 -2.92
C GLY D 296 34.94 -30.49 -2.15
N ASN D 297 34.83 -29.92 -0.94
CA ASN D 297 35.94 -29.71 -0.01
C ASN D 297 36.93 -28.65 -0.51
N GLU D 298 36.46 -27.78 -1.42
CA GLU D 298 37.25 -26.60 -1.71
C GLU D 298 36.99 -25.58 -0.60
N TYR D 299 37.56 -24.37 -0.76
CA TYR D 299 37.70 -23.44 0.36
C TYR D 299 36.36 -22.88 0.84
N VAL D 300 35.99 -23.18 2.08
CA VAL D 300 34.93 -22.45 2.77
C VAL D 300 35.53 -22.00 4.09
N GLY D 301 35.50 -20.69 4.34
CA GLY D 301 36.10 -20.16 5.54
C GLY D 301 35.16 -19.30 6.35
N PHE D 302 35.70 -18.41 7.17
CA PHE D 302 34.84 -17.60 8.04
C PHE D 302 35.59 -16.38 8.50
N SER D 303 34.96 -15.22 8.39
CA SER D 303 35.55 -13.98 8.86
C SER D 303 34.84 -13.62 10.15
N ASN D 304 35.54 -13.80 11.26
CA ASN D 304 35.02 -13.34 12.54
C ASN D 304 34.90 -11.82 12.53
N ALA D 305 35.82 -11.15 11.82
CA ALA D 305 35.79 -9.70 11.72
C ALA D 305 34.47 -9.21 11.16
N THR D 306 34.09 -9.69 9.95
CA THR D 306 32.81 -9.23 9.44
C THR D 306 31.67 -9.73 10.31
N PHE D 307 31.89 -10.81 11.06
CA PHE D 307 30.84 -11.25 11.97
C PHE D 307 30.58 -10.19 13.04
N GLN D 308 31.66 -9.72 13.71
CA GLN D 308 31.51 -8.76 14.81
C GLN D 308 30.87 -7.45 14.36
N SER D 309 31.23 -6.96 13.17
CA SER D 309 30.61 -5.73 12.70
C SER D 309 29.18 -5.97 12.24
N GLU D 310 28.84 -7.20 11.85
CA GLU D 310 27.45 -7.51 11.50
C GLU D 310 26.56 -7.57 12.74
N ARG D 311 27.08 -8.00 13.88
CA ARG D 311 26.25 -8.08 15.06
C ARG D 311 26.08 -6.71 15.72
N GLU D 312 27.09 -5.85 15.61
CA GLU D 312 27.00 -4.54 16.23
C GLU D 312 26.19 -3.56 15.40
N SER D 313 25.95 -3.89 14.13
CA SER D 313 25.30 -2.99 13.18
C SER D 313 23.96 -3.53 12.68
N GLY D 314 23.49 -4.65 13.20
CA GLY D 314 22.31 -5.27 12.62
C GLY D 314 21.01 -4.79 13.22
N ASP D 315 20.85 -3.46 13.35
CA ASP D 315 19.63 -2.89 13.91
C ASP D 315 18.39 -3.32 13.11
N ARG D 316 18.47 -3.33 11.76
CA ARG D 316 17.29 -3.72 11.00
C ARG D 316 16.95 -5.18 11.21
N ASN D 317 17.97 -6.02 11.42
CA ASN D 317 17.72 -7.44 11.63
C ASN D 317 17.17 -7.70 13.03
N PHE D 318 17.71 -7.01 14.04
CA PHE D 318 17.03 -7.05 15.34
C PHE D 318 15.60 -6.53 15.19
N ALA D 319 15.43 -5.40 14.47
CA ALA D 319 14.09 -4.92 14.15
C ALA D 319 13.24 -6.05 13.55
N ILE D 320 13.79 -6.76 12.55
CA ILE D 320 13.03 -7.85 11.95
C ILE D 320 12.82 -8.98 12.96
N GLY D 321 13.83 -9.25 13.80
CA GLY D 321 13.71 -10.37 14.71
C GLY D 321 12.57 -10.17 15.69
N TYR D 322 12.49 -8.98 16.28
CA TYR D 322 11.42 -8.73 17.21
C TYR D 322 10.06 -8.76 16.50
N TYR D 323 9.93 -8.11 15.33
CA TYR D 323 8.67 -8.17 14.62
C TYR D 323 8.22 -9.61 14.39
N LEU D 324 9.16 -10.49 13.99
CA LEU D 324 8.82 -11.89 13.75
C LEU D 324 8.39 -12.58 15.03
N LYS D 325 9.08 -12.28 16.14
CA LYS D 325 8.73 -12.86 17.43
C LYS D 325 7.34 -12.42 17.89
N GLU D 326 7.02 -11.13 17.74
CA GLU D 326 5.70 -10.66 18.15
C GLU D 326 4.61 -11.36 17.33
N LYS D 327 4.83 -11.52 16.04
CA LYS D 327 3.81 -12.13 15.20
C LYS D 327 3.91 -13.64 15.17
N LYS D 328 4.77 -14.23 16.03
CA LYS D 328 4.88 -15.67 16.24
C LYS D 328 5.14 -16.44 14.93
N CYS D 329 6.23 -16.06 14.25
CA CYS D 329 6.65 -16.65 13.00
C CYS D 329 7.83 -17.60 13.10
N PHE D 330 8.41 -17.77 14.28
CA PHE D 330 9.46 -18.75 14.51
C PHE D 330 8.87 -20.04 15.04
N PRO D 331 9.57 -21.16 14.91
CA PRO D 331 9.06 -22.41 15.49
C PRO D 331 9.17 -22.40 17.01
N GLU D 332 8.34 -23.24 17.62
CA GLU D 332 8.20 -23.24 19.06
C GLU D 332 9.57 -23.39 19.73
N GLY D 333 9.74 -22.76 20.88
CA GLY D 333 10.99 -22.89 21.60
C GLY D 333 12.16 -22.22 20.93
N THR D 334 11.92 -21.29 20.02
CA THR D 334 13.00 -20.55 19.38
C THR D 334 13.58 -19.54 20.36
N ASP D 335 14.91 -19.47 20.41
CA ASP D 335 15.55 -18.33 21.05
C ASP D 335 15.81 -17.29 19.97
N MET D 336 15.00 -16.25 19.95
CA MET D 336 15.07 -15.27 18.88
C MET D 336 16.47 -14.65 18.75
N VAL D 337 17.03 -14.16 19.86
CA VAL D 337 18.28 -13.42 19.76
C VAL D 337 19.45 -14.33 19.35
N GLY D 338 19.41 -15.61 19.74
CA GLY D 338 20.41 -16.52 19.26
C GLY D 338 20.32 -16.75 17.76
N ILE D 339 19.09 -16.82 17.25
CA ILE D 339 18.90 -16.99 15.81
C ILE D 339 19.54 -15.84 15.04
N LEU D 340 19.47 -14.61 15.57
CA LEU D 340 20.08 -13.51 14.84
C LEU D 340 21.60 -13.62 14.86
N ASP D 341 22.16 -14.16 15.96
CA ASP D 341 23.60 -14.39 16.07
C ASP D 341 24.05 -15.48 15.11
N PHE D 342 23.30 -16.59 15.03
CA PHE D 342 23.57 -17.59 14.00
C PHE D 342 23.49 -16.99 12.61
N TYR D 343 22.51 -16.09 12.36
CA TYR D 343 22.35 -15.49 11.04
C TYR D 343 23.58 -14.65 10.68
N PHE D 344 23.99 -13.75 11.57
CA PHE D 344 25.20 -12.98 11.32
C PHE D 344 26.41 -13.89 11.08
N GLN D 345 26.43 -15.07 11.69
CA GLN D 345 27.52 -15.98 11.42
C GLN D 345 27.43 -16.50 10.00
N LEU D 346 26.25 -17.01 9.60
CA LEU D 346 26.12 -17.61 8.28
C LEU D 346 26.50 -16.64 7.18
N CYS D 347 26.34 -15.32 7.40
CA CYS D 347 26.69 -14.38 6.34
C CYS D 347 28.18 -14.06 6.32
N SER D 348 28.93 -14.53 7.29
CA SER D 348 30.36 -14.29 7.31
C SER D 348 31.13 -15.59 7.15
N ILE D 349 30.49 -16.57 6.51
CA ILE D 349 31.18 -17.69 5.87
C ILE D 349 31.91 -17.19 4.64
N GLU D 350 33.16 -17.61 4.46
CA GLU D 350 33.97 -17.14 3.35
C GLU D 350 34.13 -18.21 2.29
N VAL D 351 34.17 -17.74 1.04
CA VAL D 351 34.44 -18.54 -0.15
C VAL D 351 35.46 -17.79 -1.01
N THR D 352 35.92 -18.44 -2.07
CA THR D 352 36.59 -17.79 -3.19
C THR D 352 35.70 -17.89 -4.42
N CYS D 353 36.17 -17.43 -5.58
CA CYS D 353 35.32 -17.62 -6.74
C CYS D 353 35.31 -19.08 -7.12
N GLU D 354 36.44 -19.78 -6.96
CA GLU D 354 36.49 -21.16 -7.39
C GLU D 354 35.66 -22.01 -6.46
N SER D 355 35.94 -21.93 -5.18
CA SER D 355 35.22 -22.75 -4.23
C SER D 355 33.71 -22.59 -4.40
N ALA D 356 33.23 -21.36 -4.49
CA ALA D 356 31.78 -21.17 -4.50
C ALA D 356 31.12 -21.60 -5.81
N SER D 357 31.84 -21.50 -6.92
CA SER D 357 31.27 -21.95 -8.19
C SER D 357 30.93 -23.44 -8.16
N VAL D 358 31.64 -24.23 -7.35
CA VAL D 358 31.32 -25.64 -7.23
C VAL D 358 29.98 -25.84 -6.52
N MET D 359 29.70 -25.02 -5.51
CA MET D 359 28.41 -25.07 -4.86
C MET D 359 27.33 -24.80 -5.88
N ALA D 360 27.57 -23.82 -6.76
CA ALA D 360 26.63 -23.45 -7.82
C ALA D 360 26.43 -24.58 -8.81
N ALA D 361 27.50 -25.33 -9.10
CA ALA D 361 27.35 -26.51 -9.94
C ALA D 361 26.61 -27.63 -9.22
N THR D 362 26.69 -27.67 -7.90
CA THR D 362 25.91 -28.67 -7.15
C THR D 362 24.42 -28.45 -7.36
N LEU D 363 24.01 -27.18 -7.45
CA LEU D 363 22.62 -26.84 -7.75
C LEU D 363 22.30 -27.02 -9.23
N ALA D 364 23.28 -26.77 -10.11
CA ALA D 364 23.13 -27.08 -11.54
C ALA D 364 22.98 -28.57 -11.82
N ASN D 365 23.30 -29.44 -10.86
CA ASN D 365 23.37 -30.88 -11.14
C ASN D 365 22.39 -31.73 -10.32
N GLY D 366 21.20 -31.23 -10.01
CA GLY D 366 20.23 -32.03 -9.29
C GLY D 366 20.61 -32.37 -7.88
N GLY D 367 21.63 -31.72 -7.32
CA GLY D 367 22.06 -31.98 -5.97
C GLY D 367 23.29 -32.87 -5.84
N PHE D 368 23.92 -33.23 -6.94
CA PHE D 368 25.14 -34.02 -6.90
C PHE D 368 26.33 -33.11 -7.18
N CYS D 369 27.27 -33.07 -6.22
CA CYS D 369 28.56 -32.40 -6.37
C CYS D 369 29.32 -32.87 -7.62
N PRO D 370 29.63 -31.97 -8.57
CA PRO D 370 30.31 -32.39 -9.80
C PRO D 370 31.72 -32.89 -9.62
N ILE D 371 32.45 -32.52 -8.56
CA ILE D 371 33.82 -32.98 -8.46
C ILE D 371 33.98 -34.09 -7.44
N THR D 372 32.90 -34.53 -6.80
CA THR D 372 32.99 -35.69 -5.95
C THR D 372 31.94 -36.76 -6.25
N GLY D 373 30.82 -36.42 -6.88
CA GLY D 373 29.80 -37.41 -7.16
C GLY D 373 28.92 -37.78 -5.99
N GLU D 374 29.08 -37.12 -4.86
CA GLU D 374 28.21 -37.40 -3.74
C GLU D 374 26.87 -36.68 -3.92
N ARG D 375 25.79 -37.37 -3.52
CA ARG D 375 24.51 -36.70 -3.39
C ARG D 375 24.53 -35.84 -2.13
N VAL D 376 24.43 -34.53 -2.32
CA VAL D 376 24.49 -33.56 -1.25
C VAL D 376 23.13 -32.94 -0.94
N LEU D 377 22.26 -32.79 -1.95
CA LEU D 377 20.94 -32.21 -1.80
C LEU D 377 19.92 -33.08 -2.51
N SER D 378 18.71 -33.22 -1.90
CA SER D 378 17.60 -33.93 -2.54
C SER D 378 17.05 -33.07 -3.66
N PRO D 379 16.56 -33.69 -4.73
CA PRO D 379 16.15 -32.89 -5.91
C PRO D 379 15.05 -31.89 -5.59
N GLU D 380 14.20 -32.21 -4.60
CA GLU D 380 13.21 -31.26 -4.09
C GLU D 380 13.89 -30.00 -3.54
N ALA D 381 15.01 -30.17 -2.83
CA ALA D 381 15.71 -29.02 -2.27
C ALA D 381 16.28 -28.12 -3.36
N VAL D 382 16.79 -28.70 -4.44
CA VAL D 382 17.48 -27.88 -5.41
C VAL D 382 16.51 -27.20 -6.35
N ARG D 383 15.39 -27.86 -6.69
CA ARG D 383 14.42 -27.20 -7.57
C ARG D 383 13.82 -25.99 -6.86
N ASN D 384 13.37 -26.20 -5.61
CA ASN D 384 12.80 -25.09 -4.84
C ASN D 384 13.78 -23.93 -4.80
N THR D 385 15.02 -24.23 -4.47
CA THR D 385 16.02 -23.18 -4.40
C THR D 385 16.23 -22.53 -5.75
N LEU D 386 16.27 -23.34 -6.82
CA LEU D 386 16.45 -22.71 -8.12
C LEU D 386 15.19 -21.94 -8.53
N SER D 387 14.00 -22.42 -8.13
CA SER D 387 12.77 -21.67 -8.34
C SER D 387 12.83 -20.29 -7.70
N LEU D 388 13.22 -20.24 -6.41
CA LEU D 388 13.16 -19.00 -5.65
C LEU D 388 14.33 -18.09 -5.94
N MET D 389 15.45 -18.64 -6.43
CA MET D 389 16.51 -17.77 -6.90
C MET D 389 16.05 -17.02 -8.14
N HIS D 390 15.33 -17.71 -9.03
CA HIS D 390 14.79 -17.07 -10.24
C HIS D 390 13.93 -15.86 -9.89
N SER D 391 12.90 -16.07 -9.06
CA SER D 391 11.93 -15.03 -8.73
C SER D 391 12.55 -13.89 -7.91
N CYS D 392 13.25 -14.24 -6.82
CA CYS D 392 13.51 -13.36 -5.69
C CYS D 392 14.99 -13.12 -5.43
N GLY D 393 15.86 -13.35 -6.41
CA GLY D 393 17.26 -13.48 -6.04
C GLY D 393 18.10 -12.24 -6.12
N MET D 394 17.61 -11.16 -6.72
CA MET D 394 18.53 -10.07 -7.06
C MET D 394 18.00 -8.72 -6.59
N TYR D 395 17.41 -8.71 -5.39
CA TYR D 395 16.89 -7.50 -4.76
C TYR D 395 15.82 -6.89 -5.68
N ASP D 396 15.80 -5.58 -5.86
CA ASP D 396 14.78 -5.02 -6.73
C ASP D 396 15.08 -5.28 -8.20
N PHE D 397 16.26 -5.82 -8.51
CA PHE D 397 16.59 -6.19 -9.87
C PHE D 397 16.14 -7.58 -10.24
N SER D 398 15.44 -8.29 -9.35
CA SER D 398 15.05 -9.67 -9.66
C SER D 398 14.19 -9.74 -10.93
N GLY D 399 13.17 -8.88 -11.01
CA GLY D 399 12.26 -8.91 -12.16
C GLY D 399 12.98 -8.63 -13.46
N GLN D 400 13.80 -7.57 -13.47
CA GLN D 400 14.58 -7.22 -14.66
C GLN D 400 15.59 -8.30 -14.95
N PHE D 401 16.20 -8.86 -13.89
CA PHE D 401 17.19 -9.91 -14.09
C PHE D 401 16.55 -11.18 -14.62
N ALA D 402 15.37 -11.54 -14.12
CA ALA D 402 14.73 -12.76 -14.60
C ALA D 402 14.31 -12.60 -16.07
N PHE D 403 13.75 -11.45 -16.43
CA PHE D 403 13.38 -11.24 -17.82
C PHE D 403 14.61 -11.31 -18.74
N HIS D 404 15.60 -10.45 -18.51
CA HIS D 404 16.69 -10.34 -19.49
C HIS D 404 17.75 -11.46 -19.37
N VAL D 405 18.03 -11.99 -18.19
CA VAL D 405 19.06 -13.04 -18.07
C VAL D 405 18.43 -14.42 -17.90
N GLY D 406 17.34 -14.49 -17.15
CA GLY D 406 16.64 -15.75 -16.97
C GLY D 406 17.49 -16.88 -16.45
N LEU D 407 18.32 -16.63 -15.45
CA LEU D 407 19.10 -17.71 -14.85
C LEU D 407 18.92 -17.63 -13.34
N PRO D 408 18.73 -18.76 -12.65
CA PRO D 408 18.68 -18.72 -11.18
C PRO D 408 19.95 -18.09 -10.65
N ALA D 409 19.82 -17.08 -9.82
CA ALA D 409 21.03 -16.42 -9.41
C ALA D 409 20.82 -15.76 -8.05
N LYS D 410 21.91 -15.54 -7.32
CA LYS D 410 21.81 -14.83 -6.05
C LYS D 410 23.02 -13.96 -5.81
N SER D 411 22.78 -12.73 -5.38
CA SER D 411 23.86 -11.78 -5.12
C SER D 411 23.97 -11.47 -3.63
N GLY D 412 25.05 -10.76 -3.29
CA GLY D 412 25.32 -10.41 -1.92
C GLY D 412 26.02 -9.06 -1.84
N VAL D 413 25.98 -8.46 -0.66
CA VAL D 413 26.49 -7.11 -0.52
C VAL D 413 28.03 -7.07 -0.60
N ALA D 414 28.69 -8.21 -0.47
CA ALA D 414 30.14 -8.26 -0.69
C ALA D 414 30.53 -8.15 -2.18
N GLY D 415 29.56 -8.21 -3.10
CA GLY D 415 29.84 -8.18 -4.52
C GLY D 415 29.88 -9.55 -5.17
N GLY D 416 29.34 -10.59 -4.51
CA GLY D 416 29.31 -11.91 -5.08
C GLY D 416 28.05 -12.11 -5.87
N ILE D 417 28.11 -12.96 -6.90
CA ILE D 417 26.89 -13.40 -7.58
C ILE D 417 27.01 -14.90 -7.82
N LEU D 418 26.17 -15.67 -7.16
CA LEU D 418 26.13 -17.12 -7.31
C LEU D 418 25.15 -17.45 -8.42
N LEU D 419 25.65 -17.99 -9.53
CA LEU D 419 24.90 -18.17 -10.76
C LEU D 419 24.77 -19.63 -11.14
N VAL D 420 23.62 -20.02 -11.66
CA VAL D 420 23.40 -21.39 -12.10
C VAL D 420 22.81 -21.38 -13.51
N VAL D 421 23.37 -22.18 -14.40
CA VAL D 421 22.75 -22.47 -15.69
C VAL D 421 22.37 -23.94 -15.62
N PRO D 422 21.16 -24.29 -15.19
CA PRO D 422 20.85 -25.70 -14.88
C PRO D 422 21.18 -26.64 -16.03
N ASN D 423 21.68 -27.83 -15.67
CA ASN D 423 22.10 -28.88 -16.59
C ASN D 423 23.31 -28.49 -17.43
N VAL D 424 23.93 -27.34 -17.17
CA VAL D 424 25.20 -26.99 -17.80
C VAL D 424 26.26 -26.74 -16.77
N MET D 425 26.09 -25.69 -15.97
CA MET D 425 27.23 -25.21 -15.21
C MET D 425 26.77 -24.34 -14.05
N GLY D 426 27.68 -24.19 -13.09
CA GLY D 426 27.52 -23.29 -11.96
C GLY D 426 28.63 -22.25 -12.07
N MET D 427 28.48 -21.11 -11.39
CA MET D 427 29.40 -20.00 -11.57
C MET D 427 29.48 -19.21 -10.28
N MET D 428 30.54 -18.40 -10.16
CA MET D 428 30.56 -17.36 -9.13
C MET D 428 31.31 -16.15 -9.66
N CYS D 429 30.64 -15.02 -9.67
CA CYS D 429 31.27 -13.77 -10.08
C CYS D 429 31.55 -12.95 -8.83
N TRP D 430 32.66 -12.22 -8.84
CA TRP D 430 32.96 -11.43 -7.67
C TRP D 430 33.68 -10.16 -8.08
N SER D 431 33.00 -9.03 -7.84
CA SER D 431 33.56 -7.71 -7.92
C SER D 431 32.92 -6.92 -6.78
N PRO D 432 33.72 -6.23 -5.97
CA PRO D 432 33.19 -5.56 -4.77
C PRO D 432 32.21 -4.45 -5.09
N PRO D 433 32.48 -3.59 -6.09
CA PRO D 433 31.57 -2.44 -6.35
C PRO D 433 30.15 -2.87 -6.70
N LEU D 434 29.18 -2.34 -5.95
CA LEU D 434 27.76 -2.62 -6.18
C LEU D 434 27.11 -1.54 -7.04
N ASP D 435 25.99 -1.90 -7.68
CA ASP D 435 25.17 -0.91 -8.36
C ASP D 435 24.17 -0.35 -7.35
N LYS D 436 23.23 0.49 -7.82
CA LYS D 436 22.33 1.23 -6.93
C LYS D 436 21.28 0.34 -6.28
N MET D 437 21.17 -0.91 -6.68
CA MET D 437 20.26 -1.86 -6.05
C MET D 437 20.97 -2.91 -5.22
N GLY D 438 22.30 -2.85 -5.12
CA GLY D 438 23.04 -3.77 -4.29
C GLY D 438 23.71 -4.93 -5.01
N ASN D 439 23.70 -4.95 -6.34
CA ASN D 439 24.24 -6.02 -7.15
C ASN D 439 25.53 -5.59 -7.83
N SER D 440 26.53 -6.46 -7.81
CA SER D 440 27.84 -6.10 -8.32
C SER D 440 27.72 -5.66 -9.78
N VAL D 441 28.39 -4.57 -10.11
CA VAL D 441 28.27 -4.01 -11.45
C VAL D 441 28.74 -5.04 -12.47
N LYS D 442 30.02 -5.43 -12.40
CA LYS D 442 30.59 -6.34 -13.37
C LYS D 442 29.89 -7.70 -13.35
N GLY D 443 29.44 -8.13 -12.18
CA GLY D 443 28.68 -9.37 -12.10
C GLY D 443 27.45 -9.28 -12.95
N ILE D 444 26.70 -8.17 -12.81
CA ILE D 444 25.48 -8.01 -13.60
C ILE D 444 25.83 -7.82 -15.06
N HIS D 445 26.89 -7.06 -15.36
CA HIS D 445 27.28 -6.84 -16.76
C HIS D 445 27.75 -8.13 -17.41
N PHE D 446 28.45 -8.98 -16.65
CA PHE D 446 28.87 -10.28 -17.17
C PHE D 446 27.69 -11.16 -17.52
N CYS D 447 26.69 -11.23 -16.64
CA CYS D 447 25.57 -12.14 -16.84
C CYS D 447 24.67 -11.72 -17.98
N HIS D 448 24.64 -10.42 -18.28
CA HIS D 448 23.93 -10.00 -19.48
C HIS D 448 24.70 -10.46 -20.71
N ASP D 449 25.98 -10.09 -20.79
CA ASP D 449 26.80 -10.49 -21.93
C ASP D 449 26.76 -12.00 -22.12
N LEU D 450 26.81 -12.76 -21.01
CA LEU D 450 26.88 -14.21 -21.13
C LEU D 450 25.63 -14.77 -21.79
N VAL D 451 24.45 -14.36 -21.30
CA VAL D 451 23.20 -14.84 -21.89
C VAL D 451 22.97 -14.25 -23.28
N SER D 452 23.47 -13.04 -23.54
CA SER D 452 23.46 -12.55 -24.91
C SER D 452 24.16 -13.51 -25.87
N LEU D 453 25.21 -14.22 -25.41
CA LEU D 453 26.12 -15.01 -26.25
C LEU D 453 25.69 -16.46 -26.40
N CYS D 454 25.13 -17.05 -25.36
CA CYS D 454 24.87 -18.48 -25.37
C CYS D 454 23.39 -18.68 -25.14
N ASN D 455 22.84 -19.77 -25.65
CA ASN D 455 21.40 -19.98 -25.52
C ASN D 455 21.09 -20.46 -24.11
N PHE D 456 21.60 -19.72 -23.12
CA PHE D 456 21.50 -20.14 -21.75
C PHE D 456 20.30 -19.57 -21.01
N HIS D 457 19.68 -18.49 -21.51
CA HIS D 457 18.45 -17.93 -20.93
C HIS D 457 17.44 -19.04 -20.74
N ASN D 458 16.82 -19.07 -19.56
CA ASN D 458 15.94 -20.18 -19.18
C ASN D 458 14.91 -20.53 -20.24
N TYR D 459 14.49 -19.54 -21.01
CA TYR D 459 13.45 -19.72 -22.01
C TYR D 459 13.98 -19.51 -23.42
N ASP D 460 15.26 -19.79 -23.61
CA ASP D 460 15.75 -20.01 -24.95
C ASP D 460 15.22 -21.34 -25.47
N ASN D 461 15.27 -21.49 -26.79
CA ASN D 461 14.93 -22.74 -27.46
C ASN D 461 16.24 -23.43 -27.80
N LEU D 462 16.32 -24.72 -27.51
CA LEU D 462 17.57 -25.42 -27.75
C LEU D 462 17.78 -25.78 -29.21
N ARG D 463 16.76 -25.63 -30.05
CA ARG D 463 16.86 -25.96 -31.47
C ARG D 463 16.94 -24.72 -32.35
N HIS D 464 16.09 -23.73 -32.12
CA HIS D 464 16.11 -22.48 -32.88
C HIS D 464 16.41 -21.37 -31.90
N PHE D 465 17.60 -20.80 -31.99
CA PHE D 465 18.03 -19.76 -31.05
C PHE D 465 18.79 -18.67 -31.77
N ALA D 466 18.46 -18.43 -33.03
CA ALA D 466 18.93 -17.28 -33.79
C ALA D 466 20.46 -17.35 -33.87
N LYS D 467 21.16 -16.24 -33.67
CA LYS D 467 22.60 -16.17 -33.92
C LYS D 467 23.43 -16.43 -32.65
N LYS D 468 22.79 -16.94 -31.61
CA LYS D 468 23.49 -17.27 -30.37
C LYS D 468 24.33 -18.52 -30.52
N LEU D 469 25.28 -18.67 -29.60
CA LEU D 469 26.12 -19.85 -29.51
C LEU D 469 25.49 -20.87 -28.57
N ASP D 470 25.69 -22.16 -28.87
CA ASP D 470 25.31 -23.23 -27.94
C ASP D 470 26.55 -24.01 -27.61
N PRO D 471 27.09 -23.88 -26.40
CA PRO D 471 28.32 -24.60 -26.05
C PRO D 471 28.16 -26.10 -25.91
N ARG D 472 26.93 -26.60 -25.76
CA ARG D 472 26.73 -28.05 -25.63
C ARG D 472 26.74 -28.79 -26.97
N ARG D 473 26.93 -28.12 -28.09
CA ARG D 473 26.92 -28.78 -29.38
C ARG D 473 28.28 -28.59 -30.05
N GLU D 474 28.51 -29.35 -31.11
CA GLU D 474 29.83 -29.46 -31.70
C GLU D 474 30.05 -28.53 -32.89
N GLY D 475 29.30 -28.72 -33.97
CA GLY D 475 29.50 -27.92 -35.17
C GLY D 475 28.22 -27.46 -35.87
#